data_5X11
#
_entry.id   5X11
#
_cell.length_a   341.807
_cell.length_b   61.567
_cell.length_c   120.553
_cell.angle_alpha   90.00
_cell.angle_beta   107.94
_cell.angle_gamma   90.00
#
_symmetry.space_group_name_H-M   'C 1 2 1'
#
loop_
_entity.id
_entity.type
_entity.pdbx_description
1 polymer 'DNA (28-MER)'
2 polymer 'DNA (28-MER)'
3 polymer 'Transcriptional regulator'
4 water water
#
loop_
_entity_poly.entity_id
_entity_poly.type
_entity_poly.pdbx_seq_one_letter_code
_entity_poly.pdbx_strand_id
1 'polydeoxyribonucleotide'
;(DC)(DG)(DG)(DA)(DA)(DC)(DA)(DT)(DG)(DT)(DA)(DA)(DA)(DT)(DA)(DG)(DT)(DT)(DA)(DC)
(DA)(DT)(DG)(DA)(DT)(DT)(DA)(DC)
;
I,M
2 'polydeoxyribonucleotide'
;(DG)(DT)(DA)(DA)(DT)(DC)(DA)(DT)(DG)(DT)(DA)(DA)(DC)(DT)(DA)(DT)(DT)(DT)(DA)(DC)
(DA)(DT)(DG)(DT)(DT)(DC)(DC)(DG)
;
J,N
3 'polypeptide(L)'
;GSAKDPMRVLKYAILGLLRKGELSGYDITSYFKEELGQFWSAKHSQIYPELKKLTDEGFITFRTTIQGTKLEKKMYTLTD
SGKQELHDWLIRHQPIPETVKDEFMLKAYFISSLSRQEASDLFTDQLLKRKAKLSDLQGSYEKLMASAEPMSFSSPDFGH
YLVLTKALEREKNYVSWLESILAMIDED
;
A,B,C,D,E,F,G,H
#
# COMPACT_ATOMS: atom_id res chain seq x y z
N LYS E 4 -40.14 19.89 -27.88
CA LYS E 4 -39.86 18.69 -28.72
C LYS E 4 -41.03 18.38 -29.67
N ASP E 5 -42.24 18.59 -29.18
CA ASP E 5 -43.46 18.39 -29.98
C ASP E 5 -44.01 19.76 -30.33
N PRO E 6 -44.30 20.00 -31.63
CA PRO E 6 -44.74 21.34 -32.01
C PRO E 6 -45.85 21.81 -31.08
N MET E 7 -45.74 23.04 -30.61
CA MET E 7 -46.76 23.63 -29.77
C MET E 7 -48.09 23.67 -30.52
N ARG E 8 -48.02 23.96 -31.81
CA ARG E 8 -49.22 24.15 -32.64
C ARG E 8 -50.30 24.98 -31.94
N VAL E 9 -49.93 26.16 -31.45
CA VAL E 9 -50.86 26.98 -30.69
C VAL E 9 -52.07 27.36 -31.53
N LEU E 10 -51.85 27.58 -32.83
CA LEU E 10 -52.95 27.94 -33.72
C LEU E 10 -54.05 26.86 -33.79
N LYS E 11 -53.67 25.59 -33.70
CA LYS E 11 -54.66 24.52 -33.63
C LYS E 11 -55.57 24.68 -32.41
N TYR E 12 -54.98 24.99 -31.26
CA TYR E 12 -55.75 25.13 -30.03
C TYR E 12 -56.55 26.44 -29.97
N ALA E 13 -56.06 27.47 -30.66
CA ALA E 13 -56.80 28.71 -30.73
C ALA E 13 -58.12 28.46 -31.46
N ILE E 14 -58.06 27.64 -32.53
CA ILE E 14 -59.22 27.31 -33.33
C ILE E 14 -60.18 26.38 -32.59
N LEU E 15 -59.68 25.25 -32.09
CA LEU E 15 -60.57 24.33 -31.36
C LEU E 15 -61.29 25.03 -30.23
N GLY E 16 -60.58 25.92 -29.53
CA GLY E 16 -61.15 26.73 -28.47
C GLY E 16 -62.21 27.67 -29.00
N LEU E 17 -61.91 28.32 -30.13
CA LEU E 17 -62.87 29.22 -30.74
C LEU E 17 -64.17 28.52 -31.14
N LEU E 18 -64.10 27.23 -31.43
CA LEU E 18 -65.29 26.40 -31.75
C LEU E 18 -65.95 25.70 -30.54
N ARG E 19 -65.53 26.03 -29.32
CA ARG E 19 -66.02 25.30 -28.12
C ARG E 19 -67.52 25.47 -27.85
N LYS E 20 -68.10 26.54 -28.37
CA LYS E 20 -69.50 26.91 -28.16
C LYS E 20 -70.33 26.74 -29.41
N GLY E 21 -69.82 26.09 -30.45
CA GLY E 21 -70.58 25.94 -31.66
C GLY E 21 -69.88 26.33 -32.94
N GLU E 22 -70.60 26.27 -34.04
CA GLU E 22 -69.96 26.34 -35.36
C GLU E 22 -69.51 27.75 -35.78
N LEU E 23 -68.41 27.80 -36.52
CA LEU E 23 -67.89 29.06 -37.04
C LEU E 23 -67.30 28.87 -38.44
N SER E 24 -67.26 29.94 -39.22
CA SER E 24 -66.56 29.93 -40.49
C SER E 24 -65.12 30.36 -40.27
N GLY E 25 -64.25 30.04 -41.22
CA GLY E 25 -62.91 30.60 -41.22
C GLY E 25 -62.97 32.11 -41.08
N TYR E 26 -63.94 32.73 -41.75
CA TYR E 26 -64.13 34.18 -41.66
C TYR E 26 -64.45 34.60 -40.23
N ASP E 27 -65.38 33.89 -39.60
CA ASP E 27 -65.72 34.15 -38.20
C ASP E 27 -64.48 34.10 -37.29
N ILE E 28 -63.61 33.10 -37.52
CA ILE E 28 -62.42 32.90 -36.71
C ILE E 28 -61.47 34.09 -36.89
N THR E 29 -61.24 34.48 -38.15
CA THR E 29 -60.42 35.63 -38.47
C THR E 29 -60.89 36.85 -37.68
N SER E 30 -62.21 37.04 -37.61
CA SER E 30 -62.82 38.16 -36.89
C SER E 30 -62.54 38.16 -35.40
N TYR E 31 -62.63 36.99 -34.77
CA TYR E 31 -62.41 36.90 -33.33
C TYR E 31 -61.01 37.37 -32.99
N PHE E 32 -60.04 37.00 -33.83
CA PHE E 32 -58.66 37.50 -33.70
C PHE E 32 -58.52 39.01 -33.88
N LYS E 33 -59.52 39.67 -34.48
CA LYS E 33 -59.45 41.14 -34.62
C LYS E 33 -60.19 41.84 -33.50
N GLU E 34 -60.89 41.08 -32.67
CA GLU E 34 -61.61 41.65 -31.54
C GLU E 34 -60.77 41.47 -30.28
N GLU E 35 -61.40 41.37 -29.11
CA GLU E 35 -60.67 41.38 -27.83
C GLU E 35 -59.59 40.29 -27.66
N LEU E 36 -59.79 39.13 -28.29
CA LEU E 36 -58.79 38.05 -28.24
C LEU E 36 -57.46 38.43 -28.91
N GLY E 37 -57.55 39.31 -29.91
CA GLY E 37 -56.37 39.78 -30.64
C GLY E 37 -55.29 40.48 -29.83
N GLN E 38 -55.61 40.81 -28.58
CA GLN E 38 -54.64 41.35 -27.63
C GLN E 38 -53.56 40.35 -27.21
N PHE E 39 -53.83 39.05 -27.40
CA PHE E 39 -53.00 37.96 -26.86
C PHE E 39 -52.75 36.79 -27.81
N TRP E 40 -53.53 36.71 -28.89
CA TRP E 40 -53.27 35.80 -29.99
C TRP E 40 -53.94 36.30 -31.27
N SER E 41 -53.20 36.32 -32.37
CA SER E 41 -53.81 36.54 -33.66
C SER E 41 -53.19 35.65 -34.73
N ALA E 42 -53.96 35.46 -35.80
CA ALA E 42 -53.49 34.81 -36.99
C ALA E 42 -54.13 35.49 -38.18
N LYS E 43 -53.51 35.39 -39.33
CA LYS E 43 -54.09 35.92 -40.56
C LYS E 43 -54.89 34.82 -41.22
N HIS E 44 -55.87 35.20 -42.03
CA HIS E 44 -56.70 34.24 -42.76
C HIS E 44 -55.86 33.24 -43.57
N SER E 45 -54.72 33.69 -44.09
CA SER E 45 -53.82 32.86 -44.91
C SER E 45 -53.20 31.74 -44.10
N GLN E 46 -53.20 31.87 -42.79
CA GLN E 46 -52.71 30.81 -41.95
C GLN E 46 -53.88 29.94 -41.48
N ILE E 47 -55.03 30.58 -41.25
CA ILE E 47 -56.19 29.93 -40.68
C ILE E 47 -56.77 28.92 -41.65
N TYR E 48 -56.99 29.30 -42.90
CA TYR E 48 -57.63 28.37 -43.86
C TYR E 48 -56.90 27.04 -44.07
N PRO E 49 -55.57 27.08 -44.32
CA PRO E 49 -54.81 25.81 -44.41
C PRO E 49 -54.89 24.98 -43.12
N GLU E 50 -54.89 25.66 -41.98
CA GLU E 50 -54.96 24.99 -40.69
C GLU E 50 -56.33 24.31 -40.49
N LEU E 51 -57.39 24.98 -40.93
CA LEU E 51 -58.71 24.39 -40.90
C LEU E 51 -58.79 23.08 -41.71
N LYS E 52 -58.08 23.07 -42.85
CA LYS E 52 -58.02 21.88 -43.70
C LYS E 52 -57.33 20.75 -42.92
N LYS E 53 -56.18 21.08 -42.37
CA LYS E 53 -55.34 20.16 -41.63
C LYS E 53 -56.10 19.53 -40.45
N LEU E 54 -56.85 20.33 -39.71
CA LEU E 54 -57.56 19.83 -38.54
C LEU E 54 -58.69 18.89 -38.95
N THR E 55 -59.32 19.21 -40.08
CA THR E 55 -60.34 18.36 -40.69
C THR E 55 -59.72 17.03 -41.08
N ASP E 56 -58.54 17.06 -41.67
CA ASP E 56 -57.87 15.80 -42.07
C ASP E 56 -57.50 14.98 -40.84
N GLU E 57 -57.33 15.67 -39.72
CA GLU E 57 -56.94 15.03 -38.47
C GLU E 57 -58.12 14.57 -37.59
N GLY E 58 -59.34 14.91 -38.00
CA GLY E 58 -60.55 14.47 -37.30
C GLY E 58 -60.86 15.22 -36.02
N PHE E 59 -60.29 16.41 -35.85
CA PHE E 59 -60.61 17.21 -34.67
C PHE E 59 -61.82 18.06 -34.96
N ILE E 60 -62.00 18.41 -36.24
CA ILE E 60 -63.15 19.21 -36.63
C ILE E 60 -63.80 18.66 -37.88
N THR E 61 -65.06 19.05 -38.07
CA THR E 61 -65.85 18.65 -39.22
C THR E 61 -66.43 19.94 -39.80
N PHE E 62 -66.96 19.89 -41.01
CA PHE E 62 -67.64 21.06 -41.56
C PHE E 62 -68.79 20.71 -42.50
N ARG E 63 -69.78 21.59 -42.53
CA ARG E 63 -70.82 21.57 -43.54
C ARG E 63 -70.63 22.80 -44.42
N THR E 64 -71.29 22.78 -45.57
CA THR E 64 -71.28 23.94 -46.45
C THR E 64 -72.64 24.59 -46.41
N THR E 65 -72.70 25.80 -45.88
CA THR E 65 -73.92 26.60 -45.94
C THR E 65 -73.77 27.62 -47.07
N ILE E 66 -74.93 28.14 -47.51
CA ILE E 66 -75.02 29.11 -48.58
C ILE E 66 -75.65 30.43 -48.10
N GLN E 67 -74.80 31.45 -48.04
CA GLN E 67 -75.22 32.84 -47.81
C GLN E 67 -75.73 33.43 -49.11
N GLY E 68 -76.84 34.16 -49.02
CA GLY E 68 -77.50 34.74 -50.19
C GLY E 68 -78.04 33.68 -51.11
N THR E 69 -77.68 33.76 -52.38
CA THR E 69 -78.06 32.78 -53.38
C THR E 69 -76.94 31.79 -53.69
N LYS E 70 -75.70 32.27 -53.82
CA LYS E 70 -74.61 31.46 -54.34
C LYS E 70 -73.23 31.62 -53.67
N LEU E 71 -73.19 32.18 -52.46
CA LEU E 71 -71.93 32.29 -51.73
C LEU E 71 -71.76 31.18 -50.69
N GLU E 72 -70.74 30.36 -50.87
CA GLU E 72 -70.52 29.22 -50.00
C GLU E 72 -69.71 29.59 -48.79
N LYS E 73 -69.94 28.85 -47.73
CA LYS E 73 -69.36 29.13 -46.45
C LYS E 73 -69.20 27.78 -45.76
N LYS E 74 -68.02 27.50 -45.23
CA LYS E 74 -67.81 26.27 -44.48
C LYS E 74 -67.88 26.55 -42.98
N MET E 75 -68.86 25.96 -42.32
CA MET E 75 -69.04 26.14 -40.90
C MET E 75 -68.45 24.94 -40.22
N TYR E 76 -67.47 25.18 -39.35
CA TYR E 76 -66.79 24.09 -38.66
C TYR E 76 -67.35 23.75 -37.27
N THR E 77 -67.41 22.45 -36.98
CA THR E 77 -67.79 21.97 -35.66
C THR E 77 -66.71 21.07 -35.10
N LEU E 78 -66.53 21.12 -33.77
CA LEU E 78 -65.73 20.14 -33.04
C LEU E 78 -66.25 18.69 -33.16
N THR E 79 -65.31 17.75 -33.19
CA THR E 79 -65.61 16.33 -33.06
C THR E 79 -65.32 15.96 -31.61
N ASP E 80 -65.81 14.80 -31.17
CA ASP E 80 -65.45 14.25 -29.87
C ASP E 80 -63.93 14.27 -29.68
N SER E 81 -63.20 13.81 -30.69
CA SER E 81 -61.74 13.80 -30.68
C SER E 81 -61.12 15.22 -30.50
N GLY E 82 -61.76 16.22 -31.09
CA GLY E 82 -61.36 17.62 -30.89
C GLY E 82 -61.67 18.21 -29.53
N LYS E 83 -62.79 17.83 -28.93
CA LYS E 83 -63.15 18.33 -27.59
C LYS E 83 -62.15 17.85 -26.54
N GLN E 84 -61.76 16.59 -26.65
CA GLN E 84 -60.76 16.04 -25.74
C GLN E 84 -59.41 16.68 -26.02
N GLU E 85 -59.11 16.91 -27.30
CA GLU E 85 -57.87 17.58 -27.67
C GLU E 85 -57.79 18.97 -27.03
N LEU E 86 -58.89 19.71 -27.09
CA LEU E 86 -59.01 21.00 -26.42
C LEU E 86 -58.83 20.87 -24.91
N HIS E 87 -59.59 19.95 -24.32
CA HIS E 87 -59.56 19.73 -22.87
C HIS E 87 -58.16 19.46 -22.32
N ASP E 88 -57.49 18.44 -22.88
CA ASP E 88 -56.15 18.05 -22.40
C ASP E 88 -55.19 19.22 -22.41
N TRP E 89 -55.28 20.06 -23.44
CA TRP E 89 -54.38 21.21 -23.59
C TRP E 89 -54.67 22.27 -22.55
N LEU E 90 -55.96 22.54 -22.32
CA LEU E 90 -56.40 23.51 -21.31
C LEU E 90 -55.94 23.17 -19.90
N ILE E 91 -56.01 21.88 -19.53
CA ILE E 91 -55.68 21.50 -18.15
C ILE E 91 -54.21 21.20 -17.95
N ARG E 92 -53.46 21.13 -19.05
CA ARG E 92 -52.02 20.91 -19.01
C ARG E 92 -51.27 22.14 -18.45
N HIS E 93 -50.27 21.88 -17.63
CA HIS E 93 -49.44 22.95 -17.11
C HIS E 93 -48.19 23.13 -17.98
N GLN E 94 -48.22 24.13 -18.85
CA GLN E 94 -47.09 24.49 -19.69
C GLN E 94 -46.13 25.40 -18.90
N PRO E 95 -44.81 25.25 -19.14
CA PRO E 95 -43.85 26.19 -18.53
C PRO E 95 -44.01 27.59 -19.12
N ILE E 96 -43.85 28.61 -18.29
CA ILE E 96 -44.00 29.99 -18.72
C ILE E 96 -42.81 30.41 -19.60
N PRO E 97 -43.09 31.10 -20.71
CA PRO E 97 -42.00 31.46 -21.62
C PRO E 97 -40.98 32.41 -21.01
N GLU E 98 -39.72 32.18 -21.34
CA GLU E 98 -38.63 33.05 -20.91
C GLU E 98 -38.78 34.41 -21.56
N THR E 99 -39.00 34.42 -22.87
CA THR E 99 -39.05 35.65 -23.67
C THR E 99 -40.48 36.00 -24.07
N VAL E 100 -40.88 37.23 -23.80
CA VAL E 100 -42.10 37.79 -24.43
C VAL E 100 -41.64 39.02 -25.21
N LYS E 101 -41.55 38.86 -26.53
CA LYS E 101 -40.89 39.83 -27.40
C LYS E 101 -41.53 41.23 -27.38
N ASP E 102 -40.67 42.24 -27.28
CA ASP E 102 -41.08 43.67 -27.32
C ASP E 102 -39.92 44.47 -27.93
N GLU E 103 -40.13 44.96 -29.15
CA GLU E 103 -39.09 45.65 -29.91
C GLU E 103 -38.71 46.97 -29.25
N PHE E 104 -39.67 47.62 -28.59
CA PHE E 104 -39.37 48.85 -27.88
C PHE E 104 -38.39 48.58 -26.75
N MET E 105 -38.59 47.48 -26.03
CA MET E 105 -37.74 47.14 -24.91
C MET E 105 -36.33 46.72 -25.34
N LEU E 106 -36.22 46.23 -26.58
CA LEU E 106 -34.93 45.97 -27.18
C LEU E 106 -34.23 47.29 -27.41
N LYS E 107 -34.93 48.24 -28.03
CA LYS E 107 -34.43 49.60 -28.23
C LYS E 107 -33.98 50.19 -26.90
N ALA E 108 -34.74 49.91 -25.84
CA ALA E 108 -34.50 50.56 -24.54
C ALA E 108 -33.18 50.10 -23.94
N TYR E 109 -32.85 48.84 -24.20
CA TYR E 109 -31.62 48.22 -23.76
C TYR E 109 -30.39 48.93 -24.35
N PHE E 110 -30.57 49.56 -25.50
CA PHE E 110 -29.48 50.20 -26.25
C PHE E 110 -29.45 51.73 -26.10
N ILE E 111 -30.03 52.22 -25.01
CA ILE E 111 -30.17 53.65 -24.76
C ILE E 111 -28.85 54.44 -24.84
N SER E 112 -27.75 53.77 -24.47
CA SER E 112 -26.40 54.36 -24.48
C SER E 112 -26.02 55.00 -25.82
N SER E 113 -26.66 54.53 -26.88
CA SER E 113 -26.47 55.09 -28.20
C SER E 113 -27.42 56.25 -28.42
N ARG E 116 -29.72 62.02 -25.08
CA ARG E 116 -30.67 62.40 -24.02
C ARG E 116 -31.97 62.96 -24.59
N GLN E 117 -31.85 63.86 -25.56
CA GLN E 117 -33.01 64.41 -26.24
C GLN E 117 -33.74 63.33 -27.03
N GLU E 118 -32.96 62.52 -27.74
CA GLU E 118 -33.51 61.45 -28.59
C GLU E 118 -34.25 60.39 -27.78
N ALA E 119 -33.73 60.06 -26.60
CA ALA E 119 -34.37 59.11 -25.70
C ALA E 119 -35.68 59.66 -25.14
N SER E 120 -35.69 60.98 -24.87
CA SER E 120 -36.90 61.65 -24.39
C SER E 120 -38.03 61.56 -25.43
N ASP E 121 -37.71 61.90 -26.68
CA ASP E 121 -38.67 61.90 -27.77
C ASP E 121 -39.25 60.51 -27.98
N LEU E 122 -38.36 59.52 -28.07
CA LEU E 122 -38.72 58.12 -28.29
C LEU E 122 -39.63 57.59 -27.20
N PHE E 123 -39.39 57.99 -25.96
CA PHE E 123 -40.21 57.56 -24.84
C PHE E 123 -41.51 58.34 -24.74
N THR E 124 -41.45 59.65 -25.00
CA THR E 124 -42.63 60.50 -25.02
C THR E 124 -43.63 59.98 -26.04
N ASP E 125 -43.13 59.61 -27.23
CA ASP E 125 -43.99 59.06 -28.28
C ASP E 125 -44.67 57.78 -27.81
N GLN E 126 -43.88 56.90 -27.20
CA GLN E 126 -44.36 55.64 -26.67
C GLN E 126 -45.41 55.90 -25.58
N LEU E 127 -45.18 56.91 -24.73
CA LEU E 127 -46.16 57.29 -23.72
C LEU E 127 -47.49 57.68 -24.36
N LEU E 128 -47.41 58.54 -25.38
CA LEU E 128 -48.61 59.05 -26.06
C LEU E 128 -49.41 57.96 -26.77
N LYS E 129 -48.69 57.09 -27.48
CA LYS E 129 -49.32 55.96 -28.19
C LYS E 129 -49.96 54.99 -27.20
N ARG E 130 -49.27 54.72 -26.11
CA ARG E 130 -49.79 53.80 -25.10
C ARG E 130 -50.93 54.38 -24.28
N LYS E 131 -50.92 55.70 -24.07
CA LYS E 131 -52.05 56.41 -23.48
C LYS E 131 -53.28 56.27 -24.35
N ALA E 132 -53.09 56.39 -25.67
CA ALA E 132 -54.16 56.24 -26.64
C ALA E 132 -54.74 54.83 -26.62
N LYS E 133 -53.87 53.82 -26.70
CA LYS E 133 -54.32 52.42 -26.65
C LYS E 133 -55.08 52.13 -25.36
N LEU E 134 -54.71 52.82 -24.29
CA LEU E 134 -55.36 52.64 -22.99
C LEU E 134 -56.77 53.22 -23.02
N SER E 135 -56.90 54.38 -23.65
CA SER E 135 -58.20 55.05 -23.78
C SER E 135 -59.20 54.17 -24.53
N ASP E 136 -58.74 53.58 -25.64
CA ASP E 136 -59.54 52.65 -26.42
C ASP E 136 -59.93 51.41 -25.61
N LEU E 137 -59.01 50.92 -24.77
CA LEU E 137 -59.24 49.73 -23.95
C LEU E 137 -60.20 49.95 -22.79
N GLN E 138 -60.13 51.14 -22.20
CA GLN E 138 -61.03 51.55 -21.12
C GLN E 138 -62.44 51.61 -21.68
N GLY E 139 -62.57 52.25 -22.84
CA GLY E 139 -63.85 52.36 -23.55
C GLY E 139 -64.52 51.02 -23.80
N SER E 140 -63.72 50.02 -24.19
CA SER E 140 -64.20 48.67 -24.48
C SER E 140 -64.59 47.92 -23.20
N TYR E 141 -63.86 48.19 -22.13
CA TYR E 141 -64.16 47.63 -20.82
C TYR E 141 -65.50 48.17 -20.30
N GLU E 142 -65.78 49.44 -20.59
CA GLU E 142 -67.03 50.07 -20.16
C GLU E 142 -68.23 49.59 -20.96
N LYS E 143 -68.02 49.34 -22.25
CA LYS E 143 -69.03 48.75 -23.14
C LYS E 143 -69.43 47.34 -22.67
N LEU E 144 -68.44 46.55 -22.29
CA LEU E 144 -68.69 45.20 -21.76
C LEU E 144 -69.47 45.22 -20.44
N MET E 145 -69.06 46.09 -19.51
CA MET E 145 -69.64 46.10 -18.16
C MET E 145 -71.11 46.55 -18.10
N ALA E 146 -71.48 47.47 -18.99
CA ALA E 146 -72.85 47.97 -19.09
C ALA E 146 -73.86 46.86 -19.42
N SER E 147 -73.47 45.97 -20.33
CA SER E 147 -74.33 44.87 -20.80
C SER E 147 -74.32 43.66 -19.86
N PRO E 150 -72.72 42.70 -13.19
CA PRO E 150 -72.75 41.51 -12.34
C PRO E 150 -71.89 40.39 -12.91
N MET E 151 -70.57 40.62 -12.91
CA MET E 151 -69.59 39.70 -13.49
C MET E 151 -69.11 38.67 -12.46
N SER E 152 -68.92 37.43 -12.93
CA SER E 152 -68.57 36.31 -12.06
C SER E 152 -68.00 35.16 -12.88
N PHE E 153 -67.43 34.18 -12.20
CA PHE E 153 -66.96 32.97 -12.88
C PHE E 153 -68.07 32.33 -13.72
N SER E 154 -69.29 32.34 -13.21
CA SER E 154 -70.44 31.73 -13.90
C SER E 154 -70.82 32.45 -15.20
N SER E 155 -70.49 33.73 -15.28
CA SER E 155 -70.87 34.59 -16.41
C SER E 155 -70.33 34.10 -17.76
N PRO E 156 -71.20 34.00 -18.78
CA PRO E 156 -70.81 33.57 -20.12
C PRO E 156 -69.79 34.50 -20.79
N ASP E 157 -69.52 35.65 -20.18
CA ASP E 157 -68.55 36.60 -20.73
C ASP E 157 -67.30 36.72 -19.85
N PHE E 158 -67.08 35.73 -19.01
CA PHE E 158 -65.95 35.74 -18.10
C PHE E 158 -64.62 35.78 -18.85
N GLY E 159 -64.53 35.00 -19.92
CA GLY E 159 -63.34 34.96 -20.76
C GLY E 159 -63.02 36.34 -21.32
N HIS E 160 -64.03 36.98 -21.91
CA HIS E 160 -63.89 38.31 -22.51
C HIS E 160 -63.39 39.26 -21.44
N TYR E 161 -63.99 39.17 -20.26
CA TYR E 161 -63.62 39.98 -19.11
C TYR E 161 -62.16 39.79 -18.76
N LEU E 162 -61.71 38.54 -18.76
CA LEU E 162 -60.33 38.18 -18.43
C LEU E 162 -59.33 38.82 -19.40
N VAL E 163 -59.59 38.70 -20.70
CA VAL E 163 -58.65 39.23 -21.68
C VAL E 163 -58.65 40.75 -21.67
N LEU E 164 -59.81 41.35 -21.42
CA LEU E 164 -59.92 42.80 -21.33
C LEU E 164 -59.23 43.38 -20.10
N THR E 165 -59.48 42.80 -18.93
CA THR E 165 -58.78 43.22 -17.70
C THR E 165 -57.26 43.12 -17.87
N LYS E 166 -56.78 41.99 -18.41
CA LYS E 166 -55.36 41.75 -18.59
C LYS E 166 -54.74 42.77 -19.53
N ALA E 167 -55.39 43.01 -20.65
CA ALA E 167 -54.93 44.02 -21.61
C ALA E 167 -54.87 45.40 -20.96
N LEU E 168 -55.89 45.74 -20.17
CA LEU E 168 -55.94 46.99 -19.42
C LEU E 168 -54.81 47.14 -18.40
N GLU E 169 -54.66 46.13 -17.53
CA GLU E 169 -53.55 46.08 -16.58
C GLU E 169 -52.21 46.25 -17.30
N ARG E 170 -52.10 45.66 -18.48
CA ARG E 170 -50.87 45.68 -19.27
C ARG E 170 -50.50 47.09 -19.73
N GLU E 171 -51.48 47.83 -20.24
CA GLU E 171 -51.23 49.22 -20.68
C GLU E 171 -51.05 50.19 -19.51
N LYS E 172 -51.89 50.09 -18.48
CA LYS E 172 -51.73 50.89 -17.26
C LYS E 172 -50.32 50.79 -16.70
N ASN E 173 -49.84 49.55 -16.57
CA ASN E 173 -48.49 49.28 -16.12
C ASN E 173 -47.41 49.74 -17.09
N TYR E 174 -47.69 49.72 -18.40
CA TYR E 174 -46.73 50.22 -19.39
C TYR E 174 -46.64 51.75 -19.34
N VAL E 175 -47.80 52.39 -19.21
CA VAL E 175 -47.91 53.84 -19.16
C VAL E 175 -47.23 54.36 -17.89
N SER E 176 -47.53 53.72 -16.77
CA SER E 176 -46.96 54.06 -15.47
C SER E 176 -45.44 53.87 -15.45
N TRP E 177 -44.95 52.85 -16.14
CA TRP E 177 -43.52 52.59 -16.22
C TRP E 177 -42.83 53.69 -17.02
N LEU E 178 -43.32 53.94 -18.23
CA LEU E 178 -42.79 54.98 -19.11
C LEU E 178 -42.75 56.36 -18.45
N GLU E 179 -43.75 56.65 -17.61
CA GLU E 179 -43.74 57.91 -16.86
C GLU E 179 -42.57 57.94 -15.88
N SER E 180 -42.43 56.87 -15.10
CA SER E 180 -41.33 56.75 -14.13
C SER E 180 -39.96 56.94 -14.79
N ILE E 181 -39.78 56.36 -15.97
CA ILE E 181 -38.51 56.43 -16.66
C ILE E 181 -38.28 57.80 -17.30
N LEU E 182 -39.34 58.39 -17.83
CA LEU E 182 -39.27 59.76 -18.36
C LEU E 182 -38.87 60.82 -17.33
N ALA E 183 -39.33 60.66 -16.10
CA ALA E 183 -38.99 61.58 -15.01
C ALA E 183 -37.54 61.44 -14.57
N MET E 184 -36.92 60.31 -14.89
CA MET E 184 -35.49 60.09 -14.64
C MET E 184 -34.63 60.78 -15.71
N ILE E 185 -35.28 61.12 -16.83
CA ILE E 185 -34.60 61.65 -18.01
C ILE E 185 -35.06 63.07 -18.36
N ASP F 5 -41.62 45.73 -46.80
CA ASP F 5 -40.28 45.90 -46.13
C ASP F 5 -40.13 45.00 -44.89
N PRO F 6 -39.33 43.92 -45.02
CA PRO F 6 -39.07 42.99 -43.91
C PRO F 6 -38.41 43.68 -42.72
N MET F 7 -38.88 43.35 -41.52
CA MET F 7 -38.49 44.03 -40.30
C MET F 7 -37.07 43.76 -39.86
N ARG F 8 -36.67 42.49 -39.93
CA ARG F 8 -35.33 42.03 -39.55
C ARG F 8 -34.92 42.50 -38.17
N VAL F 9 -35.76 42.32 -37.17
CA VAL F 9 -35.41 42.78 -35.82
C VAL F 9 -34.06 42.25 -35.35
N LEU F 10 -33.80 40.96 -35.55
CA LEU F 10 -32.55 40.31 -35.15
C LEU F 10 -31.29 41.04 -35.64
N LYS F 11 -31.34 41.57 -36.86
CA LYS F 11 -30.23 42.36 -37.40
C LYS F 11 -29.94 43.51 -36.47
N TYR F 12 -30.99 44.17 -35.99
CA TYR F 12 -30.81 45.32 -35.12
C TYR F 12 -30.41 44.91 -33.71
N ALA F 13 -30.90 43.74 -33.28
CA ALA F 13 -30.52 43.18 -31.98
C ALA F 13 -29.01 42.92 -31.93
N ILE F 14 -28.47 42.30 -32.98
CA ILE F 14 -27.05 42.05 -33.09
C ILE F 14 -26.27 43.36 -33.13
N LEU F 15 -26.67 44.27 -34.02
CA LEU F 15 -25.98 45.56 -34.17
C LEU F 15 -25.96 46.32 -32.85
N GLY F 16 -27.10 46.31 -32.16
CA GLY F 16 -27.26 46.94 -30.86
C GLY F 16 -26.35 46.31 -29.82
N LEU F 17 -26.35 44.97 -29.78
CA LEU F 17 -25.49 44.26 -28.84
C LEU F 17 -23.99 44.60 -29.00
N LEU F 18 -23.57 44.89 -30.23
CA LEU F 18 -22.17 45.17 -30.57
C LEU F 18 -21.75 46.65 -30.39
N ARG F 19 -22.68 47.47 -29.90
CA ARG F 19 -22.52 48.93 -29.87
C ARG F 19 -21.36 49.41 -28.99
N LYS F 20 -20.90 48.55 -28.08
CA LYS F 20 -19.81 48.90 -27.16
C LYS F 20 -18.56 48.08 -27.36
N GLY F 21 -18.42 47.47 -28.53
CA GLY F 21 -17.22 46.72 -28.85
C GLY F 21 -17.50 45.32 -29.35
N GLU F 22 -16.44 44.64 -29.75
CA GLU F 22 -16.53 43.32 -30.38
C GLU F 22 -17.15 42.26 -29.47
N LEU F 23 -17.82 41.28 -30.09
CA LEU F 23 -18.41 40.12 -29.41
C LEU F 23 -18.44 38.95 -30.37
N SER F 24 -18.33 37.73 -29.83
CA SER F 24 -18.50 36.54 -30.65
C SER F 24 -19.98 36.24 -30.78
N GLY F 25 -20.32 35.40 -31.76
CA GLY F 25 -21.66 34.82 -31.84
C GLY F 25 -22.04 34.16 -30.52
N TYR F 26 -21.08 33.51 -29.88
CA TYR F 26 -21.36 32.89 -28.58
C TYR F 26 -21.78 33.92 -27.52
N ASP F 27 -21.06 35.05 -27.46
CA ASP F 27 -21.37 36.13 -26.53
C ASP F 27 -22.77 36.66 -26.77
N ILE F 28 -23.11 36.82 -28.04
CA ILE F 28 -24.43 37.27 -28.42
C ILE F 28 -25.44 36.28 -27.86
N THR F 29 -25.29 35.00 -28.18
CA THR F 29 -26.18 33.97 -27.68
C THR F 29 -26.33 34.12 -26.17
N SER F 30 -25.24 34.47 -25.48
CA SER F 30 -25.23 34.51 -24.03
C SER F 30 -26.00 35.68 -23.47
N TYR F 31 -26.00 36.78 -24.21
CA TYR F 31 -26.72 37.97 -23.79
C TYR F 31 -28.23 37.75 -23.93
N PHE F 32 -28.64 37.00 -24.94
CA PHE F 32 -30.05 36.69 -25.13
C PHE F 32 -30.56 35.81 -24.00
N LYS F 33 -29.64 35.29 -23.19
CA LYS F 33 -30.02 34.41 -22.10
C LYS F 33 -29.92 35.12 -20.76
N GLU F 34 -29.32 36.30 -20.76
CA GLU F 34 -29.26 37.12 -19.57
C GLU F 34 -30.48 38.01 -19.50
N GLU F 35 -30.31 39.28 -19.13
CA GLU F 35 -31.46 40.16 -18.87
C GLU F 35 -32.26 40.56 -20.11
N LEU F 36 -31.57 40.68 -21.25
CA LEU F 36 -32.23 41.06 -22.51
C LEU F 36 -33.25 40.01 -22.98
N GLY F 37 -33.05 38.77 -22.53
CA GLY F 37 -33.88 37.63 -22.92
C GLY F 37 -35.31 37.68 -22.44
N GLN F 38 -35.68 38.72 -21.73
CA GLN F 38 -37.06 38.89 -21.33
C GLN F 38 -37.87 39.58 -22.44
N PHE F 39 -37.15 40.17 -23.39
CA PHE F 39 -37.78 41.02 -24.40
C PHE F 39 -37.35 40.72 -25.84
N TRP F 40 -36.23 40.01 -26.01
CA TRP F 40 -35.84 39.44 -27.29
C TRP F 40 -34.89 38.26 -27.07
N SER F 41 -35.00 37.25 -27.91
CA SER F 41 -34.01 36.17 -27.89
C SER F 41 -33.90 35.51 -29.24
N ALA F 42 -32.77 34.84 -29.43
CA ALA F 42 -32.55 34.06 -30.61
C ALA F 42 -31.62 32.90 -30.29
N LYS F 43 -31.85 31.78 -30.95
CA LYS F 43 -30.93 30.65 -30.89
C LYS F 43 -29.70 30.89 -31.74
N HIS F 44 -28.58 30.30 -31.32
CA HIS F 44 -27.33 30.29 -32.06
C HIS F 44 -27.51 29.92 -33.53
N SER F 45 -28.49 29.08 -33.81
CA SER F 45 -28.73 28.60 -35.17
C SER F 45 -29.34 29.68 -36.04
N GLN F 46 -29.97 30.66 -35.42
CA GLN F 46 -30.40 31.83 -36.18
C GLN F 46 -29.29 32.90 -36.30
N ILE F 47 -28.48 33.02 -35.25
CA ILE F 47 -27.54 34.12 -35.10
C ILE F 47 -26.33 33.98 -36.05
N TYR F 48 -25.86 32.74 -36.23
CA TYR F 48 -24.65 32.51 -37.01
C TYR F 48 -24.88 32.83 -38.49
N PRO F 49 -25.98 32.33 -39.09
CA PRO F 49 -26.20 32.69 -40.49
C PRO F 49 -26.42 34.19 -40.68
N GLU F 50 -27.05 34.82 -39.70
CA GLU F 50 -27.33 36.24 -39.72
C GLU F 50 -26.04 37.07 -39.60
N LEU F 51 -25.09 36.60 -38.77
CA LEU F 51 -23.79 37.24 -38.65
C LEU F 51 -23.08 37.25 -39.98
N LYS F 52 -23.19 36.14 -40.70
CA LYS F 52 -22.63 36.03 -42.04
C LYS F 52 -23.33 37.01 -42.98
N LYS F 53 -24.64 37.17 -42.79
CA LYS F 53 -25.41 38.06 -43.65
C LYS F 53 -24.97 39.50 -43.42
N LEU F 54 -24.92 39.90 -42.15
CA LEU F 54 -24.56 41.25 -41.77
C LEU F 54 -23.17 41.65 -42.23
N THR F 55 -22.26 40.67 -42.31
CA THR F 55 -20.92 40.90 -42.85
C THR F 55 -21.00 41.13 -44.36
N ASP F 56 -21.70 40.24 -45.06
CA ASP F 56 -21.89 40.38 -46.50
C ASP F 56 -22.60 41.68 -46.89
N GLU F 57 -23.48 42.16 -46.01
CA GLU F 57 -24.14 43.43 -46.21
C GLU F 57 -23.24 44.61 -45.87
N GLY F 58 -22.12 44.34 -45.22
CA GLY F 58 -21.14 45.37 -44.84
C GLY F 58 -21.47 46.21 -43.62
N PHE F 59 -22.29 45.69 -42.73
CA PHE F 59 -22.62 46.38 -41.48
C PHE F 59 -21.65 46.04 -40.35
N ILE F 60 -21.13 44.81 -40.38
CA ILE F 60 -20.16 44.34 -39.38
C ILE F 60 -18.90 43.71 -39.98
N THR F 61 -17.87 43.59 -39.15
CA THR F 61 -16.58 43.08 -39.54
C THR F 61 -16.18 42.08 -38.47
N PHE F 62 -15.39 41.06 -38.84
CA PHE F 62 -14.85 40.13 -37.86
C PHE F 62 -13.35 39.86 -38.05
N ARG F 63 -12.69 39.56 -36.94
CA ARG F 63 -11.32 39.07 -36.93
C ARG F 63 -11.31 37.72 -36.21
N THR F 64 -10.29 36.91 -36.43
CA THR F 64 -10.31 35.56 -35.91
C THR F 64 -9.27 35.37 -34.82
N THR F 65 -9.72 35.42 -33.57
CA THR F 65 -8.85 35.17 -32.40
C THR F 65 -8.87 33.69 -32.03
N ILE F 66 -7.93 33.30 -31.17
CA ILE F 66 -7.78 31.91 -30.71
C ILE F 66 -7.82 31.79 -29.17
N GLN F 67 -8.84 31.09 -28.67
CA GLN F 67 -8.91 30.71 -27.26
C GLN F 67 -8.07 29.45 -26.98
N GLY F 68 -7.32 29.47 -25.88
CA GLY F 68 -6.44 28.37 -25.54
C GLY F 68 -5.30 28.20 -26.53
N THR F 69 -5.44 27.21 -27.41
CA THR F 69 -4.37 26.82 -28.32
C THR F 69 -4.87 26.69 -29.77
N LYS F 70 -6.02 26.06 -29.98
CA LYS F 70 -6.50 25.80 -31.33
C LYS F 70 -8.00 26.02 -31.58
N LEU F 71 -8.72 26.57 -30.60
CA LEU F 71 -10.14 26.90 -30.76
C LEU F 71 -10.38 28.28 -31.37
N GLU F 72 -10.82 28.32 -32.63
CA GLU F 72 -11.14 29.58 -33.29
C GLU F 72 -12.44 30.20 -32.83
N LYS F 73 -12.48 31.52 -32.90
CA LYS F 73 -13.55 32.34 -32.40
C LYS F 73 -13.58 33.57 -33.31
N LYS F 74 -14.75 34.16 -33.52
CA LYS F 74 -14.87 35.32 -34.40
C LYS F 74 -15.43 36.58 -33.71
N MET F 75 -14.56 37.56 -33.49
CA MET F 75 -14.99 38.81 -32.86
C MET F 75 -15.60 39.75 -33.89
N TYR F 76 -16.73 40.37 -33.56
CA TYR F 76 -17.42 41.25 -34.52
C TYR F 76 -17.43 42.72 -34.08
N THR F 77 -17.08 43.63 -34.98
CA THR F 77 -17.18 45.07 -34.73
C THR F 77 -18.18 45.73 -35.68
N LEU F 78 -18.88 46.75 -35.19
CA LEU F 78 -19.69 47.56 -36.05
C LEU F 78 -18.82 48.33 -37.04
N THR F 79 -19.33 48.53 -38.25
CA THR F 79 -18.71 49.40 -39.25
C THR F 79 -19.38 50.76 -39.20
N ASP F 80 -18.91 51.68 -40.04
CA ASP F 80 -19.53 52.98 -40.21
C ASP F 80 -20.99 52.77 -40.61
N SER F 81 -21.22 51.96 -41.64
CA SER F 81 -22.58 51.60 -42.07
C SER F 81 -23.41 51.08 -40.90
N GLY F 82 -22.83 50.15 -40.14
CA GLY F 82 -23.52 49.49 -39.03
C GLY F 82 -24.04 50.42 -37.96
N LYS F 83 -23.20 51.37 -37.53
CA LYS F 83 -23.56 52.36 -36.50
C LYS F 83 -24.75 53.21 -36.93
N GLN F 84 -24.70 53.68 -38.19
CA GLN F 84 -25.75 54.49 -38.78
C GLN F 84 -27.06 53.71 -38.92
N GLU F 85 -26.98 52.56 -39.60
CA GLU F 85 -28.10 51.62 -39.74
C GLU F 85 -28.79 51.38 -38.39
N LEU F 86 -27.99 51.09 -37.38
CA LEU F 86 -28.45 51.02 -35.98
C LEU F 86 -29.22 52.27 -35.53
N HIS F 87 -28.58 53.43 -35.70
CA HIS F 87 -29.13 54.72 -35.28
C HIS F 87 -30.42 55.08 -36.01
N ASP F 88 -30.50 54.80 -37.31
CA ASP F 88 -31.69 55.10 -38.10
C ASP F 88 -32.89 54.27 -37.62
N TRP F 89 -32.61 53.10 -37.06
CA TRP F 89 -33.62 52.24 -36.47
C TRP F 89 -34.03 52.73 -35.09
N LEU F 90 -33.04 53.10 -34.28
CA LEU F 90 -33.27 53.46 -32.87
C LEU F 90 -34.30 54.56 -32.64
N ILE F 91 -34.16 55.67 -33.37
CA ILE F 91 -35.01 56.85 -33.16
C ILE F 91 -36.26 56.83 -34.02
N ARG F 92 -36.36 55.82 -34.88
CA ARG F 92 -37.54 55.63 -35.73
C ARG F 92 -38.75 55.29 -34.87
N HIS F 93 -39.83 56.04 -35.04
CA HIS F 93 -41.07 55.78 -34.32
C HIS F 93 -41.83 54.63 -35.00
N GLN F 94 -42.17 53.62 -34.22
CA GLN F 94 -42.86 52.46 -34.76
C GLN F 94 -44.23 52.31 -34.14
N PRO F 95 -45.21 51.79 -34.92
CA PRO F 95 -46.54 51.55 -34.35
C PRO F 95 -46.45 50.47 -33.28
N ILE F 96 -47.21 50.60 -32.20
CA ILE F 96 -47.23 49.55 -31.21
C ILE F 96 -47.99 48.32 -31.76
N PRO F 97 -47.49 47.11 -31.50
CA PRO F 97 -48.18 45.91 -32.01
C PRO F 97 -49.54 45.75 -31.36
N GLU F 98 -50.51 45.26 -32.10
CA GLU F 98 -51.84 44.97 -31.52
C GLU F 98 -51.72 43.75 -30.60
N THR F 99 -51.09 42.70 -31.09
CA THR F 99 -50.95 41.43 -30.38
C THR F 99 -49.60 41.30 -29.67
N VAL F 100 -49.61 40.86 -28.42
CA VAL F 100 -48.40 40.38 -27.76
C VAL F 100 -48.76 39.00 -27.21
N LYS F 101 -48.23 37.97 -27.86
CA LYS F 101 -48.78 36.61 -27.70
C LYS F 101 -48.52 36.03 -26.31
N ASP F 102 -49.57 35.40 -25.78
CA ASP F 102 -49.52 34.78 -24.45
C ASP F 102 -50.48 33.59 -24.46
N GLU F 103 -49.91 32.39 -24.47
CA GLU F 103 -50.68 31.16 -24.60
C GLU F 103 -51.59 30.91 -23.38
N PHE F 104 -51.17 31.41 -22.22
CA PHE F 104 -51.99 31.26 -21.05
C PHE F 104 -53.26 32.08 -21.19
N MET F 105 -53.13 33.32 -21.67
CA MET F 105 -54.28 34.18 -21.83
C MET F 105 -55.24 33.62 -22.88
N LEU F 106 -54.70 32.98 -23.91
CA LEU F 106 -55.53 32.25 -24.86
C LEU F 106 -56.40 31.19 -24.15
N LYS F 107 -55.78 30.44 -23.24
CA LYS F 107 -56.51 29.51 -22.40
C LYS F 107 -57.57 30.24 -21.58
N ALA F 108 -57.20 31.40 -21.02
CA ALA F 108 -58.10 32.20 -20.20
C ALA F 108 -59.40 32.51 -20.93
N TYR F 109 -59.28 32.89 -22.18
CA TYR F 109 -60.42 33.22 -23.02
C TYR F 109 -61.39 32.05 -23.18
N PHE F 110 -60.87 30.83 -23.14
CA PHE F 110 -61.68 29.63 -23.30
C PHE F 110 -62.10 29.04 -21.97
N ILE F 111 -62.07 29.85 -20.91
CA ILE F 111 -62.37 29.39 -19.55
C ILE F 111 -63.71 28.61 -19.37
N SER F 112 -64.72 28.95 -20.17
CA SER F 112 -66.03 28.32 -20.05
C SER F 112 -65.98 26.82 -20.29
N SER F 113 -64.90 26.35 -20.93
CA SER F 113 -64.72 24.92 -21.15
C SER F 113 -64.12 24.22 -19.93
N LEU F 114 -63.97 24.96 -18.83
CA LEU F 114 -63.40 24.41 -17.60
C LEU F 114 -64.38 24.52 -16.45
N SER F 115 -64.34 23.56 -15.55
CA SER F 115 -65.14 23.59 -14.33
C SER F 115 -64.43 24.48 -13.32
N ARG F 116 -65.16 24.96 -12.31
CA ARG F 116 -64.56 25.81 -11.28
C ARG F 116 -63.27 25.18 -10.73
N GLN F 117 -63.31 23.88 -10.47
CA GLN F 117 -62.15 23.14 -9.95
C GLN F 117 -60.96 23.13 -10.92
N GLU F 118 -61.23 22.88 -12.19
CA GLU F 118 -60.19 22.80 -13.22
C GLU F 118 -59.51 24.14 -13.45
N ALA F 119 -60.31 25.19 -13.51
CA ALA F 119 -59.84 26.57 -13.68
C ALA F 119 -59.03 27.03 -12.47
N SER F 120 -59.50 26.70 -11.27
CA SER F 120 -58.80 27.04 -10.04
C SER F 120 -57.41 26.41 -10.09
N ASP F 121 -57.38 25.11 -10.37
CA ASP F 121 -56.14 24.35 -10.48
C ASP F 121 -55.21 24.95 -11.54
N LEU F 122 -55.76 25.29 -12.70
CA LEU F 122 -54.96 25.95 -13.75
C LEU F 122 -54.37 27.27 -13.28
N PHE F 123 -55.22 28.19 -12.83
CA PHE F 123 -54.77 29.50 -12.40
C PHE F 123 -53.82 29.45 -11.19
N THR F 124 -54.08 28.55 -10.23
CA THR F 124 -53.20 28.38 -9.07
C THR F 124 -51.78 28.04 -9.55
N ASP F 125 -51.69 27.05 -10.43
CA ASP F 125 -50.41 26.59 -10.96
C ASP F 125 -49.60 27.72 -11.58
N GLN F 126 -50.28 28.54 -12.37
CA GLN F 126 -49.68 29.67 -13.05
C GLN F 126 -49.10 30.67 -12.05
N LEU F 127 -49.86 30.95 -11.00
CA LEU F 127 -49.46 31.88 -9.98
C LEU F 127 -48.16 31.45 -9.29
N LEU F 128 -48.09 30.16 -8.94
CA LEU F 128 -46.92 29.61 -8.23
C LEU F 128 -45.66 29.73 -9.07
N LYS F 129 -45.80 29.53 -10.38
CA LYS F 129 -44.70 29.75 -11.29
C LYS F 129 -44.38 31.23 -11.39
N ARG F 130 -45.41 32.04 -11.59
CA ARG F 130 -45.20 33.48 -11.77
C ARG F 130 -44.54 34.13 -10.54
N LYS F 131 -44.83 33.60 -9.36
CA LYS F 131 -44.23 34.08 -8.11
C LYS F 131 -42.78 33.63 -7.99
N ALA F 132 -42.51 32.40 -8.45
CA ALA F 132 -41.16 31.86 -8.46
C ALA F 132 -40.27 32.69 -9.38
N LYS F 133 -40.80 33.04 -10.55
CA LYS F 133 -40.14 33.91 -11.51
C LYS F 133 -39.94 35.31 -10.92
N LEU F 134 -40.94 35.77 -10.19
CA LEU F 134 -40.88 37.07 -9.52
C LEU F 134 -39.73 37.13 -8.51
N SER F 135 -39.59 36.07 -7.71
CA SER F 135 -38.43 35.94 -6.80
C SER F 135 -37.11 36.08 -7.55
N ASP F 136 -36.92 35.28 -8.60
CA ASP F 136 -35.68 35.33 -9.38
C ASP F 136 -35.40 36.77 -9.88
N LEU F 137 -36.42 37.42 -10.42
CA LEU F 137 -36.31 38.79 -10.89
C LEU F 137 -36.02 39.82 -9.78
N GLN F 138 -36.66 39.64 -8.62
CA GLN F 138 -36.45 40.55 -7.50
C GLN F 138 -35.02 40.46 -7.00
N GLY F 139 -34.52 39.22 -6.90
CA GLY F 139 -33.13 38.96 -6.53
C GLY F 139 -32.14 39.61 -7.47
N SER F 140 -32.40 39.53 -8.77
CA SER F 140 -31.52 40.12 -9.79
C SER F 140 -31.44 41.63 -9.68
N TYR F 141 -32.59 42.25 -9.39
CA TYR F 141 -32.68 43.69 -9.18
C TYR F 141 -31.70 44.12 -8.11
N GLU F 142 -31.75 43.44 -6.97
CA GLU F 142 -30.87 43.75 -5.84
C GLU F 142 -29.40 43.56 -6.21
N LYS F 143 -29.09 42.47 -6.89
CA LYS F 143 -27.72 42.21 -7.34
C LYS F 143 -27.22 43.34 -8.25
N LEU F 144 -28.14 43.98 -8.97
CA LEU F 144 -27.81 45.12 -9.84
C LEU F 144 -27.67 46.44 -9.07
N MET F 145 -28.48 46.62 -8.03
CA MET F 145 -28.49 47.89 -7.29
C MET F 145 -27.22 48.17 -6.48
N ALA F 146 -26.69 47.15 -5.83
CA ALA F 146 -25.42 47.25 -5.10
C ALA F 146 -24.26 47.54 -6.06
N SER F 147 -24.37 47.01 -7.28
CA SER F 147 -23.36 47.18 -8.32
C SER F 147 -23.39 48.60 -8.89
N MET F 151 -28.60 55.43 -9.37
CA MET F 151 -29.05 55.04 -10.70
C MET F 151 -29.66 56.21 -11.47
N SER F 152 -29.08 56.52 -12.62
CA SER F 152 -29.47 57.67 -13.43
C SER F 152 -29.32 57.38 -14.91
N PHE F 153 -29.65 58.35 -15.75
CA PHE F 153 -29.50 58.24 -17.21
C PHE F 153 -28.03 58.13 -17.66
N SER F 154 -27.12 58.74 -16.89
CA SER F 154 -25.70 58.71 -17.23
C SER F 154 -25.12 57.30 -17.07
N SER F 155 -25.74 56.51 -16.20
CA SER F 155 -25.24 55.20 -15.80
C SER F 155 -25.07 54.23 -16.97
N PRO F 156 -23.89 53.59 -17.05
CA PRO F 156 -23.62 52.61 -18.11
C PRO F 156 -24.51 51.37 -18.00
N ASP F 157 -25.12 51.18 -16.84
CA ASP F 157 -26.05 50.08 -16.60
C ASP F 157 -27.52 50.50 -16.72
N PHE F 158 -27.76 51.66 -17.34
CA PHE F 158 -29.12 52.19 -17.44
C PHE F 158 -29.99 51.31 -18.33
N GLY F 159 -29.39 50.79 -19.40
CA GLY F 159 -30.04 49.83 -20.29
C GLY F 159 -30.44 48.57 -19.54
N HIS F 160 -29.52 48.06 -18.74
CA HIS F 160 -29.78 46.91 -17.88
C HIS F 160 -30.99 47.22 -16.99
N TYR F 161 -30.90 48.32 -16.26
CA TYR F 161 -31.93 48.78 -15.33
C TYR F 161 -33.32 48.84 -15.98
N LEU F 162 -33.38 49.30 -17.22
CA LEU F 162 -34.65 49.47 -17.92
C LEU F 162 -35.34 48.14 -18.15
N VAL F 163 -34.62 47.18 -18.74
CA VAL F 163 -35.14 45.85 -19.05
C VAL F 163 -35.52 45.09 -17.78
N LEU F 164 -34.78 45.31 -16.71
CA LEU F 164 -35.00 44.59 -15.48
C LEU F 164 -36.21 45.10 -14.71
N THR F 165 -36.34 46.43 -14.56
CA THR F 165 -37.49 47.03 -13.88
C THR F 165 -38.80 46.72 -14.61
N LYS F 166 -38.73 46.73 -15.94
CA LYS F 166 -39.86 46.41 -16.78
C LYS F 166 -40.28 44.97 -16.55
N ALA F 167 -39.30 44.07 -16.56
CA ALA F 167 -39.57 42.64 -16.41
C ALA F 167 -40.15 42.36 -15.04
N LEU F 168 -39.61 43.03 -14.03
CA LEU F 168 -40.09 42.92 -12.66
C LEU F 168 -41.53 43.44 -12.53
N GLU F 169 -41.79 44.61 -13.11
CA GLU F 169 -43.13 45.17 -13.05
C GLU F 169 -44.12 44.24 -13.73
N ARG F 170 -43.74 43.76 -14.93
CA ARG F 170 -44.53 42.79 -15.71
C ARG F 170 -44.96 41.56 -14.91
N GLU F 171 -44.07 41.01 -14.10
CA GLU F 171 -44.44 39.86 -13.26
C GLU F 171 -45.27 40.26 -12.02
N LYS F 172 -45.01 41.43 -11.45
CA LYS F 172 -45.83 41.94 -10.34
C LYS F 172 -47.27 42.10 -10.78
N ASN F 173 -47.44 42.70 -11.97
CA ASN F 173 -48.75 42.90 -12.57
C ASN F 173 -49.47 41.59 -12.81
N TYR F 174 -48.75 40.61 -13.34
CA TYR F 174 -49.30 39.29 -13.66
C TYR F 174 -49.73 38.53 -12.40
N VAL F 175 -48.93 38.63 -11.35
CA VAL F 175 -49.25 38.01 -10.07
C VAL F 175 -50.53 38.63 -9.48
N SER F 176 -50.56 39.96 -9.37
CA SER F 176 -51.73 40.63 -8.79
C SER F 176 -53.01 40.37 -9.58
N TRP F 177 -52.88 40.30 -10.91
CA TRP F 177 -54.02 40.03 -11.76
C TRP F 177 -54.55 38.63 -11.49
N LEU F 178 -53.67 37.63 -11.49
CA LEU F 178 -54.03 36.23 -11.27
C LEU F 178 -54.73 36.03 -9.92
N GLU F 179 -54.23 36.72 -8.90
CA GLU F 179 -54.83 36.66 -7.57
C GLU F 179 -56.26 37.23 -7.57
N SER F 180 -56.50 38.21 -8.45
CA SER F 180 -57.84 38.79 -8.60
C SER F 180 -58.81 37.78 -9.19
N ILE F 181 -58.36 37.02 -10.18
CA ILE F 181 -59.23 36.09 -10.88
C ILE F 181 -59.50 34.88 -9.98
N LEU F 182 -58.47 34.42 -9.27
CA LEU F 182 -58.60 33.31 -8.34
C LEU F 182 -59.58 33.59 -7.21
N ALA F 183 -59.65 34.85 -6.80
CA ALA F 183 -60.63 35.30 -5.81
C ALA F 183 -62.05 35.14 -6.34
N MET F 184 -62.21 35.37 -7.64
CA MET F 184 -63.49 35.18 -8.31
C MET F 184 -63.74 33.72 -8.64
N ILE F 185 -62.68 32.96 -8.93
CA ILE F 185 -62.82 31.54 -9.25
C ILE F 185 -63.14 30.72 -7.99
N ASP F 186 -62.27 30.81 -6.98
CA ASP F 186 -62.49 30.12 -5.70
C ASP F 186 -63.54 30.85 -4.85
N ARG G 8 -21.10 17.26 -3.96
CA ARG G 8 -20.40 17.22 -2.64
C ARG G 8 -20.93 16.12 -1.71
N VAL G 9 -21.16 14.93 -2.25
CA VAL G 9 -21.75 13.82 -1.49
C VAL G 9 -20.89 13.32 -0.32
N LEU G 10 -19.56 13.38 -0.46
CA LEU G 10 -18.65 12.96 0.62
C LEU G 10 -18.83 13.81 1.88
N LYS G 11 -19.16 15.08 1.70
CA LYS G 11 -19.46 15.98 2.81
C LYS G 11 -20.59 15.42 3.66
N TYR G 12 -21.65 14.95 3.01
CA TYR G 12 -22.76 14.41 3.76
C TYR G 12 -22.46 13.02 4.30
N ALA G 13 -21.49 12.34 3.69
CA ALA G 13 -21.07 11.02 4.17
C ALA G 13 -20.36 11.19 5.51
N ILE G 14 -19.51 12.21 5.60
CA ILE G 14 -18.80 12.49 6.82
C ILE G 14 -19.73 12.96 7.94
N LEU G 15 -20.66 13.86 7.61
CA LEU G 15 -21.62 14.37 8.59
C LEU G 15 -22.46 13.25 9.19
N GLY G 16 -22.82 12.29 8.35
CA GLY G 16 -23.70 11.22 8.79
C GLY G 16 -22.99 10.24 9.69
N LEU G 17 -21.76 9.91 9.32
CA LEU G 17 -20.94 9.02 10.11
C LEU G 17 -20.71 9.51 11.55
N LEU G 18 -20.74 10.83 11.74
CA LEU G 18 -20.45 11.45 13.04
C LEU G 18 -21.68 11.64 13.95
N ARG G 19 -22.86 11.30 13.43
CA ARG G 19 -24.15 11.55 14.07
C ARG G 19 -24.36 10.88 15.42
N LYS G 20 -23.42 10.05 15.86
CA LYS G 20 -23.54 9.29 17.10
C LYS G 20 -22.36 9.50 18.02
N GLY G 21 -21.44 10.38 17.62
CA GLY G 21 -20.28 10.71 18.43
C GLY G 21 -18.98 10.93 17.69
N GLU G 22 -17.97 11.35 18.44
CA GLU G 22 -16.62 11.62 17.95
C GLU G 22 -16.01 10.46 17.16
N LEU G 23 -15.32 10.81 16.06
CA LEU G 23 -14.54 9.87 15.25
C LEU G 23 -13.35 10.61 14.65
N SER G 24 -12.23 9.89 14.47
CA SER G 24 -11.06 10.44 13.79
C SER G 24 -11.17 10.26 12.28
N GLY G 25 -10.32 10.96 11.53
CA GLY G 25 -10.24 10.80 10.09
C GLY G 25 -9.93 9.35 9.73
N TYR G 26 -9.10 8.72 10.56
CA TYR G 26 -8.77 7.32 10.40
C TYR G 26 -9.98 6.41 10.62
N ASP G 27 -10.77 6.70 11.64
CA ASP G 27 -11.99 5.94 11.92
C ASP G 27 -12.99 6.06 10.78
N ILE G 28 -13.11 7.25 10.19
CA ILE G 28 -13.98 7.48 9.05
C ILE G 28 -13.54 6.66 7.83
N THR G 29 -12.25 6.74 7.51
CA THR G 29 -11.64 5.97 6.42
C THR G 29 -11.97 4.50 6.58
N SER G 30 -11.91 4.02 7.82
CA SER G 30 -12.26 2.64 8.14
C SER G 30 -13.72 2.30 7.82
N TYR G 31 -14.65 3.20 8.13
CA TYR G 31 -16.08 2.96 7.88
C TYR G 31 -16.39 2.78 6.39
N PHE G 32 -15.66 3.48 5.53
CA PHE G 32 -15.81 3.28 4.09
C PHE G 32 -15.27 1.93 3.62
N LYS G 33 -14.36 1.35 4.38
CA LYS G 33 -13.83 0.02 4.06
C LYS G 33 -14.72 -1.11 4.60
N GLU G 34 -15.69 -0.77 5.44
CA GLU G 34 -16.61 -1.78 6.00
C GLU G 34 -17.93 -1.83 5.21
N GLU G 35 -19.07 -1.96 5.89
CA GLU G 35 -20.36 -2.19 5.20
C GLU G 35 -20.84 -1.02 4.33
N LEU G 36 -20.47 0.20 4.70
CA LEU G 36 -20.76 1.38 3.89
C LEU G 36 -20.10 1.35 2.49
N GLY G 37 -18.93 0.71 2.38
CA GLY G 37 -18.18 0.61 1.13
C GLY G 37 -18.87 -0.09 -0.04
N GLN G 38 -20.00 -0.76 0.23
CA GLN G 38 -20.78 -1.36 -0.85
C GLN G 38 -21.49 -0.31 -1.69
N PHE G 39 -21.81 0.83 -1.07
CA PHE G 39 -22.67 1.83 -1.71
C PHE G 39 -22.04 3.21 -1.84
N TRP G 40 -20.92 3.40 -1.16
CA TRP G 40 -20.17 4.62 -1.30
C TRP G 40 -18.76 4.32 -0.83
N SER G 41 -17.79 5.07 -1.35
CA SER G 41 -16.41 4.78 -1.01
C SER G 41 -15.58 6.04 -1.10
N ALA G 42 -14.60 6.13 -0.21
CA ALA G 42 -13.71 7.25 -0.18
C ALA G 42 -12.41 6.81 0.48
N LYS G 43 -11.29 7.37 0.03
CA LYS G 43 -9.99 7.08 0.63
C LYS G 43 -9.54 8.21 1.57
N HIS G 44 -8.47 7.96 2.32
CA HIS G 44 -8.03 8.93 3.32
C HIS G 44 -7.54 10.23 2.68
N SER G 45 -7.06 10.13 1.45
CA SER G 45 -6.54 11.25 0.68
C SER G 45 -7.63 12.23 0.30
N GLN G 46 -8.87 11.76 0.24
CA GLN G 46 -10.01 12.62 -0.03
C GLN G 46 -10.65 13.11 1.27
N ILE G 47 -10.71 12.23 2.26
CA ILE G 47 -11.33 12.52 3.57
C ILE G 47 -10.62 13.63 4.36
N TYR G 48 -9.31 13.57 4.50
CA TYR G 48 -8.58 14.57 5.30
C TYR G 48 -8.73 16.04 4.85
N PRO G 49 -8.58 16.32 3.54
CA PRO G 49 -8.85 17.66 3.05
C PRO G 49 -10.31 18.07 3.28
N GLU G 50 -11.22 17.12 3.12
CA GLU G 50 -12.64 17.38 3.30
C GLU G 50 -12.98 17.72 4.75
N LEU G 51 -12.32 17.05 5.71
CA LEU G 51 -12.49 17.35 7.12
C LEU G 51 -12.05 18.75 7.50
N LYS G 52 -11.04 19.28 6.81
CA LYS G 52 -10.59 20.63 7.06
C LYS G 52 -11.57 21.62 6.46
N LYS G 53 -12.11 21.28 5.30
CA LYS G 53 -13.05 22.14 4.57
C LYS G 53 -14.41 22.25 5.30
N LEU G 54 -14.86 21.14 5.88
CA LEU G 54 -16.03 21.13 6.74
C LEU G 54 -15.82 21.90 8.05
N THR G 55 -14.58 21.99 8.51
CA THR G 55 -14.27 22.75 9.73
C THR G 55 -14.25 24.26 9.45
N ASP G 56 -13.62 24.66 8.34
CA ASP G 56 -13.64 26.05 7.90
C ASP G 56 -15.07 26.51 7.54
N GLU G 57 -15.97 25.56 7.30
CA GLU G 57 -17.36 25.86 6.96
C GLU G 57 -18.27 25.83 8.19
N GLY G 58 -17.74 25.39 9.32
CA GLY G 58 -18.46 25.38 10.58
C GLY G 58 -19.40 24.20 10.82
N PHE G 59 -19.35 23.21 9.94
CA PHE G 59 -20.23 22.05 10.08
C PHE G 59 -19.77 21.05 11.16
N ILE G 60 -18.46 20.91 11.33
CA ILE G 60 -17.91 20.05 12.39
C ILE G 60 -16.82 20.72 13.19
N THR G 61 -16.63 20.25 14.42
CA THR G 61 -15.56 20.72 15.30
C THR G 61 -14.66 19.56 15.74
N PHE G 62 -13.47 19.86 16.25
CA PHE G 62 -12.53 18.82 16.71
C PHE G 62 -11.74 19.18 17.98
N ARG G 63 -11.16 18.15 18.59
CA ARG G 63 -10.27 18.30 19.75
C ARG G 63 -9.09 17.35 19.58
N THR G 64 -7.88 17.87 19.76
CA THR G 64 -6.67 17.10 19.53
C THR G 64 -6.35 16.21 20.75
N THR G 65 -6.33 14.89 20.53
CA THR G 65 -5.92 13.93 21.56
C THR G 65 -4.64 13.14 21.21
N ILE G 66 -4.11 12.45 22.21
CA ILE G 66 -2.82 11.77 22.06
C ILE G 66 -2.90 10.28 22.35
N GLN G 67 -2.68 9.46 21.32
CA GLN G 67 -2.42 8.03 21.51
C GLN G 67 -0.98 7.82 21.94
N GLY G 68 -0.80 6.92 22.89
CA GLY G 68 0.52 6.64 23.45
C GLY G 68 1.07 7.86 24.17
N THR G 69 2.15 8.40 23.63
CA THR G 69 2.90 9.49 24.26
C THR G 69 3.02 10.74 23.36
N LYS G 70 3.01 10.54 22.05
CA LYS G 70 3.35 11.61 21.12
C LYS G 70 2.40 11.82 19.92
N LEU G 71 1.73 10.76 19.48
CA LEU G 71 0.94 10.79 18.24
C LEU G 71 -0.38 11.53 18.39
N GLU G 72 -0.54 12.62 17.63
CA GLU G 72 -1.75 13.46 17.68
C GLU G 72 -2.86 12.95 16.77
N LYS G 73 -4.09 13.10 17.25
CA LYS G 73 -5.27 12.50 16.65
C LYS G 73 -6.45 13.45 16.87
N LYS G 74 -7.13 13.82 15.79
CA LYS G 74 -8.23 14.79 15.85
C LYS G 74 -9.59 14.09 15.89
N MET G 75 -10.29 14.23 17.01
CA MET G 75 -11.62 13.65 17.16
C MET G 75 -12.68 14.66 16.77
N TYR G 76 -13.51 14.30 15.80
CA TYR G 76 -14.51 15.21 15.25
C TYR G 76 -15.93 14.97 15.79
N THR G 77 -16.59 16.05 16.21
CA THR G 77 -18.01 16.02 16.56
C THR G 77 -18.81 16.85 15.54
N LEU G 78 -20.13 16.67 15.52
CA LEU G 78 -21.04 17.51 14.75
C LEU G 78 -21.42 18.80 15.48
N THR G 79 -21.43 19.91 14.76
CA THR G 79 -21.95 21.18 15.30
C THR G 79 -23.46 21.24 15.07
N ASP G 80 -24.11 22.26 15.65
CA ASP G 80 -25.53 22.50 15.40
C ASP G 80 -25.80 22.82 13.93
N SER G 81 -24.91 23.64 13.37
CA SER G 81 -24.88 23.97 11.95
C SER G 81 -24.78 22.71 11.10
N GLY G 82 -23.92 21.78 11.53
CA GLY G 82 -23.75 20.49 10.86
C GLY G 82 -24.93 19.56 10.97
N LYS G 83 -25.58 19.56 12.13
CA LYS G 83 -26.74 18.71 12.35
C LYS G 83 -27.90 19.10 11.44
N GLN G 84 -28.08 20.39 11.22
CA GLN G 84 -29.15 20.87 10.36
C GLN G 84 -28.79 20.64 8.88
N GLU G 85 -27.51 20.75 8.56
CA GLU G 85 -27.03 20.57 7.19
C GLU G 85 -27.34 19.15 6.75
N LEU G 86 -27.00 18.19 7.63
CA LEU G 86 -27.28 16.78 7.42
C LEU G 86 -28.79 16.51 7.33
N HIS G 87 -29.55 17.11 8.25
CA HIS G 87 -30.99 16.93 8.27
C HIS G 87 -31.63 17.42 6.97
N ASP G 88 -31.23 18.60 6.50
CA ASP G 88 -31.79 19.19 5.28
C ASP G 88 -31.52 18.31 4.06
N TRP G 89 -30.37 17.64 4.08
CA TRP G 89 -30.00 16.73 3.01
C TRP G 89 -30.74 15.40 3.12
N LEU G 90 -30.82 14.87 4.34
CA LEU G 90 -31.56 13.63 4.58
C LEU G 90 -33.01 13.66 4.09
N ILE G 91 -33.70 14.79 4.26
CA ILE G 91 -35.12 14.89 3.90
C ILE G 91 -35.40 15.42 2.48
N ARG G 92 -34.38 15.96 1.81
CA ARG G 92 -34.49 16.48 0.45
C ARG G 92 -34.72 15.34 -0.56
N HIS G 93 -35.76 15.45 -1.39
CA HIS G 93 -36.04 14.41 -2.39
C HIS G 93 -35.20 14.61 -3.64
N GLN G 94 -34.09 13.88 -3.73
CA GLN G 94 -33.18 14.03 -4.86
C GLN G 94 -33.57 13.02 -5.95
N PRO G 95 -33.60 13.48 -7.23
CA PRO G 95 -33.96 12.60 -8.34
C PRO G 95 -33.05 11.37 -8.41
N ILE G 96 -33.63 10.23 -8.78
CA ILE G 96 -32.83 9.05 -8.99
C ILE G 96 -32.00 9.25 -10.26
N PRO G 97 -30.73 8.80 -10.23
CA PRO G 97 -29.89 8.96 -11.41
C PRO G 97 -30.26 7.92 -12.47
N GLU G 98 -30.11 8.27 -13.75
CA GLU G 98 -30.43 7.34 -14.84
C GLU G 98 -29.43 6.18 -14.94
N THR G 99 -28.15 6.53 -15.06
CA THR G 99 -27.06 5.57 -15.24
C THR G 99 -26.53 5.07 -13.92
N VAL G 100 -26.45 3.75 -13.77
CA VAL G 100 -25.76 3.16 -12.64
C VAL G 100 -24.79 2.15 -13.23
N LYS G 101 -23.51 2.53 -13.26
CA LYS G 101 -22.50 1.89 -14.12
C LYS G 101 -22.26 0.41 -13.87
N ASP G 102 -22.41 -0.39 -14.92
CA ASP G 102 -22.07 -1.81 -14.88
C ASP G 102 -21.32 -2.23 -16.14
N GLU G 103 -20.01 -2.38 -16.02
CA GLU G 103 -19.13 -2.71 -17.16
C GLU G 103 -19.48 -4.07 -17.76
N PHE G 104 -19.96 -5.00 -16.93
CA PHE G 104 -20.37 -6.30 -17.41
C PHE G 104 -21.61 -6.22 -18.30
N MET G 105 -22.52 -5.31 -17.95
CA MET G 105 -23.74 -5.13 -18.75
C MET G 105 -23.46 -4.55 -20.14
N LEU G 106 -22.39 -3.75 -20.24
CA LEU G 106 -21.90 -3.28 -21.51
C LEU G 106 -21.53 -4.47 -22.40
N LYS G 107 -20.87 -5.46 -21.82
CA LYS G 107 -20.54 -6.68 -22.56
C LYS G 107 -21.79 -7.44 -22.97
N ALA G 108 -22.79 -7.48 -22.10
CA ALA G 108 -24.04 -8.16 -22.40
C ALA G 108 -24.70 -7.55 -23.64
N TYR G 109 -24.57 -6.24 -23.77
CA TYR G 109 -25.16 -5.52 -24.88
C TYR G 109 -24.46 -5.84 -26.20
N PHE G 110 -23.20 -6.26 -26.12
CA PHE G 110 -22.40 -6.52 -27.31
C PHE G 110 -22.30 -8.03 -27.63
N ILE G 111 -23.23 -8.80 -27.07
CA ILE G 111 -23.19 -10.26 -27.09
C ILE G 111 -23.19 -10.91 -28.49
N SER G 112 -23.68 -10.18 -29.50
CA SER G 112 -23.59 -10.61 -30.90
C SER G 112 -22.16 -10.98 -31.33
N SER G 113 -21.17 -10.31 -30.73
CA SER G 113 -19.76 -10.47 -31.10
C SER G 113 -19.11 -11.71 -30.46
N LEU G 114 -19.94 -12.54 -29.83
CA LEU G 114 -19.49 -13.72 -29.09
C LEU G 114 -20.18 -15.02 -29.51
N SER G 115 -19.45 -16.13 -29.46
CA SER G 115 -20.02 -17.46 -29.69
C SER G 115 -20.96 -17.87 -28.56
N ARG G 116 -21.75 -18.92 -28.80
CA ARG G 116 -22.57 -19.50 -27.75
C ARG G 116 -21.69 -19.98 -26.60
N GLN G 117 -20.61 -20.70 -26.94
CA GLN G 117 -19.63 -21.16 -25.95
C GLN G 117 -18.91 -20.02 -25.26
N GLU G 118 -18.60 -18.96 -26.02
CA GLU G 118 -17.91 -17.79 -25.48
C GLU G 118 -18.80 -17.04 -24.48
N ALA G 119 -20.07 -16.88 -24.84
CA ALA G 119 -21.05 -16.24 -23.97
C ALA G 119 -21.26 -17.04 -22.69
N SER G 120 -21.33 -18.37 -22.84
CA SER G 120 -21.47 -19.26 -21.71
C SER G 120 -20.31 -19.12 -20.72
N ASP G 121 -19.07 -19.12 -21.23
CA ASP G 121 -17.89 -18.99 -20.36
C ASP G 121 -17.86 -17.65 -19.61
N LEU G 122 -18.14 -16.56 -20.32
CA LEU G 122 -18.21 -15.23 -19.72
C LEU G 122 -19.29 -15.08 -18.65
N PHE G 123 -20.46 -15.65 -18.92
CA PHE G 123 -21.60 -15.59 -18.00
C PHE G 123 -21.46 -16.57 -16.84
N THR G 124 -20.84 -17.73 -17.10
CA THR G 124 -20.56 -18.69 -16.04
C THR G 124 -19.61 -18.10 -14.99
N ASP G 125 -18.61 -17.36 -15.47
CA ASP G 125 -17.59 -16.79 -14.60
C ASP G 125 -18.14 -15.63 -13.77
N GLN G 126 -19.11 -14.90 -14.32
CA GLN G 126 -19.76 -13.82 -13.60
C GLN G 126 -20.63 -14.42 -12.50
N LEU G 127 -21.28 -15.54 -12.82
CA LEU G 127 -22.08 -16.27 -11.84
C LEU G 127 -21.30 -16.69 -10.58
N LEU G 128 -20.16 -17.35 -10.77
CA LEU G 128 -19.32 -17.81 -9.65
C LEU G 128 -18.84 -16.66 -8.76
N LYS G 129 -18.37 -15.58 -9.41
CA LYS G 129 -17.85 -14.41 -8.72
C LYS G 129 -18.91 -13.76 -7.84
N ARG G 130 -20.13 -13.68 -8.37
CA ARG G 130 -21.28 -13.12 -7.67
C ARG G 130 -21.73 -14.01 -6.51
N LYS G 131 -21.77 -15.31 -6.74
CA LYS G 131 -22.13 -16.27 -5.71
C LYS G 131 -21.15 -16.22 -4.54
N ALA G 132 -19.86 -16.00 -4.84
CA ALA G 132 -18.84 -15.86 -3.81
C ALA G 132 -19.07 -14.60 -2.98
N LYS G 133 -19.37 -13.50 -3.68
CA LYS G 133 -19.75 -12.23 -3.05
C LYS G 133 -21.04 -12.39 -2.22
N LEU G 134 -21.99 -13.16 -2.74
CA LEU G 134 -23.23 -13.43 -2.02
C LEU G 134 -23.00 -14.18 -0.71
N SER G 135 -22.07 -15.14 -0.72
CA SER G 135 -21.78 -15.96 0.45
C SER G 135 -21.05 -15.16 1.54
N ASP G 136 -20.22 -14.21 1.10
CA ASP G 136 -19.54 -13.29 2.01
C ASP G 136 -20.56 -12.38 2.70
N LEU G 137 -21.46 -11.81 1.91
CA LEU G 137 -22.51 -10.94 2.44
C LEU G 137 -23.50 -11.68 3.32
N GLN G 138 -23.89 -12.89 2.92
CA GLN G 138 -24.83 -13.67 3.72
C GLN G 138 -24.20 -14.08 5.05
N GLY G 139 -22.92 -14.43 5.02
CA GLY G 139 -22.16 -14.76 6.23
C GLY G 139 -22.07 -13.56 7.16
N SER G 140 -21.81 -12.40 6.56
CA SER G 140 -21.78 -11.12 7.26
C SER G 140 -23.14 -10.77 7.87
N TYR G 141 -24.20 -11.22 7.20
CA TYR G 141 -25.59 -11.01 7.65
C TYR G 141 -25.93 -11.86 8.89
N GLU G 142 -25.54 -13.13 8.86
CA GLU G 142 -25.81 -14.05 9.95
C GLU G 142 -25.12 -13.61 11.25
N LYS G 143 -24.00 -12.90 11.09
CA LYS G 143 -23.23 -12.38 12.22
C LYS G 143 -23.87 -11.12 12.80
N LEU G 144 -24.49 -10.31 11.95
CA LEU G 144 -25.19 -9.12 12.42
C LEU G 144 -26.50 -9.49 13.10
N MET G 145 -27.15 -10.54 12.61
CA MET G 145 -28.36 -11.05 13.23
C MET G 145 -28.03 -11.72 14.59
N ALA G 146 -27.61 -10.88 15.55
CA ALA G 146 -27.14 -11.32 16.86
C ALA G 146 -27.03 -10.12 17.81
N PRO G 150 -33.82 -9.79 17.76
CA PRO G 150 -34.82 -9.16 16.90
C PRO G 150 -34.30 -7.88 16.24
N MET G 151 -34.96 -7.47 15.14
CA MET G 151 -34.57 -6.30 14.36
C MET G 151 -35.78 -5.41 14.06
N SER G 152 -35.65 -4.11 14.33
CA SER G 152 -36.74 -3.15 14.12
C SER G 152 -36.21 -1.74 13.84
N PHE G 153 -37.08 -0.89 13.32
CA PHE G 153 -36.73 0.52 13.09
C PHE G 153 -36.07 1.12 14.32
N SER G 154 -36.60 0.76 15.49
CA SER G 154 -36.16 1.31 16.78
C SER G 154 -34.69 0.98 17.08
N SER G 155 -34.24 -0.17 16.58
CA SER G 155 -32.90 -0.69 16.87
C SER G 155 -31.77 0.24 16.41
N PRO G 156 -30.70 0.35 17.24
CA PRO G 156 -29.56 1.18 16.90
C PRO G 156 -28.79 0.67 15.68
N ASP G 157 -29.01 -0.59 15.31
CA ASP G 157 -28.33 -1.22 14.19
C ASP G 157 -29.26 -1.42 12.98
N PHE G 158 -30.20 -0.50 12.82
CA PHE G 158 -31.16 -0.57 11.72
C PHE G 158 -30.52 -0.10 10.42
N GLY G 159 -29.67 0.93 10.52
CA GLY G 159 -28.93 1.45 9.36
C GLY G 159 -28.02 0.39 8.75
N HIS G 160 -27.25 -0.26 9.62
CA HIS G 160 -26.40 -1.39 9.29
C HIS G 160 -27.21 -2.49 8.55
N TYR G 161 -28.38 -2.80 9.09
CA TYR G 161 -29.30 -3.79 8.51
C TYR G 161 -29.84 -3.38 7.15
N LEU G 162 -30.03 -2.08 6.95
CA LEU G 162 -30.48 -1.60 5.64
C LEU G 162 -29.42 -1.83 4.56
N VAL G 163 -28.18 -1.42 4.82
CA VAL G 163 -27.12 -1.56 3.83
C VAL G 163 -26.73 -3.02 3.55
N LEU G 164 -26.95 -3.89 4.54
CA LEU G 164 -26.71 -5.32 4.33
C LEU G 164 -27.82 -5.98 3.54
N THR G 165 -29.06 -5.69 3.92
CA THR G 165 -30.21 -6.29 3.22
C THR G 165 -30.21 -5.88 1.77
N LYS G 166 -29.93 -4.60 1.53
CA LYS G 166 -29.87 -4.06 0.17
C LYS G 166 -28.78 -4.73 -0.67
N ALA G 167 -27.58 -4.86 -0.10
CA ALA G 167 -26.47 -5.54 -0.77
C ALA G 167 -26.72 -7.04 -0.96
N LEU G 168 -27.43 -7.66 -0.02
CA LEU G 168 -27.83 -9.06 -0.14
C LEU G 168 -28.83 -9.24 -1.29
N GLU G 169 -29.92 -8.48 -1.26
CA GLU G 169 -30.94 -8.54 -2.31
C GLU G 169 -30.35 -8.26 -3.68
N ARG G 170 -29.43 -7.31 -3.73
CA ARG G 170 -28.74 -6.93 -4.96
C ARG G 170 -28.02 -8.12 -5.59
N GLU G 171 -27.24 -8.86 -4.79
CA GLU G 171 -26.52 -10.04 -5.30
C GLU G 171 -27.49 -11.17 -5.59
N LYS G 172 -28.42 -11.44 -4.67
CA LYS G 172 -29.49 -12.40 -4.92
C LYS G 172 -30.13 -12.16 -6.30
N ASN G 173 -30.52 -10.92 -6.56
CA ASN G 173 -31.13 -10.56 -7.85
C ASN G 173 -30.22 -10.77 -9.07
N TYR G 174 -28.96 -10.32 -8.97
CA TYR G 174 -27.97 -10.49 -10.05
C TYR G 174 -27.76 -11.97 -10.39
N VAL G 175 -27.53 -12.79 -9.36
CA VAL G 175 -27.35 -14.22 -9.51
C VAL G 175 -28.56 -14.87 -10.20
N SER G 176 -29.75 -14.49 -9.76
CA SER G 176 -31.01 -14.98 -10.33
C SER G 176 -31.11 -14.65 -11.83
N TRP G 177 -30.74 -13.42 -12.18
CA TRP G 177 -30.74 -12.98 -13.58
C TRP G 177 -29.75 -13.75 -14.43
N LEU G 178 -28.52 -13.90 -13.93
CA LEU G 178 -27.44 -14.60 -14.65
C LEU G 178 -27.80 -16.06 -14.93
N GLU G 179 -28.31 -16.77 -13.92
CA GLU G 179 -28.83 -18.13 -14.11
C GLU G 179 -29.85 -18.14 -15.24
N SER G 180 -30.89 -17.33 -15.09
CA SER G 180 -31.96 -17.22 -16.08
C SER G 180 -31.43 -17.05 -17.52
N ILE G 181 -30.46 -16.16 -17.70
CA ILE G 181 -29.85 -15.94 -19.02
C ILE G 181 -29.00 -17.12 -19.49
N LEU G 182 -28.17 -17.66 -18.60
CA LEU G 182 -27.40 -18.88 -18.88
C LEU G 182 -28.25 -20.07 -19.35
N ALA G 183 -29.51 -20.08 -18.96
CA ALA G 183 -30.45 -21.11 -19.40
C ALA G 183 -30.97 -20.78 -20.80
N MET G 184 -31.01 -19.49 -21.12
CA MET G 184 -31.46 -19.01 -22.42
C MET G 184 -30.36 -19.23 -23.46
N ILE G 185 -29.11 -19.05 -23.01
CA ILE G 185 -27.94 -19.23 -23.85
C ILE G 185 -27.68 -20.72 -24.09
N ASP G 186 -27.69 -21.48 -22.99
CA ASP G 186 -27.36 -22.89 -23.05
C ASP G 186 -28.60 -23.78 -22.99
N ARG H 8 -9.59 2.69 -19.81
CA ARG H 8 -10.74 3.36 -20.48
C ARG H 8 -11.77 2.35 -20.97
N VAL H 9 -12.87 2.26 -20.26
CA VAL H 9 -14.02 1.47 -20.66
C VAL H 9 -14.73 2.12 -21.85
N LEU H 10 -14.62 3.44 -21.97
CA LEU H 10 -15.22 4.19 -23.06
C LEU H 10 -14.69 3.70 -24.40
N LYS H 11 -13.39 3.46 -24.49
CA LYS H 11 -12.80 2.88 -25.70
C LYS H 11 -13.56 1.63 -26.16
N TYR H 12 -13.90 0.74 -25.22
CA TYR H 12 -14.59 -0.50 -25.59
C TYR H 12 -16.06 -0.28 -25.85
N ALA H 13 -16.67 0.67 -25.16
CA ALA H 13 -18.07 1.01 -25.43
C ALA H 13 -18.19 1.37 -26.91
N ILE H 14 -17.26 2.24 -27.38
CA ILE H 14 -17.21 2.62 -28.78
C ILE H 14 -16.91 1.45 -29.71
N LEU H 15 -15.82 0.72 -29.46
CA LEU H 15 -15.53 -0.47 -30.26
C LEU H 15 -16.77 -1.37 -30.40
N GLY H 16 -17.40 -1.68 -29.26
CA GLY H 16 -18.61 -2.47 -29.26
C GLY H 16 -19.77 -1.91 -30.06
N LEU H 17 -19.98 -0.61 -29.97
CA LEU H 17 -21.06 0.01 -30.73
C LEU H 17 -20.83 -0.08 -32.25
N LEU H 18 -19.56 -0.24 -32.68
CA LEU H 18 -19.21 -0.30 -34.12
C LEU H 18 -19.23 -1.72 -34.72
N ARG H 19 -19.58 -2.71 -33.89
CA ARG H 19 -19.49 -4.12 -34.25
C ARG H 19 -20.36 -4.58 -35.44
N LYS H 20 -21.47 -3.89 -35.68
CA LYS H 20 -22.40 -4.23 -36.77
C LYS H 20 -22.38 -3.19 -37.88
N GLY H 21 -21.42 -2.27 -37.85
CA GLY H 21 -21.30 -1.33 -38.94
C GLY H 21 -21.06 0.10 -38.56
N GLU H 22 -20.94 0.94 -39.58
CA GLU H 22 -20.47 2.31 -39.42
C GLU H 22 -21.44 3.19 -38.62
N LEU H 23 -20.87 4.04 -37.77
CA LEU H 23 -21.60 5.00 -36.97
C LEU H 23 -20.78 6.28 -36.90
N SER H 24 -21.45 7.42 -36.74
CA SER H 24 -20.75 8.68 -36.46
C SER H 24 -20.66 8.93 -34.96
N GLY H 25 -19.85 9.93 -34.61
CA GLY H 25 -19.82 10.43 -33.24
C GLY H 25 -21.22 10.73 -32.71
N TYR H 26 -22.06 11.36 -33.54
CA TYR H 26 -23.42 11.71 -33.13
C TYR H 26 -24.27 10.45 -32.87
N ASP H 27 -24.13 9.44 -33.72
CA ASP H 27 -24.81 8.15 -33.55
C ASP H 27 -24.46 7.51 -32.23
N ILE H 28 -23.15 7.41 -31.97
CA ILE H 28 -22.63 6.92 -30.72
C ILE H 28 -23.27 7.67 -29.57
N THR H 29 -23.11 9.00 -29.55
CA THR H 29 -23.71 9.82 -28.51
C THR H 29 -25.19 9.49 -28.27
N SER H 30 -25.95 9.27 -29.34
CA SER H 30 -27.36 8.88 -29.23
C SER H 30 -27.56 7.53 -28.54
N TYR H 31 -26.69 6.57 -28.82
CA TYR H 31 -26.84 5.23 -28.24
C TYR H 31 -26.66 5.28 -26.73
N PHE H 32 -25.73 6.11 -26.28
CA PHE H 32 -25.53 6.32 -24.84
C PHE H 32 -26.75 6.93 -24.18
N LYS H 33 -27.52 7.70 -24.93
CA LYS H 33 -28.79 8.26 -24.42
C LYS H 33 -29.95 7.27 -24.37
N GLU H 34 -29.82 6.14 -25.06
CA GLU H 34 -30.92 5.19 -25.17
C GLU H 34 -30.84 4.14 -24.06
N GLU H 35 -30.95 2.85 -24.39
CA GLU H 35 -31.07 1.83 -23.35
C GLU H 35 -29.73 1.49 -22.69
N LEU H 36 -28.64 1.68 -23.44
CA LEU H 36 -27.29 1.56 -22.87
C LEU H 36 -27.10 2.59 -21.74
N GLY H 37 -27.84 3.69 -21.83
CA GLY H 37 -27.83 4.71 -20.80
C GLY H 37 -28.01 4.24 -19.37
N GLN H 38 -28.72 3.13 -19.16
CA GLN H 38 -28.92 2.57 -17.82
C GLN H 38 -27.62 2.07 -17.19
N PHE H 39 -26.66 1.68 -18.03
CA PHE H 39 -25.47 0.96 -17.57
C PHE H 39 -24.11 1.60 -17.93
N TRP H 40 -24.11 2.49 -18.90
CA TRP H 40 -22.92 3.29 -19.18
C TRP H 40 -23.37 4.57 -19.83
N SER H 41 -22.68 5.67 -19.52
CA SER H 41 -22.98 6.93 -20.16
C SER H 41 -21.71 7.65 -20.60
N ALA H 42 -21.84 8.49 -21.61
CA ALA H 42 -20.77 9.31 -22.10
C ALA H 42 -21.36 10.44 -22.92
N LYS H 43 -20.81 11.63 -22.76
CA LYS H 43 -21.27 12.80 -23.50
C LYS H 43 -20.44 12.99 -24.76
N HIS H 44 -20.95 13.82 -25.67
CA HIS H 44 -20.26 14.08 -26.93
C HIS H 44 -18.88 14.69 -26.70
N SER H 45 -18.72 15.44 -25.61
CA SER H 45 -17.46 16.11 -25.33
C SER H 45 -16.35 15.12 -25.00
N GLN H 46 -16.74 13.91 -24.58
CA GLN H 46 -15.81 12.84 -24.30
C GLN H 46 -15.63 11.91 -25.51
N ILE H 47 -16.69 11.73 -26.28
CA ILE H 47 -16.69 10.80 -27.39
C ILE H 47 -15.80 11.29 -28.56
N TYR H 48 -15.87 12.57 -28.92
CA TYR H 48 -15.06 13.04 -30.07
C TYR H 48 -13.56 12.89 -29.90
N PRO H 49 -13.00 13.32 -28.75
CA PRO H 49 -11.58 13.06 -28.58
C PRO H 49 -11.24 11.58 -28.53
N GLU H 50 -12.15 10.76 -28.01
CA GLU H 50 -11.90 9.33 -27.93
C GLU H 50 -11.93 8.71 -29.35
N LEU H 51 -12.80 9.21 -30.21
CA LEU H 51 -12.80 8.74 -31.58
C LEU H 51 -11.47 9.03 -32.28
N LYS H 52 -10.88 10.18 -31.96
CA LYS H 52 -9.61 10.53 -32.57
C LYS H 52 -8.50 9.62 -32.06
N LYS H 53 -8.52 9.35 -30.76
CA LYS H 53 -7.46 8.57 -30.15
C LYS H 53 -7.50 7.12 -30.67
N LEU H 54 -8.69 6.57 -30.80
CA LEU H 54 -8.84 5.21 -31.32
C LEU H 54 -8.44 5.13 -32.80
N THR H 55 -8.60 6.24 -33.50
CA THR H 55 -8.17 6.34 -34.88
C THR H 55 -6.64 6.35 -34.98
N ASP H 56 -5.98 7.14 -34.13
CA ASP H 56 -4.50 7.16 -33.99
C ASP H 56 -3.92 5.82 -33.54
N GLU H 57 -4.65 5.12 -32.67
CA GLU H 57 -4.21 3.84 -32.14
C GLU H 57 -4.45 2.67 -33.10
N GLY H 58 -5.11 2.94 -34.23
CA GLY H 58 -5.36 1.94 -35.27
C GLY H 58 -6.56 1.02 -35.07
N PHE H 59 -7.39 1.29 -34.07
CA PHE H 59 -8.55 0.42 -33.82
C PHE H 59 -9.77 0.73 -34.71
N ILE H 60 -9.92 1.97 -35.15
CA ILE H 60 -10.98 2.31 -36.08
C ILE H 60 -10.45 3.21 -37.16
N THR H 61 -11.23 3.39 -38.21
CA THR H 61 -10.89 4.32 -39.24
C THR H 61 -12.19 5.02 -39.66
N PHE H 62 -12.10 6.04 -40.51
CA PHE H 62 -13.29 6.78 -40.88
C PHE H 62 -13.29 7.28 -42.29
N ARG H 63 -14.48 7.51 -42.82
CA ARG H 63 -14.65 8.22 -44.08
C ARG H 63 -15.56 9.43 -43.81
N THR H 64 -15.38 10.47 -44.62
CA THR H 64 -16.17 11.67 -44.55
C THR H 64 -17.32 11.56 -45.54
N THR H 65 -18.54 11.75 -45.04
CA THR H 65 -19.74 11.81 -45.89
C THR H 65 -20.43 13.17 -45.70
N ILE H 66 -21.24 13.58 -46.70
CA ILE H 66 -21.97 14.84 -46.64
C ILE H 66 -23.48 14.68 -46.38
N GLN H 67 -23.94 15.26 -45.27
CA GLN H 67 -25.38 15.41 -45.01
C GLN H 67 -25.82 16.70 -45.69
N GLY H 68 -26.88 16.60 -46.50
CA GLY H 68 -27.39 17.74 -47.25
C GLY H 68 -26.48 18.14 -48.40
N THR H 69 -25.84 19.29 -48.24
CA THR H 69 -25.01 19.91 -49.27
C THR H 69 -23.63 20.28 -48.73
N LYS H 70 -23.56 20.61 -47.44
CA LYS H 70 -22.37 21.23 -46.86
C LYS H 70 -21.89 20.57 -45.58
N LEU H 71 -22.80 19.88 -44.89
CA LEU H 71 -22.50 19.33 -43.56
C LEU H 71 -21.73 18.02 -43.60
N GLU H 72 -20.53 18.05 -43.04
CA GLU H 72 -19.66 16.89 -43.04
C GLU H 72 -19.86 16.03 -41.83
N LYS H 73 -19.82 14.72 -42.07
CA LYS H 73 -20.00 13.72 -41.04
C LYS H 73 -18.88 12.72 -41.19
N LYS H 74 -18.34 12.24 -40.07
CA LYS H 74 -17.32 11.18 -40.12
C LYS H 74 -17.90 9.84 -39.66
N MET H 75 -17.88 8.86 -40.57
CA MET H 75 -18.39 7.52 -40.29
C MET H 75 -17.23 6.59 -39.97
N TYR H 76 -17.26 5.99 -38.79
CA TYR H 76 -16.20 5.11 -38.35
C TYR H 76 -16.56 3.66 -38.55
N THR H 77 -15.57 2.84 -38.85
CA THR H 77 -15.72 1.39 -38.86
C THR H 77 -14.54 0.78 -38.15
N LEU H 78 -14.76 -0.42 -37.59
CA LEU H 78 -13.69 -1.16 -36.95
C LEU H 78 -12.66 -1.68 -37.94
N THR H 79 -11.40 -1.64 -37.54
CA THR H 79 -10.35 -2.40 -38.22
C THR H 79 -10.33 -3.83 -37.66
N ASP H 80 -9.55 -4.70 -38.32
CA ASP H 80 -9.25 -6.02 -37.78
C ASP H 80 -8.54 -5.92 -36.43
N SER H 81 -7.64 -4.94 -36.31
CA SER H 81 -6.97 -4.63 -35.04
C SER H 81 -7.99 -4.30 -33.95
N GLY H 82 -9.00 -3.49 -34.28
CA GLY H 82 -10.07 -3.13 -33.37
C GLY H 82 -11.02 -4.28 -33.04
N LYS H 83 -11.37 -5.06 -34.06
CA LYS H 83 -12.26 -6.24 -33.90
C LYS H 83 -11.66 -7.21 -32.91
N GLN H 84 -10.34 -7.38 -32.98
CA GLN H 84 -9.61 -8.25 -32.09
C GLN H 84 -9.51 -7.64 -30.67
N GLU H 85 -9.34 -6.32 -30.61
CA GLU H 85 -9.24 -5.60 -29.34
C GLU H 85 -10.53 -5.75 -28.53
N LEU H 86 -11.66 -5.60 -29.23
CA LEU H 86 -12.98 -5.82 -28.65
C LEU H 86 -13.17 -7.24 -28.11
N HIS H 87 -12.88 -8.23 -28.96
CA HIS H 87 -12.98 -9.65 -28.63
C HIS H 87 -12.19 -10.01 -27.37
N ASP H 88 -10.93 -9.57 -27.29
CA ASP H 88 -10.08 -9.87 -26.15
C ASP H 88 -10.73 -9.42 -24.82
N TRP H 89 -11.29 -8.21 -24.85
CA TRP H 89 -11.85 -7.57 -23.67
C TRP H 89 -13.16 -8.22 -23.27
N LEU H 90 -13.95 -8.64 -24.26
CA LEU H 90 -15.22 -9.33 -24.00
C LEU H 90 -15.02 -10.66 -23.27
N ILE H 91 -14.05 -11.45 -23.70
CA ILE H 91 -13.80 -12.78 -23.13
C ILE H 91 -12.94 -12.75 -21.85
N ARG H 92 -12.33 -11.60 -21.57
CA ARG H 92 -11.55 -11.35 -20.36
C ARG H 92 -12.47 -11.30 -19.12
N HIS H 93 -12.14 -12.09 -18.09
CA HIS H 93 -12.94 -12.14 -16.87
C HIS H 93 -12.54 -11.06 -15.86
N GLN H 94 -13.27 -9.94 -15.88
CA GLN H 94 -12.99 -8.83 -14.99
C GLN H 94 -13.62 -9.10 -13.61
N PRO H 95 -12.81 -8.99 -12.53
CA PRO H 95 -13.34 -9.13 -11.16
C PRO H 95 -14.43 -8.09 -10.93
N ILE H 96 -15.43 -8.44 -10.13
CA ILE H 96 -16.53 -7.50 -9.91
C ILE H 96 -16.14 -6.39 -8.93
N PRO H 97 -16.49 -5.13 -9.26
CA PRO H 97 -16.20 -4.00 -8.38
C PRO H 97 -16.88 -4.12 -7.01
N GLU H 98 -16.16 -3.71 -5.97
CA GLU H 98 -16.68 -3.73 -4.60
C GLU H 98 -17.80 -2.70 -4.40
N THR H 99 -17.59 -1.47 -4.87
CA THR H 99 -18.57 -0.38 -4.66
C THR H 99 -19.39 -0.10 -5.91
N VAL H 100 -20.71 -0.02 -5.73
CA VAL H 100 -21.57 0.56 -6.75
C VAL H 100 -22.40 1.69 -6.14
N LYS H 101 -22.03 2.92 -6.50
CA LYS H 101 -22.54 4.13 -5.86
C LYS H 101 -24.06 4.25 -5.84
N ASP H 102 -24.59 4.57 -4.66
CA ASP H 102 -26.00 4.84 -4.48
C ASP H 102 -26.22 5.79 -3.29
N GLU H 103 -26.44 7.06 -3.62
CA GLU H 103 -26.61 8.11 -2.64
C GLU H 103 -27.74 7.82 -1.65
N PHE H 104 -28.77 7.12 -2.11
CA PHE H 104 -29.90 6.85 -1.23
C PHE H 104 -29.51 5.87 -0.13
N MET H 105 -28.69 4.89 -0.48
CA MET H 105 -28.24 3.92 0.51
C MET H 105 -27.40 4.55 1.61
N LEU H 106 -26.67 5.61 1.27
CA LEU H 106 -25.98 6.41 2.26
C LEU H 106 -27.01 6.95 3.25
N LYS H 107 -28.08 7.53 2.72
CA LYS H 107 -29.14 8.08 3.54
C LYS H 107 -29.74 7.02 4.44
N ALA H 108 -30.04 5.86 3.86
CA ALA H 108 -30.56 4.74 4.61
C ALA H 108 -29.64 4.36 5.78
N TYR H 109 -28.34 4.25 5.54
CA TYR H 109 -27.37 3.99 6.60
C TYR H 109 -27.48 4.95 7.80
N PHE H 110 -27.80 6.21 7.51
CA PHE H 110 -27.87 7.27 8.52
C PHE H 110 -29.24 7.39 9.20
N ILE H 111 -30.10 6.40 8.96
CA ILE H 111 -31.51 6.38 9.39
C ILE H 111 -31.78 6.87 10.83
N SER H 112 -30.84 6.61 11.74
CA SER H 112 -30.99 6.99 13.15
C SER H 112 -31.22 8.50 13.34
N SER H 113 -30.77 9.30 12.36
CA SER H 113 -30.94 10.75 12.40
C SER H 113 -32.31 11.24 11.94
N LEU H 114 -33.25 10.30 11.74
CA LEU H 114 -34.58 10.66 11.27
C LEU H 114 -35.67 10.13 12.21
N SER H 115 -36.75 10.89 12.34
CA SER H 115 -37.97 10.41 12.98
C SER H 115 -38.63 9.37 12.08
N ARG H 116 -39.44 8.52 12.69
CA ARG H 116 -40.22 7.51 11.98
C ARG H 116 -41.04 8.15 10.85
N GLN H 117 -41.58 9.33 11.09
CA GLN H 117 -42.36 10.05 10.07
C GLN H 117 -41.48 10.53 8.93
N GLU H 118 -40.35 11.14 9.28
CA GLU H 118 -39.41 11.65 8.30
C GLU H 118 -38.89 10.53 7.41
N ALA H 119 -38.64 9.36 8.01
CA ALA H 119 -38.13 8.19 7.30
C ALA H 119 -39.21 7.54 6.45
N SER H 120 -40.46 7.77 6.80
CA SER H 120 -41.58 7.29 6.01
C SER H 120 -41.69 8.12 4.74
N ASP H 121 -41.57 9.44 4.89
CA ASP H 121 -41.67 10.36 3.75
C ASP H 121 -40.48 10.24 2.79
N LEU H 122 -39.33 9.85 3.30
CA LEU H 122 -38.16 9.63 2.45
C LEU H 122 -38.23 8.33 1.65
N PHE H 123 -38.62 7.25 2.31
CA PHE H 123 -38.76 5.98 1.64
C PHE H 123 -40.01 5.96 0.75
N THR H 124 -41.03 6.73 1.11
CA THR H 124 -42.23 6.83 0.27
C THR H 124 -41.92 7.60 -1.02
N ASP H 125 -41.16 8.69 -0.90
CA ASP H 125 -40.71 9.44 -2.09
C ASP H 125 -39.86 8.62 -3.05
N GLN H 126 -38.96 7.81 -2.49
CA GLN H 126 -38.06 6.97 -3.25
C GLN H 126 -38.83 5.85 -3.97
N LEU H 127 -39.80 5.26 -3.27
CA LEU H 127 -40.67 4.21 -3.83
C LEU H 127 -41.53 4.76 -4.97
N LEU H 128 -42.09 5.96 -4.74
CA LEU H 128 -42.91 6.67 -5.71
C LEU H 128 -42.09 6.86 -6.99
N LYS H 129 -40.87 7.37 -6.85
CA LYS H 129 -39.99 7.65 -8.00
C LYS H 129 -39.52 6.38 -8.73
N ARG H 130 -39.24 5.33 -7.97
CA ARG H 130 -38.78 4.08 -8.58
C ARG H 130 -39.90 3.29 -9.23
N LYS H 131 -41.13 3.41 -8.72
CA LYS H 131 -42.28 2.89 -9.45
C LYS H 131 -42.40 3.57 -10.82
N ALA H 132 -42.13 4.88 -10.85
CA ALA H 132 -42.19 5.64 -12.09
C ALA H 132 -41.12 5.20 -13.09
N LYS H 133 -39.91 4.94 -12.56
CA LYS H 133 -38.83 4.41 -13.38
C LYS H 133 -39.20 3.04 -13.93
N LEU H 134 -39.55 2.13 -13.02
CA LEU H 134 -39.98 0.78 -13.38
C LEU H 134 -41.08 0.74 -14.44
N SER H 135 -42.06 1.62 -14.31
CA SER H 135 -43.15 1.71 -15.29
C SER H 135 -42.64 2.08 -16.68
N ASP H 136 -41.75 3.06 -16.74
CA ASP H 136 -41.12 3.50 -17.99
C ASP H 136 -40.33 2.38 -18.67
N LEU H 137 -39.60 1.60 -17.87
CA LEU H 137 -38.88 0.42 -18.36
C LEU H 137 -39.83 -0.69 -18.82
N GLN H 138 -40.89 -0.93 -18.05
CA GLN H 138 -41.90 -1.92 -18.42
C GLN H 138 -42.51 -1.56 -19.77
N GLY H 139 -42.52 -0.27 -20.08
CA GLY H 139 -43.04 0.23 -21.35
C GLY H 139 -42.13 -0.09 -22.53
N SER H 140 -40.82 0.05 -22.29
CA SER H 140 -39.81 -0.22 -23.31
C SER H 140 -39.72 -1.70 -23.60
N TYR H 141 -39.93 -2.51 -22.55
CA TYR H 141 -39.87 -3.96 -22.63
C TYR H 141 -40.99 -4.51 -23.50
N GLU H 142 -42.15 -3.86 -23.46
CA GLU H 142 -43.30 -4.32 -24.21
C GLU H 142 -43.26 -3.83 -25.65
N LYS H 143 -42.69 -2.65 -25.87
CA LYS H 143 -42.46 -2.14 -27.23
C LYS H 143 -41.44 -3.00 -27.97
N LEU H 144 -40.45 -3.51 -27.24
CA LEU H 144 -39.45 -4.42 -27.82
C LEU H 144 -40.03 -5.80 -28.11
N MET H 145 -40.93 -6.26 -27.25
CA MET H 145 -41.51 -7.59 -27.44
C MET H 145 -42.46 -7.68 -28.62
N ALA H 146 -43.23 -6.61 -28.86
CA ALA H 146 -44.13 -6.53 -30.01
C ALA H 146 -43.39 -6.74 -31.33
N SER H 147 -42.17 -6.18 -31.40
CA SER H 147 -41.25 -6.37 -32.51
C SER H 147 -40.75 -7.82 -32.52
N PRO H 150 -40.66 -13.32 -30.36
CA PRO H 150 -40.09 -14.49 -29.71
C PRO H 150 -38.56 -14.37 -29.56
N MET H 151 -38.11 -14.24 -28.32
CA MET H 151 -36.70 -13.96 -28.00
C MET H 151 -35.88 -15.23 -27.76
N SER H 152 -34.67 -15.24 -28.31
CA SER H 152 -33.70 -16.33 -28.14
C SER H 152 -32.28 -15.80 -28.34
N PHE H 153 -31.29 -16.58 -27.93
CA PHE H 153 -29.88 -16.20 -28.06
C PHE H 153 -29.51 -15.78 -29.48
N SER H 154 -30.19 -16.36 -30.46
CA SER H 154 -29.90 -16.10 -31.88
C SER H 154 -30.38 -14.72 -32.33
N SER H 155 -31.40 -14.19 -31.66
CA SER H 155 -32.04 -12.94 -32.06
C SER H 155 -31.07 -11.74 -32.17
N PRO H 156 -31.22 -10.92 -33.22
CA PRO H 156 -30.42 -9.72 -33.35
C PRO H 156 -30.62 -8.75 -32.19
N ASP H 157 -31.78 -8.83 -31.54
CA ASP H 157 -32.12 -7.94 -30.42
C ASP H 157 -31.82 -8.52 -29.04
N PHE H 158 -31.01 -9.59 -28.98
CA PHE H 158 -30.72 -10.24 -27.70
C PHE H 158 -29.98 -9.33 -26.70
N GLY H 159 -28.98 -8.59 -27.21
CA GLY H 159 -28.20 -7.63 -26.40
C GLY H 159 -29.08 -6.56 -25.78
N HIS H 160 -29.89 -5.95 -26.63
CA HIS H 160 -30.95 -5.02 -26.24
C HIS H 160 -31.83 -5.62 -25.12
N TYR H 161 -32.29 -6.85 -25.36
CA TYR H 161 -33.13 -7.58 -24.41
C TYR H 161 -32.42 -7.78 -23.07
N LEU H 162 -31.14 -8.16 -23.12
CA LEU H 162 -30.34 -8.34 -21.91
C LEU H 162 -30.26 -7.08 -21.04
N VAL H 163 -29.91 -5.91 -21.63
CA VAL H 163 -29.82 -4.67 -20.84
C VAL H 163 -31.19 -4.26 -20.31
N LEU H 164 -32.24 -4.50 -21.10
CA LEU H 164 -33.59 -4.20 -20.62
C LEU H 164 -34.00 -5.08 -19.44
N THR H 165 -33.94 -6.40 -19.60
CA THR H 165 -34.31 -7.29 -18.52
C THR H 165 -33.50 -7.01 -17.24
N LYS H 166 -32.20 -6.76 -17.39
CA LYS H 166 -31.39 -6.42 -16.22
C LYS H 166 -31.92 -5.19 -15.52
N ALA H 167 -32.12 -4.13 -16.31
CA ALA H 167 -32.63 -2.85 -15.80
C ALA H 167 -34.01 -2.98 -15.17
N LEU H 168 -34.87 -3.85 -15.73
CA LEU H 168 -36.16 -4.12 -15.15
C LEU H 168 -36.04 -4.83 -13.81
N GLU H 169 -35.24 -5.90 -13.78
CA GLU H 169 -35.03 -6.70 -12.58
C GLU H 169 -34.43 -5.88 -11.45
N ARG H 170 -33.41 -5.09 -11.79
CA ARG H 170 -32.79 -4.15 -10.87
C ARG H 170 -33.86 -3.31 -10.16
N GLU H 171 -34.82 -2.82 -10.94
CA GLU H 171 -35.79 -1.84 -10.48
C GLU H 171 -36.94 -2.49 -9.71
N LYS H 172 -37.37 -3.66 -10.18
CA LYS H 172 -38.34 -4.45 -9.44
C LYS H 172 -37.76 -4.76 -8.06
N ASN H 173 -36.50 -5.18 -8.03
CA ASN H 173 -35.81 -5.50 -6.79
C ASN H 173 -35.74 -4.33 -5.81
N TYR H 174 -35.36 -3.16 -6.31
CA TYR H 174 -35.37 -1.94 -5.50
C TYR H 174 -36.79 -1.67 -4.98
N VAL H 175 -37.77 -1.55 -5.90
CA VAL H 175 -39.17 -1.31 -5.52
C VAL H 175 -39.66 -2.27 -4.42
N SER H 176 -39.31 -3.54 -4.55
CA SER H 176 -39.70 -4.54 -3.57
C SER H 176 -38.98 -4.36 -2.24
N TRP H 177 -37.72 -3.93 -2.31
CA TRP H 177 -36.95 -3.72 -1.10
C TRP H 177 -37.52 -2.56 -0.29
N LEU H 178 -37.83 -1.46 -0.98
CA LEU H 178 -38.43 -0.28 -0.34
C LEU H 178 -39.74 -0.58 0.40
N GLU H 179 -40.64 -1.33 -0.24
CA GLU H 179 -41.92 -1.73 0.37
C GLU H 179 -41.69 -2.48 1.67
N SER H 180 -40.79 -3.45 1.61
CA SER H 180 -40.36 -4.21 2.77
C SER H 180 -39.88 -3.30 3.91
N ILE H 181 -39.03 -2.32 3.59
CA ILE H 181 -38.54 -1.38 4.61
C ILE H 181 -39.63 -0.40 5.07
N LEU H 182 -40.49 0.02 4.14
CA LEU H 182 -41.66 0.84 4.49
C LEU H 182 -42.57 0.11 5.47
N ALA H 183 -42.87 -1.16 5.18
CA ALA H 183 -43.71 -1.98 6.05
C ALA H 183 -43.08 -2.12 7.44
N MET H 184 -41.75 -2.08 7.48
CA MET H 184 -41.00 -2.26 8.71
C MET H 184 -40.93 -0.98 9.54
N ILE H 185 -41.09 0.17 8.88
CA ILE H 185 -41.11 1.46 9.57
C ILE H 185 -42.49 1.76 10.16
N ASP H 186 -43.53 1.41 9.42
CA ASP H 186 -44.90 1.71 9.80
C ASP H 186 -45.62 0.48 10.37
N ASP I 5 -2.21 -11.60 11.50
CA ASP I 5 -1.92 -12.91 12.16
C ASP I 5 -0.42 -13.25 12.09
N PRO I 6 0.26 -13.28 13.25
CA PRO I 6 1.71 -13.52 13.35
C PRO I 6 2.19 -14.86 12.77
N MET I 7 3.36 -14.86 12.14
CA MET I 7 3.90 -16.03 11.46
C MET I 7 4.09 -17.23 12.40
N ARG I 8 4.74 -16.98 13.54
CA ARG I 8 4.99 -17.98 14.58
C ARG I 8 5.74 -19.24 14.11
N VAL I 9 6.72 -19.03 13.24
CA VAL I 9 7.48 -20.12 12.64
C VAL I 9 8.11 -21.07 13.66
N LEU I 10 8.70 -20.54 14.74
CA LEU I 10 9.28 -21.35 15.81
C LEU I 10 8.29 -22.39 16.36
N LYS I 11 7.06 -21.96 16.61
CA LYS I 11 5.98 -22.87 16.99
C LYS I 11 5.94 -24.09 16.06
N TYR I 12 5.93 -23.84 14.76
CA TYR I 12 5.84 -24.92 13.78
C TYR I 12 7.15 -25.69 13.61
N ALA I 13 8.27 -25.02 13.87
CA ALA I 13 9.55 -25.70 13.90
C ALA I 13 9.55 -26.73 15.02
N ILE I 14 9.05 -26.32 16.20
CA ILE I 14 9.02 -27.20 17.37
C ILE I 14 8.03 -28.35 17.17
N LEU I 15 6.83 -28.04 16.69
CA LEU I 15 5.82 -29.08 16.44
C LEU I 15 6.34 -30.14 15.47
N GLY I 16 7.10 -29.70 14.46
CA GLY I 16 7.66 -30.60 13.44
C GLY I 16 8.74 -31.50 13.98
N LEU I 17 9.62 -30.93 14.81
CA LEU I 17 10.67 -31.69 15.46
C LEU I 17 10.13 -32.83 16.33
N LEU I 18 8.84 -32.71 16.70
CA LEU I 18 8.18 -33.67 17.58
C LEU I 18 7.25 -34.64 16.83
N ARG I 19 7.25 -34.58 15.51
CA ARG I 19 6.37 -35.41 14.67
C ARG I 19 6.60 -36.92 14.80
N LYS I 20 7.81 -37.32 15.22
CA LYS I 20 8.21 -38.72 15.26
C LYS I 20 8.36 -39.28 16.68
N GLY I 21 8.12 -38.45 17.69
CA GLY I 21 8.20 -38.91 19.08
C GLY I 21 8.69 -37.89 20.09
N GLU I 22 8.74 -38.32 21.35
CA GLU I 22 9.05 -37.45 22.49
C GLU I 22 10.43 -36.81 22.39
N LEU I 23 10.50 -35.53 22.75
CA LEU I 23 11.76 -34.78 22.81
C LEU I 23 11.80 -33.83 24.00
N SER I 24 13.00 -33.58 24.49
CA SER I 24 13.23 -32.58 25.52
C SER I 24 13.44 -31.23 24.86
N GLY I 25 13.64 -30.21 25.69
CA GLY I 25 13.92 -28.86 25.20
C GLY I 25 15.35 -28.73 24.71
N TYR I 26 16.27 -29.37 25.42
CA TYR I 26 17.69 -29.39 25.06
C TYR I 26 17.90 -30.16 23.75
N ASP I 27 17.20 -31.28 23.61
CA ASP I 27 17.21 -32.06 22.37
C ASP I 27 16.78 -31.20 21.19
N ILE I 28 15.78 -30.35 21.39
CA ILE I 28 15.35 -29.39 20.37
C ILE I 28 16.47 -28.39 20.03
N THR I 29 17.10 -27.82 21.06
CA THR I 29 18.25 -26.93 20.85
C THR I 29 19.33 -27.64 20.02
N SER I 30 19.59 -28.91 20.36
CA SER I 30 20.52 -29.76 19.61
C SER I 30 20.23 -29.78 18.11
N TYR I 31 18.97 -30.07 17.74
CA TYR I 31 18.60 -30.18 16.33
C TYR I 31 18.89 -28.91 15.54
N PHE I 32 18.63 -27.77 16.16
CA PHE I 32 18.94 -26.46 15.56
C PHE I 32 20.46 -26.22 15.37
N LYS I 33 21.28 -26.97 16.12
CA LYS I 33 22.72 -26.84 15.97
C LYS I 33 23.29 -27.77 14.92
N GLU I 34 22.44 -28.67 14.39
CA GLU I 34 22.87 -29.63 13.36
C GLU I 34 22.49 -29.19 11.94
N GLU I 35 21.96 -30.11 11.13
CA GLU I 35 21.74 -29.84 9.70
C GLU I 35 20.56 -28.91 9.40
N LEU I 36 19.54 -28.91 10.26
CA LEU I 36 18.39 -28.01 10.12
C LEU I 36 18.81 -26.57 10.36
N GLY I 37 19.85 -26.40 11.17
CA GLY I 37 20.41 -25.09 11.51
C GLY I 37 20.92 -24.29 10.32
N GLN I 38 20.94 -24.90 9.15
CA GLN I 38 21.32 -24.20 7.93
C GLN I 38 20.14 -23.37 7.43
N PHE I 39 18.94 -23.71 7.88
CA PHE I 39 17.72 -23.10 7.36
C PHE I 39 16.79 -22.54 8.44
N TRP I 40 16.85 -23.09 9.64
CA TRP I 40 16.20 -22.47 10.80
C TRP I 40 16.94 -22.74 12.09
N SER I 41 17.16 -21.69 12.88
CA SER I 41 17.81 -21.84 14.18
C SER I 41 17.04 -21.10 15.25
N ALA I 42 17.22 -21.53 16.49
CA ALA I 42 16.67 -20.85 17.64
C ALA I 42 17.52 -21.12 18.88
N LYS I 43 17.85 -20.05 19.60
CA LYS I 43 18.59 -20.15 20.85
C LYS I 43 17.68 -20.70 21.96
N HIS I 44 18.29 -21.28 22.99
CA HIS I 44 17.54 -21.89 24.09
C HIS I 44 16.63 -20.90 24.82
N SER I 45 17.06 -19.65 24.88
CA SER I 45 16.33 -18.56 25.54
C SER I 45 14.99 -18.24 24.86
N GLN I 46 14.82 -18.75 23.64
CA GLN I 46 13.59 -18.56 22.90
C GLN I 46 12.74 -19.81 22.95
N ILE I 47 13.39 -20.96 23.05
CA ILE I 47 12.72 -22.26 22.94
C ILE I 47 11.97 -22.64 24.21
N TYR I 48 12.64 -22.58 25.36
CA TYR I 48 12.03 -22.93 26.64
C TYR I 48 10.78 -22.12 26.96
N PRO I 49 10.79 -20.78 26.72
CA PRO I 49 9.55 -20.02 26.85
C PRO I 49 8.47 -20.45 25.85
N GLU I 50 8.89 -20.77 24.63
CA GLU I 50 7.94 -21.18 23.59
C GLU I 50 7.23 -22.50 23.94
N LEU I 51 7.97 -23.44 24.51
CA LEU I 51 7.42 -24.74 24.92
C LEU I 51 6.32 -24.61 25.97
N LYS I 52 6.50 -23.74 26.94
CA LYS I 52 5.50 -23.47 27.98
C LYS I 52 4.24 -22.91 27.36
N LYS I 53 4.44 -21.94 26.46
CA LYS I 53 3.35 -21.31 25.74
C LYS I 53 2.59 -22.34 24.92
N LEU I 54 3.32 -23.27 24.31
CA LEU I 54 2.73 -24.33 23.50
C LEU I 54 1.99 -25.37 24.34
N THR I 55 2.40 -25.53 25.60
CA THR I 55 1.72 -26.42 26.54
C THR I 55 0.38 -25.84 26.97
N ASP I 56 0.35 -24.52 27.15
CA ASP I 56 -0.85 -23.78 27.52
C ASP I 56 -1.86 -23.70 26.37
N GLU I 57 -1.33 -23.67 25.15
CA GLU I 57 -2.15 -23.65 23.94
C GLU I 57 -2.66 -25.04 23.55
N GLY I 58 -2.19 -26.05 24.26
CA GLY I 58 -2.68 -27.42 24.13
C GLY I 58 -2.19 -28.23 22.93
N PHE I 59 -1.18 -27.71 22.22
CA PHE I 59 -0.60 -28.41 21.06
C PHE I 59 0.34 -29.53 21.49
N ILE I 60 1.01 -29.31 22.62
CA ILE I 60 1.94 -30.31 23.15
C ILE I 60 1.68 -30.61 24.62
N THR I 61 2.08 -31.82 25.04
CA THR I 61 1.97 -32.24 26.43
C THR I 61 3.33 -32.77 26.87
N PHE I 62 3.60 -32.78 28.17
CA PHE I 62 4.90 -33.28 28.65
C PHE I 62 4.82 -34.26 29.82
N ARG I 63 5.84 -35.12 29.91
CA ARG I 63 6.07 -35.98 31.06
C ARG I 63 7.48 -35.71 31.59
N THR I 64 7.59 -35.56 32.90
CA THR I 64 8.89 -35.34 33.54
C THR I 64 9.54 -36.68 33.85
N THR I 65 10.78 -36.86 33.36
CA THR I 65 11.62 -37.99 33.74
C THR I 65 12.89 -37.50 34.42
N ILE I 66 13.58 -38.39 35.13
CA ILE I 66 14.79 -38.01 35.86
C ILE I 66 16.05 -38.66 35.27
N GLN I 67 16.97 -37.81 34.80
CA GLN I 67 18.30 -38.28 34.40
C GLN I 67 19.14 -38.45 35.65
N GLY I 68 19.96 -39.51 35.68
CA GLY I 68 20.80 -39.81 36.83
C GLY I 68 20.00 -40.10 38.09
N THR I 69 20.11 -39.20 39.07
CA THR I 69 19.45 -39.36 40.37
C THR I 69 18.62 -38.13 40.76
N LYS I 70 19.11 -36.94 40.41
CA LYS I 70 18.49 -35.69 40.83
C LYS I 70 17.93 -34.84 39.69
N LEU I 71 18.68 -34.75 38.59
CA LEU I 71 18.35 -33.88 37.47
C LEU I 71 17.06 -34.28 36.75
N GLU I 72 16.10 -33.34 36.73
CA GLU I 72 14.80 -33.55 36.11
C GLU I 72 14.78 -33.04 34.67
N LYS I 73 13.97 -33.68 33.84
CA LYS I 73 13.94 -33.41 32.40
C LYS I 73 12.52 -33.53 31.86
N LYS I 74 12.13 -32.59 31.00
CA LYS I 74 10.78 -32.55 30.44
C LYS I 74 10.70 -33.03 28.98
N MET I 75 9.96 -34.11 28.76
CA MET I 75 9.78 -34.72 27.45
C MET I 75 8.41 -34.37 26.86
N TYR I 76 8.41 -33.76 25.68
CA TYR I 76 7.19 -33.32 25.05
C TYR I 76 6.67 -34.29 23.99
N THR I 77 5.34 -34.38 23.89
CA THR I 77 4.67 -35.13 22.85
C THR I 77 3.61 -34.21 22.26
N LEU I 78 3.32 -34.36 20.97
CA LEU I 78 2.21 -33.63 20.36
C LEU I 78 0.87 -34.14 20.87
N THR I 79 -0.13 -33.27 20.85
CA THR I 79 -1.52 -33.68 21.07
C THR I 79 -2.20 -33.83 19.71
N ASP I 80 -3.45 -34.29 19.71
CA ASP I 80 -4.24 -34.34 18.49
C ASP I 80 -4.33 -32.94 17.88
N SER I 81 -4.45 -31.96 18.76
CA SER I 81 -4.38 -30.55 18.42
C SER I 81 -3.04 -30.22 17.75
N GLY I 82 -1.96 -30.80 18.27
CA GLY I 82 -0.61 -30.55 17.74
C GLY I 82 -0.40 -31.07 16.33
N LYS I 83 -0.73 -32.34 16.12
CA LYS I 83 -0.59 -32.99 14.81
C LYS I 83 -1.41 -32.24 13.76
N GLN I 84 -2.63 -31.87 14.12
CA GLN I 84 -3.51 -31.14 13.23
C GLN I 84 -2.93 -29.76 12.88
N GLU I 85 -2.40 -29.08 13.90
CA GLU I 85 -1.78 -27.77 13.73
C GLU I 85 -0.61 -27.81 12.75
N LEU I 86 0.31 -28.75 12.98
CA LEU I 86 1.44 -28.97 12.08
C LEU I 86 1.03 -29.33 10.66
N HIS I 87 0.03 -30.20 10.53
CA HIS I 87 -0.51 -30.62 9.24
C HIS I 87 -0.99 -29.44 8.40
N ASP I 88 -1.87 -28.63 8.99
CA ASP I 88 -2.45 -27.44 8.34
C ASP I 88 -1.38 -26.50 7.80
N TRP I 89 -0.34 -26.30 8.61
CA TRP I 89 0.77 -25.42 8.26
C TRP I 89 1.60 -25.99 7.11
N LEU I 90 1.89 -27.28 7.17
CA LEU I 90 2.71 -27.95 6.15
C LEU I 90 2.12 -27.88 4.74
N ILE I 91 0.81 -28.12 4.63
CA ILE I 91 0.16 -28.18 3.31
C ILE I 91 -0.35 -26.83 2.80
N ARG I 92 -0.29 -25.79 3.64
CA ARG I 92 -0.66 -24.43 3.23
C ARG I 92 0.43 -23.87 2.33
N HIS I 93 0.02 -23.38 1.15
CA HIS I 93 0.95 -22.80 0.19
C HIS I 93 1.32 -21.37 0.59
N GLN I 94 2.45 -21.20 1.29
CA GLN I 94 2.91 -19.88 1.66
C GLN I 94 3.66 -19.22 0.51
N PRO I 95 3.43 -17.91 0.30
CA PRO I 95 4.13 -17.15 -0.74
C PRO I 95 5.63 -17.10 -0.47
N ILE I 96 6.41 -16.96 -1.52
CA ILE I 96 7.86 -16.93 -1.38
C ILE I 96 8.31 -15.53 -0.97
N PRO I 97 9.18 -15.43 0.05
CA PRO I 97 9.63 -14.14 0.58
C PRO I 97 10.33 -13.27 -0.47
N GLU I 98 10.10 -11.97 -0.39
CA GLU I 98 10.71 -11.01 -1.31
C GLU I 98 12.14 -10.71 -0.89
N THR I 99 12.41 -10.84 0.40
CA THR I 99 13.76 -10.66 0.91
C THR I 99 14.26 -11.94 1.57
N VAL I 100 15.50 -12.30 1.26
CA VAL I 100 16.26 -13.25 2.06
C VAL I 100 17.56 -12.54 2.41
N LYS I 101 17.63 -12.05 3.64
CA LYS I 101 18.73 -11.20 4.09
C LYS I 101 20.11 -11.86 3.99
N ASP I 102 21.06 -11.06 3.52
CA ASP I 102 22.46 -11.48 3.32
C ASP I 102 23.34 -10.23 3.37
N GLU I 103 24.11 -10.10 4.45
CA GLU I 103 24.87 -8.89 4.71
C GLU I 103 25.97 -8.67 3.66
N PHE I 104 26.63 -9.75 3.25
CA PHE I 104 27.70 -9.62 2.27
C PHE I 104 27.18 -8.96 1.00
N MET I 105 26.04 -9.45 0.50
CA MET I 105 25.44 -8.96 -0.74
C MET I 105 25.00 -7.51 -0.69
N LEU I 106 24.70 -7.03 0.51
CA LEU I 106 24.44 -5.59 0.71
C LEU I 106 25.73 -4.80 0.40
N LYS I 107 26.88 -5.29 0.88
CA LYS I 107 28.17 -4.71 0.53
C LYS I 107 28.41 -4.78 -0.98
N ALA I 108 28.10 -5.94 -1.57
CA ALA I 108 28.21 -6.11 -3.02
C ALA I 108 27.57 -4.94 -3.76
N TYR I 109 26.38 -4.56 -3.32
CA TYR I 109 25.62 -3.49 -3.95
C TYR I 109 26.37 -2.16 -3.90
N PHE I 110 27.12 -1.94 -2.81
CA PHE I 110 27.85 -0.69 -2.61
C PHE I 110 29.31 -0.75 -3.09
N ILE I 111 29.62 -1.69 -3.98
CA ILE I 111 30.99 -1.89 -4.46
C ILE I 111 31.61 -0.61 -5.05
N SER I 112 30.75 0.28 -5.52
CA SER I 112 31.13 1.58 -6.06
C SER I 112 32.12 2.33 -5.17
N SER I 113 31.94 2.24 -3.86
CA SER I 113 32.79 2.95 -2.90
C SER I 113 34.05 2.18 -2.49
N LEU I 114 34.38 1.15 -3.27
CA LEU I 114 35.42 0.20 -2.90
C LEU I 114 36.50 0.15 -3.97
N SER I 115 37.76 0.18 -3.53
CA SER I 115 38.92 0.08 -4.43
C SER I 115 39.01 -1.28 -5.11
N ARG I 116 39.64 -1.33 -6.28
CA ARG I 116 39.83 -2.57 -7.02
C ARG I 116 40.56 -3.60 -6.14
N GLN I 117 41.59 -3.14 -5.44
CA GLN I 117 42.28 -3.94 -4.43
C GLN I 117 41.34 -4.29 -3.28
N GLU I 118 40.64 -3.30 -2.74
CA GLU I 118 39.80 -3.49 -1.56
C GLU I 118 38.62 -4.45 -1.81
N ALA I 119 38.17 -4.53 -3.06
CA ALA I 119 37.13 -5.49 -3.44
C ALA I 119 37.72 -6.89 -3.72
N SER I 120 38.93 -6.94 -4.26
CA SER I 120 39.62 -8.23 -4.42
C SER I 120 39.74 -8.89 -3.05
N ASP I 121 40.19 -8.11 -2.07
CA ASP I 121 40.39 -8.59 -0.70
C ASP I 121 39.08 -9.01 -0.05
N LEU I 122 38.06 -8.16 -0.17
CA LEU I 122 36.73 -8.44 0.38
C LEU I 122 36.13 -9.75 -0.14
N PHE I 123 36.06 -9.86 -1.47
CA PHE I 123 35.55 -11.06 -2.13
C PHE I 123 36.42 -12.30 -1.88
N THR I 124 37.75 -12.12 -1.90
CA THR I 124 38.67 -13.23 -1.63
C THR I 124 38.40 -13.86 -0.26
N ASP I 125 38.35 -13.02 0.78
CA ASP I 125 38.07 -13.47 2.16
C ASP I 125 36.77 -14.26 2.21
N GLN I 126 35.74 -13.71 1.57
CA GLN I 126 34.46 -14.37 1.49
C GLN I 126 34.58 -15.73 0.80
N LEU I 127 35.40 -15.81 -0.25
CA LEU I 127 35.62 -17.07 -0.96
C LEU I 127 36.23 -18.14 -0.05
N LEU I 128 37.24 -17.75 0.72
CA LEU I 128 37.94 -18.69 1.59
C LEU I 128 37.06 -19.27 2.69
N LYS I 129 36.34 -18.40 3.41
CA LYS I 129 35.44 -18.86 4.47
C LYS I 129 34.35 -19.77 3.89
N ARG I 130 33.88 -19.44 2.69
CA ARG I 130 32.87 -20.23 1.98
C ARG I 130 33.41 -21.59 1.49
N LYS I 131 34.63 -21.60 0.93
CA LYS I 131 35.30 -22.85 0.54
C LYS I 131 35.37 -23.82 1.72
N ALA I 132 35.64 -23.25 2.91
CA ALA I 132 35.74 -24.03 4.13
C ALA I 132 34.38 -24.64 4.50
N LYS I 133 33.33 -23.82 4.47
CA LYS I 133 31.99 -24.31 4.75
C LYS I 133 31.57 -25.40 3.76
N LEU I 134 31.88 -25.18 2.48
CA LEU I 134 31.53 -26.15 1.45
C LEU I 134 32.24 -27.48 1.68
N SER I 135 33.52 -27.43 2.06
CA SER I 135 34.29 -28.63 2.41
C SER I 135 33.61 -29.44 3.51
N ASP I 136 33.24 -28.78 4.60
CA ASP I 136 32.56 -29.44 5.72
C ASP I 136 31.17 -29.94 5.34
N LEU I 137 30.51 -29.25 4.43
CA LEU I 137 29.21 -29.68 3.96
C LEU I 137 29.33 -30.93 3.08
N GLN I 138 30.33 -30.91 2.20
CA GLN I 138 30.66 -32.04 1.32
C GLN I 138 30.92 -33.27 2.17
N GLY I 139 31.72 -33.10 3.21
CA GLY I 139 32.05 -34.18 4.13
C GLY I 139 30.83 -34.74 4.83
N SER I 140 29.98 -33.86 5.34
CA SER I 140 28.79 -34.28 6.08
C SER I 140 27.82 -35.04 5.19
N TYR I 141 27.80 -34.67 3.91
CA TYR I 141 26.97 -35.31 2.91
C TYR I 141 27.39 -36.76 2.69
N GLU I 142 28.69 -36.97 2.48
CA GLU I 142 29.25 -38.30 2.25
C GLU I 142 29.09 -39.23 3.46
N LYS I 143 29.12 -38.66 4.66
CA LYS I 143 28.88 -39.40 5.89
C LYS I 143 27.46 -39.96 5.90
N LEU I 144 26.51 -39.18 5.38
CA LEU I 144 25.14 -39.62 5.24
C LEU I 144 24.99 -40.63 4.10
N MET I 145 25.59 -40.33 2.94
CA MET I 145 25.36 -41.09 1.72
C MET I 145 25.95 -42.49 1.68
N ALA I 146 27.17 -42.63 2.19
CA ALA I 146 27.91 -43.89 2.11
C ALA I 146 27.40 -44.96 3.08
N SER I 147 26.09 -44.98 3.31
CA SER I 147 25.46 -45.96 4.18
C SER I 147 25.22 -47.27 3.46
N ALA I 148 25.06 -47.19 2.14
CA ALA I 148 24.68 -48.33 1.27
C ALA I 148 23.17 -48.45 1.13
N GLU I 149 22.45 -47.88 2.11
CA GLU I 149 20.99 -47.92 2.10
C GLU I 149 20.48 -46.92 1.08
N PRO I 150 19.61 -47.38 0.16
CA PRO I 150 19.07 -46.56 -0.92
C PRO I 150 18.30 -45.39 -0.38
N MET I 151 18.76 -44.19 -0.71
CA MET I 151 18.07 -42.95 -0.39
C MET I 151 16.93 -42.72 -1.37
N SER I 152 15.72 -42.57 -0.83
CA SER I 152 14.53 -42.31 -1.63
C SER I 152 13.45 -41.67 -0.76
N PHE I 153 12.31 -41.33 -1.37
CA PHE I 153 11.20 -40.69 -0.65
C PHE I 153 10.77 -41.47 0.59
N SER I 154 10.77 -42.80 0.47
CA SER I 154 10.33 -43.68 1.54
C SER I 154 11.30 -43.69 2.72
N SER I 155 12.57 -43.46 2.41
CA SER I 155 13.66 -43.48 3.41
C SER I 155 13.39 -42.51 4.56
N PRO I 156 13.56 -42.97 5.82
CA PRO I 156 13.26 -42.17 7.01
C PRO I 156 14.21 -41.00 7.21
N ASP I 157 15.36 -41.02 6.53
CA ASP I 157 16.34 -39.96 6.62
C ASP I 157 16.21 -38.96 5.46
N PHE I 158 15.11 -39.06 4.71
CA PHE I 158 14.86 -38.25 3.52
C PHE I 158 14.90 -36.74 3.78
N GLY I 159 14.29 -36.31 4.88
CA GLY I 159 14.31 -34.91 5.26
C GLY I 159 15.74 -34.40 5.39
N HIS I 160 16.55 -35.16 6.12
CA HIS I 160 17.96 -34.88 6.32
C HIS I 160 18.66 -34.65 4.97
N TYR I 161 18.43 -35.57 4.03
CA TYR I 161 18.98 -35.50 2.67
C TYR I 161 18.62 -34.20 1.93
N LEU I 162 17.39 -33.74 2.12
CA LEU I 162 16.89 -32.54 1.48
C LEU I 162 17.60 -31.27 1.96
N VAL I 163 17.65 -31.07 3.28
CA VAL I 163 18.34 -29.91 3.86
C VAL I 163 19.83 -29.94 3.56
N LEU I 164 20.41 -31.14 3.57
CA LEU I 164 21.83 -31.31 3.25
C LEU I 164 22.18 -30.96 1.80
N THR I 165 21.46 -31.56 0.85
CA THR I 165 21.71 -31.27 -0.57
C THR I 165 21.46 -29.80 -0.89
N LYS I 166 20.43 -29.22 -0.27
CA LYS I 166 20.12 -27.82 -0.49
C LYS I 166 21.24 -26.95 0.07
N ALA I 167 21.66 -27.23 1.30
CA ALA I 167 22.76 -26.50 1.89
C ALA I 167 24.00 -26.63 1.00
N LEU I 168 24.24 -27.85 0.51
CA LEU I 168 25.39 -28.14 -0.34
C LEU I 168 25.36 -27.34 -1.63
N GLU I 169 24.24 -27.39 -2.33
CA GLU I 169 24.08 -26.67 -3.59
C GLU I 169 24.28 -25.17 -3.40
N ARG I 170 23.77 -24.65 -2.27
CA ARG I 170 23.87 -23.24 -1.91
C ARG I 170 25.33 -22.78 -1.82
N GLU I 171 26.17 -23.52 -1.09
CA GLU I 171 27.59 -23.16 -0.99
C GLU I 171 28.33 -23.35 -2.32
N LYS I 172 28.02 -24.44 -3.03
CA LYS I 172 28.62 -24.69 -4.35
C LYS I 172 28.44 -23.49 -5.25
N ASN I 173 27.20 -23.03 -5.37
CA ASN I 173 26.87 -21.90 -6.23
C ASN I 173 27.39 -20.56 -5.71
N TYR I 174 27.49 -20.44 -4.39
CA TYR I 174 28.03 -19.22 -3.78
C TYR I 174 29.52 -19.10 -4.10
N VAL I 175 30.25 -20.21 -3.93
CA VAL I 175 31.67 -20.26 -4.25
C VAL I 175 31.89 -19.92 -5.74
N SER I 176 31.13 -20.59 -6.59
CA SER I 176 31.20 -20.42 -8.03
C SER I 176 30.92 -18.99 -8.46
N TRP I 177 29.91 -18.37 -7.84
CA TRP I 177 29.60 -16.98 -8.12
C TRP I 177 30.77 -16.09 -7.72
N LEU I 178 31.22 -16.23 -6.47
CA LEU I 178 32.37 -15.48 -5.97
C LEU I 178 33.61 -15.60 -6.86
N GLU I 179 33.93 -16.83 -7.28
CA GLU I 179 35.05 -17.06 -8.22
C GLU I 179 34.85 -16.26 -9.51
N SER I 180 33.62 -16.26 -10.02
CA SER I 180 33.27 -15.55 -11.25
C SER I 180 33.50 -14.02 -11.15
N ILE I 181 33.05 -13.43 -10.05
CA ILE I 181 33.20 -11.98 -9.82
C ILE I 181 34.68 -11.58 -9.68
N LEU I 182 35.44 -12.41 -8.97
CA LEU I 182 36.88 -12.20 -8.80
C LEU I 182 37.65 -12.26 -10.11
N ALA I 183 37.16 -13.08 -11.04
CA ALA I 183 37.72 -13.18 -12.38
C ALA I 183 37.50 -11.89 -13.18
N MET I 184 36.54 -11.09 -12.72
CA MET I 184 36.28 -9.77 -13.28
C MET I 184 36.99 -8.66 -12.50
N ILE I 185 37.69 -9.05 -11.44
CA ILE I 185 38.51 -8.12 -10.65
C ILE I 185 39.98 -8.54 -10.67
N PRO J 6 26.47 -5.56 18.83
CA PRO J 6 25.27 -5.03 18.17
C PRO J 6 25.55 -4.73 16.70
N MET J 7 24.98 -5.56 15.81
CA MET J 7 25.27 -5.49 14.38
C MET J 7 24.83 -4.20 13.70
N ARG J 8 23.60 -3.75 14.02
CA ARG J 8 23.00 -2.51 13.48
C ARG J 8 23.11 -2.40 11.96
N VAL J 9 22.61 -3.41 11.26
CA VAL J 9 22.83 -3.51 9.82
C VAL J 9 22.07 -2.45 9.03
N LEU J 10 20.85 -2.14 9.47
CA LEU J 10 20.05 -1.09 8.84
C LEU J 10 20.81 0.24 8.73
N LYS J 11 21.50 0.63 9.80
CA LYS J 11 22.35 1.81 9.78
C LYS J 11 23.23 1.81 8.53
N TYR J 12 23.94 0.72 8.31
CA TYR J 12 24.87 0.62 7.19
C TYR J 12 24.18 0.59 5.84
N ALA J 13 23.03 -0.10 5.78
CA ALA J 13 22.23 -0.13 4.55
C ALA J 13 21.94 1.28 4.07
N ILE J 14 21.44 2.11 4.99
CA ILE J 14 21.08 3.50 4.69
C ILE J 14 22.30 4.34 4.26
N LEU J 15 23.37 4.29 5.04
CA LEU J 15 24.59 5.03 4.71
C LEU J 15 25.11 4.63 3.32
N GLY J 16 24.97 3.36 2.98
CA GLY J 16 25.36 2.86 1.67
C GLY J 16 24.52 3.41 0.54
N LEU J 17 23.22 3.57 0.79
CA LEU J 17 22.30 4.07 -0.23
C LEU J 17 22.52 5.55 -0.53
N LEU J 18 23.05 6.29 0.45
CA LEU J 18 23.28 7.72 0.32
C LEU J 18 24.65 8.08 -0.29
N ARG J 19 25.41 7.06 -0.71
CA ARG J 19 26.80 7.25 -1.16
C ARG J 19 26.95 8.09 -2.43
N LYS J 20 25.90 8.17 -3.23
CA LYS J 20 25.95 8.82 -4.54
C LYS J 20 25.26 10.19 -4.57
N GLY J 21 24.63 10.58 -3.45
CA GLY J 21 23.92 11.85 -3.37
C GLY J 21 22.65 11.83 -2.54
N GLU J 22 22.04 13.01 -2.40
CA GLU J 22 20.88 13.22 -1.54
C GLU J 22 19.72 12.30 -1.86
N LEU J 23 19.04 11.83 -0.81
CA LEU J 23 17.85 10.98 -0.93
C LEU J 23 16.85 11.22 0.21
N SER J 24 15.55 11.13 -0.10
CA SER J 24 14.49 11.19 0.90
C SER J 24 14.43 9.89 1.69
N GLY J 25 13.76 9.93 2.84
CA GLY J 25 13.45 8.71 3.58
C GLY J 25 12.55 7.82 2.73
N TYR J 26 11.68 8.46 1.95
CA TYR J 26 10.80 7.77 1.00
C TYR J 26 11.60 7.11 -0.12
N ASP J 27 12.63 7.83 -0.61
CA ASP J 27 13.53 7.31 -1.64
C ASP J 27 14.23 6.05 -1.15
N ILE J 28 14.68 6.09 0.11
CA ILE J 28 15.33 4.95 0.76
C ILE J 28 14.39 3.74 0.75
N THR J 29 13.15 3.96 1.20
CA THR J 29 12.12 2.95 1.17
C THR J 29 11.89 2.39 -0.24
N SER J 30 11.99 3.24 -1.26
CA SER J 30 11.81 2.80 -2.65
C SER J 30 12.91 1.85 -3.13
N TYR J 31 14.15 2.10 -2.72
CA TYR J 31 15.27 1.24 -3.11
C TYR J 31 15.18 -0.17 -2.54
N PHE J 32 14.64 -0.29 -1.33
CA PHE J 32 14.42 -1.59 -0.70
C PHE J 32 13.30 -2.39 -1.39
N LYS J 33 12.53 -1.74 -2.26
CA LYS J 33 11.48 -2.42 -3.00
C LYS J 33 11.97 -2.79 -4.41
N GLU J 34 13.16 -2.31 -4.77
CA GLU J 34 13.74 -2.62 -6.08
C GLU J 34 14.78 -3.74 -5.94
N GLU J 35 15.73 -3.81 -6.86
CA GLU J 35 16.67 -4.94 -6.91
C GLU J 35 17.36 -5.28 -5.57
N LEU J 36 17.62 -4.26 -4.74
CA LEU J 36 18.30 -4.46 -3.46
C LEU J 36 17.46 -5.28 -2.47
N GLY J 37 16.13 -5.20 -2.61
CA GLY J 37 15.19 -5.91 -1.74
C GLY J 37 15.31 -7.42 -1.70
N GLN J 38 15.96 -7.99 -2.70
CA GLN J 38 16.28 -9.41 -2.69
C GLN J 38 17.25 -9.79 -1.55
N PHE J 39 18.07 -8.84 -1.11
CA PHE J 39 19.14 -9.16 -0.15
C PHE J 39 19.14 -8.39 1.16
N TRP J 40 18.50 -7.22 1.15
CA TRP J 40 18.11 -6.54 2.39
C TRP J 40 16.89 -5.66 2.16
N SER J 41 16.02 -5.60 3.17
CA SER J 41 14.90 -4.69 3.17
C SER J 41 14.62 -4.15 4.58
N ALA J 42 13.81 -3.11 4.63
CA ALA J 42 13.35 -2.51 5.86
C ALA J 42 12.07 -1.74 5.53
N LYS J 43 11.16 -1.66 6.50
CA LYS J 43 9.91 -0.91 6.32
C LYS J 43 10.11 0.53 6.77
N HIS J 44 9.27 1.45 6.26
CA HIS J 44 9.44 2.88 6.57
C HIS J 44 9.29 3.22 8.07
N SER J 45 8.57 2.38 8.81
CA SER J 45 8.41 2.56 10.24
C SER J 45 9.75 2.35 10.98
N GLN J 46 10.60 1.48 10.42
CA GLN J 46 11.91 1.25 10.97
C GLN J 46 12.93 2.26 10.43
N ILE J 47 12.71 2.73 9.19
CA ILE J 47 13.68 3.60 8.54
C ILE J 47 13.75 5.01 9.13
N TYR J 48 12.60 5.63 9.36
CA TYR J 48 12.54 7.01 9.87
C TYR J 48 13.15 7.22 11.25
N PRO J 49 12.82 6.35 12.25
CA PRO J 49 13.46 6.46 13.56
C PRO J 49 14.97 6.28 13.48
N GLU J 50 15.41 5.39 12.61
CA GLU J 50 16.82 5.19 12.36
C GLU J 50 17.44 6.45 11.73
N LEU J 51 16.71 7.10 10.84
CA LEU J 51 17.16 8.38 10.28
C LEU J 51 17.33 9.46 11.36
N LYS J 52 16.45 9.43 12.38
CA LYS J 52 16.60 10.36 13.50
C LYS J 52 17.81 10.00 14.35
N LYS J 53 18.09 8.69 14.45
CA LYS J 53 19.23 8.21 15.22
C LYS J 53 20.55 8.59 14.56
N LEU J 54 20.61 8.45 13.24
CA LEU J 54 21.82 8.75 12.47
C LEU J 54 22.14 10.24 12.37
N THR J 55 21.13 11.08 12.58
CA THR J 55 21.36 12.51 12.65
C THR J 55 21.92 12.88 14.03
N ASP J 56 21.33 12.28 15.07
CA ASP J 56 21.76 12.54 16.45
C ASP J 56 23.16 12.01 16.72
N GLU J 57 23.51 10.91 16.07
CA GLU J 57 24.85 10.33 16.19
C GLU J 57 25.86 11.02 15.27
N GLY J 58 25.36 11.85 14.36
CA GLY J 58 26.20 12.73 13.54
C GLY J 58 26.70 12.20 12.20
N PHE J 59 26.25 10.99 11.82
CA PHE J 59 26.68 10.37 10.56
C PHE J 59 26.02 10.99 9.33
N ILE J 60 24.86 11.58 9.53
CA ILE J 60 24.06 12.13 8.44
C ILE J 60 23.53 13.51 8.79
N THR J 61 23.49 14.40 7.81
CA THR J 61 22.84 15.71 7.98
C THR J 61 21.68 15.81 6.98
N PHE J 62 20.69 16.64 7.29
CA PHE J 62 19.54 16.81 6.39
C PHE J 62 19.12 18.25 6.19
N ARG J 63 18.52 18.49 5.03
CA ARG J 63 17.91 19.78 4.72
C ARG J 63 16.44 19.57 4.33
N THR J 64 15.64 20.63 4.41
CA THR J 64 14.21 20.53 4.16
C THR J 64 13.80 21.17 2.83
N THR J 65 13.63 20.35 1.81
CA THR J 65 13.10 20.83 0.53
C THR J 65 11.58 20.67 0.50
N ILE J 66 10.92 21.42 -0.38
CA ILE J 66 9.46 21.43 -0.45
C ILE J 66 8.96 21.01 -1.83
N GLN J 67 8.31 19.84 -1.88
CA GLN J 67 7.60 19.40 -3.07
C GLN J 67 6.24 20.08 -3.15
N GLY J 68 5.83 20.45 -4.35
CA GLY J 68 4.61 21.21 -4.54
C GLY J 68 4.74 22.56 -3.86
N THR J 69 3.74 22.91 -3.05
CA THR J 69 3.72 24.19 -2.35
C THR J 69 3.79 24.05 -0.83
N LYS J 70 3.31 22.92 -0.31
CA LYS J 70 3.21 22.72 1.14
C LYS J 70 3.87 21.45 1.70
N LEU J 71 4.11 20.44 0.85
CA LEU J 71 4.69 19.15 1.31
C LEU J 71 6.21 19.17 1.55
N GLU J 72 6.59 19.08 2.82
CA GLU J 72 7.98 19.15 3.23
C GLU J 72 8.63 17.77 3.27
N LYS J 73 9.88 17.73 2.82
CA LYS J 73 10.62 16.51 2.56
C LYS J 73 12.06 16.73 3.06
N LYS J 74 12.58 15.76 3.81
CA LYS J 74 13.94 15.86 4.35
C LYS J 74 14.93 15.10 3.48
N MET J 75 15.84 15.83 2.84
CA MET J 75 16.87 15.23 2.02
C MET J 75 18.13 15.00 2.85
N TYR J 76 18.65 13.78 2.81
CA TYR J 76 19.83 13.42 3.60
C TYR J 76 21.11 13.40 2.78
N THR J 77 22.24 13.59 3.47
CA THR J 77 23.58 13.49 2.91
C THR J 77 24.51 12.96 4.00
N LEU J 78 25.51 12.17 3.58
CA LEU J 78 26.55 11.71 4.48
C LEU J 78 27.45 12.87 4.93
N THR J 79 27.91 12.79 6.17
CA THR J 79 28.92 13.70 6.70
C THR J 79 30.27 12.97 6.69
N ASP J 80 31.37 13.71 6.80
CA ASP J 80 32.71 13.12 6.83
C ASP J 80 32.76 11.87 7.71
N SER J 81 32.15 11.98 8.90
CA SER J 81 32.10 10.89 9.87
C SER J 81 31.42 9.67 9.28
N GLY J 82 30.27 9.88 8.65
CA GLY J 82 29.49 8.81 8.04
C GLY J 82 30.21 8.10 6.91
N LYS J 83 30.90 8.87 6.07
CA LYS J 83 31.63 8.31 4.92
C LYS J 83 32.65 7.28 5.41
N GLN J 84 33.39 7.65 6.45
CA GLN J 84 34.36 6.76 7.10
C GLN J 84 33.67 5.58 7.77
N GLU J 85 32.52 5.83 8.42
CA GLU J 85 31.77 4.78 9.12
C GLU J 85 31.33 3.69 8.17
N LEU J 86 30.99 4.07 6.93
CA LEU J 86 30.59 3.14 5.89
C LEU J 86 31.78 2.35 5.35
N HIS J 87 32.82 3.07 4.95
CA HIS J 87 34.04 2.48 4.41
C HIS J 87 34.65 1.44 5.34
N ASP J 88 34.63 1.70 6.65
CA ASP J 88 35.24 0.80 7.63
C ASP J 88 34.41 -0.47 7.81
N TRP J 89 33.10 -0.34 7.68
CA TRP J 89 32.19 -1.47 7.68
C TRP J 89 32.33 -2.29 6.40
N LEU J 90 32.48 -1.60 5.27
CA LEU J 90 32.66 -2.26 3.97
C LEU J 90 33.89 -3.17 3.94
N ILE J 91 35.00 -2.66 4.45
CA ILE J 91 36.29 -3.35 4.38
C ILE J 91 36.51 -4.39 5.48
N ARG J 92 35.57 -4.48 6.41
CA ARG J 92 35.69 -5.42 7.54
C ARG J 92 35.21 -6.82 7.15
N HIS J 93 35.99 -7.82 7.52
CA HIS J 93 35.64 -9.21 7.26
C HIS J 93 34.76 -9.75 8.38
N GLN J 94 33.47 -9.87 8.10
CA GLN J 94 32.54 -10.46 9.03
C GLN J 94 32.47 -11.97 8.79
N PRO J 95 32.30 -12.76 9.86
CA PRO J 95 32.04 -14.20 9.70
C PRO J 95 30.83 -14.45 8.80
N ILE J 96 30.80 -15.60 8.14
CA ILE J 96 29.64 -15.99 7.36
C ILE J 96 28.58 -16.61 8.29
N PRO J 97 27.30 -16.23 8.12
CA PRO J 97 26.27 -16.79 9.00
C PRO J 97 26.12 -18.31 8.91
N GLU J 98 25.90 -18.94 10.06
CA GLU J 98 25.60 -20.37 10.12
C GLU J 98 24.23 -20.66 9.53
N THR J 99 23.29 -19.72 9.67
CA THR J 99 21.90 -19.91 9.28
C THR J 99 21.42 -18.83 8.31
N VAL J 100 20.75 -19.27 7.25
CA VAL J 100 19.95 -18.38 6.39
C VAL J 100 18.54 -18.95 6.33
N LYS J 101 17.61 -18.27 6.99
CA LYS J 101 16.27 -18.79 7.25
C LYS J 101 15.41 -18.96 5.99
N ASP J 102 14.82 -20.14 5.85
CA ASP J 102 13.97 -20.48 4.72
C ASP J 102 12.86 -21.39 5.23
N GLU J 103 11.68 -20.83 5.43
CA GLU J 103 10.55 -21.56 6.00
C GLU J 103 10.08 -22.74 5.15
N PHE J 104 10.33 -22.69 3.85
CA PHE J 104 10.03 -23.84 3.03
C PHE J 104 10.98 -25.02 3.29
N MET J 105 12.26 -24.74 3.51
CA MET J 105 13.21 -25.82 3.81
C MET J 105 12.92 -26.47 5.16
N LEU J 106 12.47 -25.66 6.12
CA LEU J 106 11.98 -26.17 7.40
C LEU J 106 10.89 -27.21 7.18
N LYS J 107 9.94 -26.89 6.31
CA LYS J 107 8.92 -27.86 5.92
C LYS J 107 9.60 -29.08 5.29
N ALA J 108 10.44 -28.83 4.29
CA ALA J 108 11.11 -29.91 3.56
C ALA J 108 11.64 -30.98 4.52
N TYR J 109 12.16 -30.53 5.66
CA TYR J 109 12.76 -31.38 6.68
C TYR J 109 11.74 -32.28 7.39
N PHE J 110 10.48 -31.85 7.43
CA PHE J 110 9.40 -32.62 8.05
C PHE J 110 8.54 -33.37 7.02
N ILE J 111 9.16 -33.77 5.92
CA ILE J 111 8.44 -34.40 4.83
C ILE J 111 7.87 -35.78 5.19
N SER J 112 8.41 -36.40 6.23
CA SER J 112 7.90 -37.70 6.70
C SER J 112 6.44 -37.59 7.14
N SER J 113 6.03 -36.38 7.53
CA SER J 113 4.66 -36.11 7.97
C SER J 113 3.68 -35.87 6.81
N LEU J 114 4.15 -36.10 5.59
CA LEU J 114 3.33 -35.90 4.39
C LEU J 114 3.14 -37.17 3.59
N SER J 115 2.04 -37.25 2.85
CA SER J 115 1.83 -38.33 1.89
C SER J 115 2.56 -37.97 0.59
N ARG J 116 2.72 -38.95 -0.29
CA ARG J 116 3.40 -38.74 -1.58
C ARG J 116 2.67 -37.68 -2.39
N GLN J 117 1.35 -37.78 -2.44
CA GLN J 117 0.51 -36.80 -3.15
C GLN J 117 0.65 -35.40 -2.55
N GLU J 118 0.68 -35.31 -1.21
CA GLU J 118 0.81 -34.03 -0.51
C GLU J 118 2.18 -33.36 -0.73
N ALA J 119 3.26 -34.10 -0.50
CA ALA J 119 4.60 -33.57 -0.74
C ALA J 119 4.76 -33.12 -2.18
N SER J 120 4.18 -33.88 -3.10
CA SER J 120 4.19 -33.55 -4.52
C SER J 120 3.49 -32.21 -4.77
N ASP J 121 2.32 -32.02 -4.16
CA ASP J 121 1.55 -30.79 -4.35
C ASP J 121 2.25 -29.58 -3.72
N LEU J 122 2.89 -29.79 -2.58
CA LEU J 122 3.67 -28.73 -1.93
C LEU J 122 4.89 -28.34 -2.77
N PHE J 123 5.59 -29.35 -3.30
CA PHE J 123 6.83 -29.08 -4.04
C PHE J 123 6.57 -28.58 -5.45
N THR J 124 5.48 -29.05 -6.04
CA THR J 124 5.04 -28.60 -7.38
C THR J 124 4.62 -27.14 -7.32
N ASP J 125 3.89 -26.77 -6.26
CA ASP J 125 3.43 -25.41 -6.06
C ASP J 125 4.61 -24.45 -5.88
N GLN J 126 5.56 -24.86 -5.05
CA GLN J 126 6.77 -24.08 -4.84
C GLN J 126 7.50 -23.90 -6.15
N LEU J 127 7.60 -24.98 -6.93
CA LEU J 127 8.26 -24.94 -8.23
C LEU J 127 7.63 -23.92 -9.16
N LEU J 128 6.29 -23.94 -9.25
CA LEU J 128 5.54 -23.01 -10.08
C LEU J 128 5.82 -21.57 -9.66
N LYS J 129 5.84 -21.32 -8.36
CA LYS J 129 6.14 -19.98 -7.85
C LYS J 129 7.57 -19.56 -8.20
N ARG J 130 8.53 -20.43 -7.95
CA ARG J 130 9.94 -20.14 -8.20
C ARG J 130 10.21 -19.87 -9.67
N LYS J 131 9.65 -20.70 -10.55
CA LYS J 131 9.81 -20.52 -11.98
C LYS J 131 9.30 -19.15 -12.42
N ALA J 132 8.18 -18.73 -11.84
CA ALA J 132 7.59 -17.42 -12.13
C ALA J 132 8.45 -16.29 -11.57
N LYS J 133 9.08 -16.52 -10.41
CA LYS J 133 10.00 -15.54 -9.88
C LYS J 133 11.24 -15.45 -10.76
N LEU J 134 11.77 -16.61 -11.17
CA LEU J 134 12.91 -16.69 -12.09
C LEU J 134 12.62 -16.01 -13.43
N SER J 135 11.40 -16.19 -13.92
CA SER J 135 10.97 -15.56 -15.15
C SER J 135 11.05 -14.04 -15.07
N ASP J 136 10.70 -13.50 -13.90
CA ASP J 136 10.73 -12.05 -13.67
C ASP J 136 12.16 -11.52 -13.56
N LEU J 137 13.02 -12.34 -12.98
CA LEU J 137 14.43 -12.01 -12.76
C LEU J 137 15.23 -12.09 -14.05
N GLN J 138 14.87 -13.02 -14.93
CA GLN J 138 15.51 -13.13 -16.22
C GLN J 138 15.21 -11.88 -17.02
N GLY J 139 13.95 -11.46 -16.99
CA GLY J 139 13.49 -10.25 -17.65
C GLY J 139 14.13 -8.97 -17.12
N SER J 140 14.37 -8.93 -15.81
CA SER J 140 15.08 -7.80 -15.20
C SER J 140 16.53 -7.75 -15.65
N TYR J 141 17.13 -8.94 -15.82
CA TYR J 141 18.51 -9.05 -16.26
C TYR J 141 18.69 -8.59 -17.70
N GLU J 142 17.81 -9.05 -18.58
CA GLU J 142 17.84 -8.67 -20.00
C GLU J 142 17.73 -7.16 -20.19
N LYS J 143 16.89 -6.49 -19.38
CA LYS J 143 16.72 -5.03 -19.47
C LYS J 143 17.97 -4.28 -19.04
N LEU J 144 18.59 -4.74 -17.95
CA LEU J 144 19.82 -4.14 -17.45
C LEU J 144 20.95 -4.29 -18.46
N MET J 145 21.00 -5.45 -19.12
CA MET J 145 22.03 -5.71 -20.13
C MET J 145 21.79 -4.96 -21.45
N ALA J 146 21.24 -3.74 -21.33
CA ALA J 146 21.03 -2.84 -22.48
C ALA J 146 20.88 -1.39 -22.00
N PRO J 150 27.98 -4.12 -22.23
CA PRO J 150 29.41 -4.36 -22.00
C PRO J 150 29.77 -4.25 -20.51
N MET J 151 29.65 -5.36 -19.78
CA MET J 151 29.81 -5.36 -18.33
C MET J 151 31.26 -5.49 -17.83
N SER J 152 31.65 -4.58 -16.94
CA SER J 152 32.97 -4.59 -16.30
C SER J 152 32.87 -4.05 -14.87
N PHE J 153 33.94 -4.21 -14.09
CA PHE J 153 34.03 -3.63 -12.74
C PHE J 153 33.91 -2.11 -12.78
N SER J 154 34.40 -1.51 -13.86
CA SER J 154 34.42 -0.04 -14.04
C SER J 154 33.04 0.59 -14.19
N SER J 155 32.03 -0.23 -14.51
CA SER J 155 30.65 0.23 -14.70
C SER J 155 30.01 0.71 -13.40
N PRO J 156 29.28 1.84 -13.45
CA PRO J 156 28.48 2.26 -12.29
C PRO J 156 27.45 1.19 -11.96
N ASP J 157 26.86 0.61 -13.01
CA ASP J 157 25.81 -0.42 -12.91
C ASP J 157 26.25 -1.73 -12.25
N PHE J 158 27.52 -1.82 -11.86
CA PHE J 158 28.11 -3.09 -11.42
C PHE J 158 27.46 -3.66 -10.15
N GLY J 159 27.26 -2.80 -9.15
CA GLY J 159 26.56 -3.17 -7.92
C GLY J 159 25.21 -3.78 -8.23
N HIS J 160 24.46 -3.12 -9.11
CA HIS J 160 23.19 -3.63 -9.61
C HIS J 160 23.36 -5.00 -10.26
N TYR J 161 24.32 -5.11 -11.18
CA TYR J 161 24.64 -6.38 -11.84
C TYR J 161 24.92 -7.50 -10.84
N LEU J 162 25.56 -7.14 -9.72
CA LEU J 162 25.93 -8.12 -8.71
C LEU J 162 24.73 -8.77 -8.02
N VAL J 163 23.81 -7.95 -7.50
CA VAL J 163 22.62 -8.45 -6.82
C VAL J 163 21.65 -9.14 -7.79
N LEU J 164 21.69 -8.76 -9.05
CA LEU J 164 20.79 -9.35 -10.04
C LEU J 164 21.20 -10.78 -10.41
N THR J 165 22.49 -10.97 -10.73
CA THR J 165 23.01 -12.30 -11.08
C THR J 165 22.97 -13.26 -9.90
N LYS J 166 23.18 -12.72 -8.69
CA LYS J 166 23.09 -13.54 -7.49
C LYS J 166 21.66 -14.02 -7.30
N ALA J 167 20.72 -13.10 -7.47
CA ALA J 167 19.30 -13.42 -7.33
C ALA J 167 18.86 -14.47 -8.36
N LEU J 168 19.22 -14.24 -9.63
CA LEU J 168 18.99 -15.23 -10.69
C LEU J 168 19.47 -16.63 -10.33
N GLU J 169 20.74 -16.73 -9.93
CA GLU J 169 21.32 -18.01 -9.54
C GLU J 169 20.56 -18.65 -8.39
N ARG J 170 20.20 -17.86 -7.39
CA ARG J 170 19.47 -18.36 -6.23
C ARG J 170 18.23 -19.11 -6.70
N GLU J 171 17.57 -18.58 -7.73
CA GLU J 171 16.34 -19.13 -8.28
C GLU J 171 16.53 -20.30 -9.25
N LYS J 172 17.51 -20.21 -10.15
CA LYS J 172 17.82 -21.35 -11.02
C LYS J 172 18.08 -22.58 -10.17
N ASN J 173 18.97 -22.46 -9.18
CA ASN J 173 19.32 -23.57 -8.28
C ASN J 173 18.12 -24.09 -7.52
N TYR J 174 17.28 -23.17 -7.05
CA TYR J 174 16.09 -23.57 -6.34
C TYR J 174 15.19 -24.40 -7.26
N VAL J 175 15.08 -23.97 -8.51
CA VAL J 175 14.28 -24.68 -9.51
C VAL J 175 14.90 -26.05 -9.81
N SER J 176 16.19 -26.05 -10.19
CA SER J 176 16.92 -27.29 -10.46
C SER J 176 16.73 -28.28 -9.32
N TRP J 177 16.96 -27.79 -8.11
CA TRP J 177 16.84 -28.60 -6.91
C TRP J 177 15.45 -29.21 -6.78
N LEU J 178 14.41 -28.36 -6.85
CA LEU J 178 13.03 -28.84 -6.74
C LEU J 178 12.69 -29.87 -7.82
N GLU J 179 13.08 -29.58 -9.05
CA GLU J 179 12.87 -30.52 -10.16
C GLU J 179 13.52 -31.88 -9.92
N SER J 180 14.70 -31.86 -9.27
CA SER J 180 15.39 -33.10 -8.90
C SER J 180 14.62 -33.86 -7.83
N ILE J 181 14.15 -33.14 -6.82
CA ILE J 181 13.41 -33.74 -5.70
C ILE J 181 12.02 -34.25 -6.15
N LEU J 182 11.42 -33.54 -7.09
CA LEU J 182 10.11 -33.96 -7.61
C LEU J 182 10.18 -35.24 -8.45
N ALA J 183 11.35 -35.49 -9.06
CA ALA J 183 11.60 -36.74 -9.76
C ALA J 183 11.58 -37.90 -8.77
N MET J 184 12.20 -37.68 -7.62
CA MET J 184 12.19 -38.62 -6.51
C MET J 184 10.80 -38.82 -5.92
N ILE J 185 10.01 -37.75 -5.86
CA ILE J 185 8.70 -37.78 -5.21
C ILE J 185 7.60 -38.51 -5.99
N ASP J 186 7.46 -38.18 -7.28
CA ASP J 186 6.33 -38.67 -8.10
C ASP J 186 6.43 -40.15 -8.49
N PRO K 6 39.07 -34.53 22.06
CA PRO K 6 39.84 -35.71 22.48
C PRO K 6 41.35 -35.47 22.35
N MET K 7 41.90 -34.62 23.23
CA MET K 7 43.29 -34.19 23.15
C MET K 7 44.30 -35.36 22.98
N ARG K 8 44.45 -36.19 24.03
CA ARG K 8 45.44 -37.30 24.05
C ARG K 8 46.88 -36.89 23.67
N VAL K 9 47.42 -35.94 24.42
CA VAL K 9 48.76 -35.45 24.18
C VAL K 9 49.84 -36.50 24.50
N LEU K 10 49.61 -37.33 25.53
CA LEU K 10 50.58 -38.36 25.93
C LEU K 10 50.88 -39.37 24.83
N LYS K 11 49.86 -39.76 24.08
CA LYS K 11 50.03 -40.54 22.84
C LYS K 11 51.11 -39.96 21.93
N TYR K 12 51.06 -38.64 21.69
CA TYR K 12 51.97 -38.03 20.75
C TYR K 12 53.36 -37.87 21.34
N ALA K 13 53.41 -37.71 22.65
CA ALA K 13 54.66 -37.61 23.37
C ALA K 13 55.43 -38.91 23.20
N ILE K 14 54.72 -40.02 23.39
CA ILE K 14 55.29 -41.35 23.25
C ILE K 14 55.75 -41.61 21.81
N LEU K 15 54.92 -41.29 20.83
CA LEU K 15 55.29 -41.51 19.42
C LEU K 15 56.53 -40.70 19.07
N GLY K 16 56.59 -39.47 19.58
CA GLY K 16 57.72 -38.59 19.35
C GLY K 16 58.98 -39.16 19.96
N LEU K 17 58.88 -39.62 21.21
CA LEU K 17 60.01 -40.26 21.89
C LEU K 17 60.57 -41.41 21.07
N LEU K 18 59.68 -42.11 20.36
CA LEU K 18 60.05 -43.28 19.60
C LEU K 18 60.51 -42.99 18.19
N ARG K 19 60.48 -41.72 17.77
CA ARG K 19 60.82 -41.33 16.38
C ARG K 19 62.24 -41.71 15.87
N LYS K 20 63.15 -42.05 16.77
CA LYS K 20 64.56 -42.34 16.42
C LYS K 20 65.02 -43.74 16.76
N GLY K 21 64.09 -44.64 17.10
CA GLY K 21 64.49 -45.99 17.47
C GLY K 21 63.82 -46.52 18.72
N GLU K 22 63.98 -47.82 18.93
CA GLU K 22 63.24 -48.55 19.94
C GLU K 22 63.49 -48.08 21.39
N LEU K 23 62.42 -48.07 22.18
CA LEU K 23 62.51 -47.71 23.60
C LEU K 23 61.56 -48.60 24.40
N SER K 24 61.85 -48.73 25.69
CA SER K 24 60.95 -49.39 26.61
C SER K 24 60.20 -48.33 27.40
N GLY K 25 59.08 -48.73 27.96
CA GLY K 25 58.31 -47.89 28.84
C GLY K 25 59.20 -47.31 29.92
N TYR K 26 60.18 -48.10 30.37
CA TYR K 26 61.11 -47.62 31.36
C TYR K 26 61.97 -46.51 30.80
N ASP K 27 62.47 -46.67 29.56
CA ASP K 27 63.26 -45.62 28.92
C ASP K 27 62.45 -44.34 28.81
N ILE K 28 61.18 -44.51 28.42
CA ILE K 28 60.27 -43.40 28.19
C ILE K 28 60.01 -42.65 29.48
N THR K 29 59.78 -43.41 30.55
CA THR K 29 59.56 -42.81 31.86
C THR K 29 60.79 -41.98 32.21
N SER K 30 61.98 -42.49 31.91
CA SER K 30 63.20 -41.68 32.11
C SER K 30 63.16 -40.35 31.37
N TYR K 31 62.78 -40.37 30.10
CA TYR K 31 62.83 -39.16 29.28
C TYR K 31 61.93 -38.07 29.82
N PHE K 32 60.82 -38.46 30.44
CA PHE K 32 59.94 -37.49 31.08
C PHE K 32 60.56 -36.91 32.34
N LYS K 33 61.54 -37.60 32.92
CA LYS K 33 62.22 -37.13 34.13
C LYS K 33 63.39 -36.20 33.85
N GLU K 34 63.91 -36.23 32.64
CA GLU K 34 65.05 -35.37 32.29
C GLU K 34 64.54 -34.05 31.72
N GLU K 35 65.20 -33.53 30.67
CA GLU K 35 64.89 -32.19 30.15
C GLU K 35 63.42 -32.01 29.67
N LEU K 36 62.86 -33.00 29.00
CA LEU K 36 61.44 -32.92 28.57
C LEU K 36 60.45 -32.64 29.72
N GLY K 37 60.81 -33.04 30.94
CA GLY K 37 59.96 -32.81 32.12
C GLY K 37 59.66 -31.37 32.50
N GLN K 38 60.34 -30.42 31.86
CA GLN K 38 60.04 -29.02 32.06
C GLN K 38 58.73 -28.63 31.37
N PHE K 39 58.33 -29.38 30.34
CA PHE K 39 57.21 -28.99 29.50
C PHE K 39 56.11 -30.04 29.36
N TRP K 40 56.43 -31.28 29.66
CA TRP K 40 55.46 -32.34 29.72
C TRP K 40 56.04 -33.45 30.57
N SER K 41 55.26 -34.01 31.48
CA SER K 41 55.68 -35.23 32.14
C SER K 41 54.54 -36.20 32.23
N ALA K 42 54.90 -37.46 32.50
CA ALA K 42 53.96 -38.52 32.74
C ALA K 42 54.64 -39.52 33.68
N LYS K 43 53.87 -40.16 34.55
CA LYS K 43 54.45 -41.20 35.37
C LYS K 43 54.32 -42.56 34.66
N HIS K 44 55.08 -43.55 35.13
CA HIS K 44 55.06 -44.87 34.51
C HIS K 44 53.63 -45.44 34.53
N SER K 45 52.87 -45.06 35.55
CA SER K 45 51.51 -45.56 35.74
C SER K 45 50.58 -45.15 34.61
N GLN K 46 50.92 -44.08 33.93
CA GLN K 46 50.08 -43.61 32.85
C GLN K 46 50.65 -44.10 31.52
N ILE K 47 51.98 -44.28 31.48
CA ILE K 47 52.71 -44.69 30.29
C ILE K 47 52.47 -46.14 29.87
N TYR K 48 52.58 -47.09 30.78
CA TYR K 48 52.34 -48.51 30.41
C TYR K 48 50.95 -48.80 29.81
N PRO K 49 49.87 -48.23 30.38
CA PRO K 49 48.57 -48.50 29.74
C PRO K 49 48.44 -47.81 28.40
N GLU K 50 49.14 -46.69 28.22
CA GLU K 50 49.09 -45.97 26.96
C GLU K 50 49.83 -46.74 25.87
N LEU K 51 50.96 -47.35 26.24
CA LEU K 51 51.73 -48.14 25.28
C LEU K 51 50.89 -49.28 24.76
N LYS K 52 50.10 -49.91 25.65
CA LYS K 52 49.27 -51.02 25.22
C LYS K 52 48.21 -50.51 24.28
N LYS K 53 47.60 -49.37 24.63
CA LYS K 53 46.52 -48.80 23.87
C LYS K 53 47.01 -48.43 22.47
N LEU K 54 48.24 -47.95 22.38
CA LEU K 54 48.84 -47.58 21.09
C LEU K 54 49.19 -48.82 20.25
N THR K 55 49.56 -49.91 20.92
CA THR K 55 49.84 -51.16 20.23
C THR K 55 48.61 -51.73 19.51
N ASP K 56 47.46 -51.59 20.17
CA ASP K 56 46.17 -52.04 19.66
C ASP K 56 45.70 -51.23 18.46
N GLU K 57 46.14 -49.98 18.42
CA GLU K 57 45.77 -49.05 17.35
C GLU K 57 46.72 -49.16 16.17
N GLY K 58 47.73 -50.02 16.31
CA GLY K 58 48.71 -50.25 15.25
C GLY K 58 49.63 -49.07 14.95
N PHE K 59 49.87 -48.21 15.95
CA PHE K 59 50.82 -47.12 15.79
C PHE K 59 52.22 -47.54 16.22
N ILE K 60 52.30 -48.40 17.23
CA ILE K 60 53.60 -48.93 17.64
C ILE K 60 53.58 -50.45 17.69
N THR K 61 54.77 -51.03 17.76
CA THR K 61 54.99 -52.46 17.77
C THR K 61 56.06 -52.73 18.81
N PHE K 62 55.95 -53.85 19.52
CA PHE K 62 56.97 -54.23 20.48
C PHE K 62 57.63 -55.58 20.19
N ARG K 63 58.88 -55.70 20.65
CA ARG K 63 59.51 -57.01 20.73
C ARG K 63 59.97 -57.21 22.17
N THR K 64 59.91 -58.45 22.65
CA THR K 64 60.33 -58.78 24.01
C THR K 64 61.81 -59.18 24.01
N THR K 65 62.60 -58.63 24.92
CA THR K 65 63.98 -59.06 25.08
C THR K 65 64.22 -59.45 26.53
N ILE K 66 65.29 -60.19 26.78
CA ILE K 66 65.58 -60.67 28.12
C ILE K 66 66.81 -60.03 28.73
N GLN K 67 66.61 -59.50 29.94
CA GLN K 67 67.66 -58.89 30.74
C GLN K 67 68.08 -59.86 31.84
N GLY K 68 69.36 -60.22 31.85
CA GLY K 68 69.87 -61.21 32.75
C GLY K 68 69.38 -62.58 32.30
N THR K 69 68.71 -63.28 33.20
CA THR K 69 68.28 -64.64 32.97
C THR K 69 66.80 -64.73 32.63
N LYS K 70 65.99 -63.81 33.17
CA LYS K 70 64.54 -63.89 33.00
C LYS K 70 63.73 -62.60 33.04
N LEU K 71 64.37 -61.43 33.18
CA LEU K 71 63.62 -60.18 33.22
C LEU K 71 63.21 -59.69 31.84
N GLU K 72 61.92 -59.76 31.54
CA GLU K 72 61.42 -59.37 30.24
C GLU K 72 61.24 -57.85 30.10
N LYS K 73 61.63 -57.35 28.95
CA LYS K 73 61.54 -55.94 28.64
C LYS K 73 60.93 -55.78 27.24
N LYS K 74 59.97 -54.87 27.12
CA LYS K 74 59.29 -54.64 25.85
C LYS K 74 59.84 -53.43 25.10
N MET K 75 60.36 -53.68 23.90
CA MET K 75 61.00 -52.65 23.12
C MET K 75 60.11 -52.21 21.95
N TYR K 76 59.68 -50.94 22.00
CA TYR K 76 58.73 -50.37 21.04
C TYR K 76 59.36 -49.69 19.83
N THR K 77 58.69 -49.84 18.69
CA THR K 77 59.06 -49.17 17.45
C THR K 77 57.79 -48.56 16.81
N LEU K 78 57.96 -47.47 16.07
CA LEU K 78 56.87 -46.90 15.29
C LEU K 78 56.51 -47.79 14.08
N THR K 79 55.25 -47.85 13.74
CA THR K 79 54.81 -48.42 12.47
C THR K 79 54.71 -47.26 11.45
N ASP K 80 54.51 -47.59 10.18
CA ASP K 80 54.26 -46.57 9.16
C ASP K 80 53.09 -45.69 9.57
N SER K 81 52.03 -46.33 10.07
CA SER K 81 50.87 -45.65 10.61
C SER K 81 51.25 -44.73 11.79
N GLY K 82 52.12 -45.21 12.67
CA GLY K 82 52.64 -44.40 13.77
C GLY K 82 53.39 -43.16 13.30
N LYS K 83 54.28 -43.33 12.32
CA LYS K 83 55.03 -42.21 11.72
C LYS K 83 54.12 -41.15 11.13
N GLN K 84 53.10 -41.61 10.41
CA GLN K 84 52.15 -40.70 9.78
C GLN K 84 51.33 -39.94 10.83
N GLU K 85 50.89 -40.64 11.88
CA GLU K 85 50.12 -40.04 12.96
C GLU K 85 50.91 -38.92 13.64
N LEU K 86 52.16 -39.21 13.99
CA LEU K 86 53.09 -38.20 14.54
C LEU K 86 53.24 -36.99 13.63
N HIS K 87 53.49 -37.23 12.36
CA HIS K 87 53.67 -36.19 11.36
C HIS K 87 52.47 -35.26 11.24
N ASP K 88 51.26 -35.83 11.17
CA ASP K 88 50.01 -35.07 11.06
C ASP K 88 49.85 -34.12 12.22
N TRP K 89 50.21 -34.60 13.40
CA TRP K 89 50.09 -33.80 14.61
C TRP K 89 51.13 -32.67 14.65
N LEU K 90 52.37 -32.95 14.22
CA LEU K 90 53.44 -31.96 14.29
C LEU K 90 53.16 -30.71 13.47
N ILE K 91 52.72 -30.88 12.23
CA ILE K 91 52.47 -29.77 11.32
C ILE K 91 51.08 -29.15 11.49
N ARG K 92 50.22 -29.77 12.29
CA ARG K 92 48.89 -29.25 12.56
C ARG K 92 49.03 -28.04 13.47
N HIS K 93 48.45 -26.90 13.09
CA HIS K 93 48.50 -25.70 13.93
C HIS K 93 47.33 -25.72 14.92
N GLN K 94 47.65 -25.81 16.21
CA GLN K 94 46.61 -25.81 17.24
C GLN K 94 46.54 -24.43 17.88
N PRO K 95 45.34 -23.99 18.29
CA PRO K 95 45.26 -22.71 18.98
C PRO K 95 46.10 -22.74 20.25
N ILE K 96 46.70 -21.61 20.59
CA ILE K 96 47.45 -21.48 21.82
C ILE K 96 46.48 -21.39 23.01
N PRO K 97 46.74 -22.16 24.08
CA PRO K 97 45.85 -22.13 25.26
C PRO K 97 45.85 -20.76 25.91
N GLU K 98 44.68 -20.32 26.37
CA GLU K 98 44.56 -19.06 27.10
C GLU K 98 45.27 -19.14 28.46
N THR K 99 45.00 -20.21 29.21
CA THR K 99 45.50 -20.42 30.57
C THR K 99 46.75 -21.29 30.62
N VAL K 100 47.74 -20.85 31.38
CA VAL K 100 48.86 -21.71 31.77
C VAL K 100 49.01 -21.63 33.29
N LYS K 101 48.51 -22.64 33.98
CA LYS K 101 48.38 -22.62 35.44
C LYS K 101 49.66 -22.31 36.20
N ASP K 102 49.55 -21.38 37.15
CA ASP K 102 50.63 -20.95 38.00
C ASP K 102 50.05 -20.51 39.35
N GLU K 103 50.22 -21.38 40.35
CA GLU K 103 49.60 -21.19 41.67
C GLU K 103 50.17 -19.98 42.41
N PHE K 104 51.45 -19.66 42.16
CA PHE K 104 52.07 -18.48 42.76
C PHE K 104 51.39 -17.22 42.26
N MET K 105 51.02 -17.20 40.98
CA MET K 105 50.37 -16.05 40.38
C MET K 105 48.95 -15.87 40.88
N LEU K 106 48.30 -16.98 41.24
CA LEU K 106 46.99 -16.94 41.86
C LEU K 106 47.08 -16.18 43.19
N LYS K 107 48.11 -16.46 43.98
CA LYS K 107 48.38 -15.77 45.24
C LYS K 107 48.69 -14.30 45.05
N ALA K 108 49.43 -13.98 43.99
CA ALA K 108 49.84 -12.61 43.71
C ALA K 108 48.65 -11.71 43.41
N TYR K 109 47.66 -12.29 42.74
CA TYR K 109 46.39 -11.61 42.46
C TYR K 109 45.69 -11.23 43.77
N PHE K 110 45.89 -12.05 44.80
CA PHE K 110 45.25 -11.85 46.09
C PHE K 110 46.14 -11.08 47.07
N ILE K 111 47.18 -10.41 46.56
CA ILE K 111 48.14 -9.67 47.40
C ILE K 111 47.52 -8.74 48.46
N SER K 112 46.37 -8.12 48.15
CA SER K 112 45.75 -7.12 49.04
C SER K 112 45.53 -7.64 50.46
N SER K 113 45.55 -8.96 50.61
CA SER K 113 45.44 -9.63 51.90
C SER K 113 46.81 -9.75 52.57
N SER K 115 49.89 -7.59 53.50
CA SER K 115 50.82 -6.92 54.42
C SER K 115 52.23 -6.89 53.84
N ARG K 116 52.85 -5.71 53.88
CA ARG K 116 54.15 -5.46 53.25
C ARG K 116 55.22 -6.43 53.72
N GLN K 117 55.16 -6.82 55.00
CA GLN K 117 56.06 -7.83 55.52
C GLN K 117 55.69 -9.24 55.05
N GLU K 118 54.40 -9.58 55.15
CA GLU K 118 53.92 -10.88 54.72
C GLU K 118 54.24 -11.15 53.24
N ALA K 119 54.02 -10.13 52.41
CA ALA K 119 54.29 -10.17 50.97
C ALA K 119 55.77 -10.28 50.63
N SER K 120 56.61 -9.47 51.30
CA SER K 120 58.06 -9.54 51.09
C SER K 120 58.57 -10.96 51.33
N ASP K 121 57.96 -11.64 52.31
CA ASP K 121 58.34 -12.99 52.70
C ASP K 121 57.94 -14.07 51.68
N LEU K 122 56.76 -13.92 51.07
CA LEU K 122 56.32 -14.83 50.03
C LEU K 122 57.16 -14.69 48.78
N PHE K 123 57.44 -13.44 48.39
CA PHE K 123 58.17 -13.14 47.16
C PHE K 123 59.67 -13.41 47.26
N THR K 124 60.27 -13.13 48.41
CA THR K 124 61.69 -13.39 48.61
C THR K 124 61.93 -14.90 48.60
N ASP K 125 60.98 -15.62 49.16
CA ASP K 125 61.00 -17.08 49.19
C ASP K 125 60.95 -17.66 47.77
N GLN K 126 60.03 -17.15 46.96
CA GLN K 126 59.89 -17.60 45.58
C GLN K 126 61.11 -17.21 44.74
N LEU K 127 61.72 -16.07 45.06
CA LEU K 127 62.93 -15.59 44.38
C LEU K 127 64.09 -16.56 44.54
N LEU K 128 64.42 -16.90 45.79
CA LEU K 128 65.51 -17.82 46.10
C LEU K 128 65.31 -19.20 45.47
N LYS K 129 64.08 -19.71 45.52
CA LYS K 129 63.77 -21.03 44.96
C LYS K 129 63.88 -21.07 43.45
N ARG K 130 63.47 -20.00 42.79
CA ARG K 130 63.62 -19.90 41.33
C ARG K 130 65.05 -19.64 40.87
N LYS K 131 65.81 -18.92 41.70
CA LYS K 131 67.23 -18.67 41.42
C LYS K 131 68.02 -19.98 41.47
N ALA K 132 67.58 -20.90 42.32
CA ALA K 132 68.17 -22.24 42.42
C ALA K 132 67.77 -23.09 41.22
N LYS K 133 66.49 -23.02 40.83
CA LYS K 133 66.03 -23.74 39.65
C LYS K 133 66.74 -23.24 38.40
N LEU K 134 66.98 -21.92 38.35
CA LEU K 134 67.73 -21.31 37.26
C LEU K 134 69.17 -21.83 37.24
N SER K 135 69.73 -22.07 38.42
CA SER K 135 71.11 -22.53 38.56
C SER K 135 71.30 -23.95 38.03
N ASP K 136 70.35 -24.83 38.36
CA ASP K 136 70.38 -26.23 37.90
C ASP K 136 70.27 -26.32 36.39
N LEU K 137 69.43 -25.47 35.80
CA LEU K 137 69.24 -25.41 34.34
C LEU K 137 70.50 -24.95 33.62
N GLN K 138 71.10 -23.86 34.09
CA GLN K 138 72.37 -23.37 33.55
C GLN K 138 73.41 -24.49 33.58
N GLY K 139 73.35 -25.32 34.62
CA GLY K 139 74.20 -26.49 34.75
C GLY K 139 73.94 -27.53 33.68
N SER K 140 72.68 -27.73 33.33
CA SER K 140 72.31 -28.70 32.30
C SER K 140 72.68 -28.19 30.92
N TYR K 141 72.56 -26.89 30.72
CA TYR K 141 72.86 -26.25 29.44
C TYR K 141 74.35 -26.31 29.17
N GLU K 142 75.14 -26.16 30.22
CA GLU K 142 76.59 -26.24 30.11
C GLU K 142 77.00 -27.63 29.70
N LYS K 143 76.35 -28.65 30.29
CA LYS K 143 76.63 -30.04 29.99
C LYS K 143 76.24 -30.44 28.56
N LEU K 144 75.21 -29.80 28.02
CA LEU K 144 74.78 -30.04 26.64
C LEU K 144 75.77 -29.45 25.65
N MET K 145 76.24 -28.24 25.94
CA MET K 145 77.03 -27.46 25.00
C MET K 145 78.49 -27.87 24.96
N ALA K 146 78.94 -28.53 26.02
CA ALA K 146 80.36 -28.86 26.25
C ALA K 146 81.07 -29.55 25.08
N SER K 147 82.28 -29.07 24.79
CA SER K 147 83.15 -29.60 23.74
C SER K 147 82.48 -29.79 22.36
N ALA K 148 81.42 -29.02 22.11
CA ALA K 148 80.65 -29.15 20.87
C ALA K 148 80.79 -27.93 19.96
N GLU K 149 80.63 -28.17 18.66
CA GLU K 149 80.53 -27.13 17.65
C GLU K 149 79.20 -26.41 17.87
N PRO K 150 79.06 -25.16 17.36
CA PRO K 150 77.84 -24.37 17.57
C PRO K 150 76.58 -25.14 17.22
N MET K 151 75.48 -24.77 17.85
CA MET K 151 74.20 -25.43 17.63
C MET K 151 73.60 -24.90 16.33
N SER K 152 73.09 -25.82 15.52
CA SER K 152 72.37 -25.48 14.32
C SER K 152 71.11 -26.35 14.24
N PHE K 153 70.29 -26.09 13.22
CA PHE K 153 69.05 -26.84 13.00
C PHE K 153 69.31 -28.32 12.65
N SER K 154 70.50 -28.61 12.11
CA SER K 154 70.83 -29.96 11.65
C SER K 154 71.47 -30.82 12.72
N SER K 155 71.74 -30.24 13.89
CA SER K 155 72.30 -31.01 14.98
C SER K 155 71.26 -31.99 15.55
N PRO K 156 71.64 -33.27 15.69
CA PRO K 156 70.72 -34.23 16.31
C PRO K 156 70.23 -33.76 17.68
N ASP K 157 70.92 -32.77 18.27
CA ASP K 157 70.64 -32.27 19.63
C ASP K 157 69.79 -31.01 19.63
N PHE K 158 69.31 -30.60 18.45
CA PHE K 158 68.53 -29.40 18.32
C PHE K 158 67.23 -29.42 19.13
N GLY K 159 66.54 -30.57 19.13
CA GLY K 159 65.35 -30.74 19.97
C GLY K 159 65.65 -30.41 21.42
N HIS K 160 66.71 -31.04 21.93
CA HIS K 160 67.18 -30.87 23.30
C HIS K 160 67.52 -29.39 23.58
N TYR K 161 68.22 -28.77 22.63
CA TYR K 161 68.59 -27.36 22.72
C TYR K 161 67.36 -26.48 22.90
N LEU K 162 66.31 -26.81 22.15
CA LEU K 162 65.06 -26.06 22.16
C LEU K 162 64.37 -26.08 23.51
N VAL K 163 64.14 -27.25 24.10
CA VAL K 163 63.51 -27.31 25.43
C VAL K 163 64.39 -26.74 26.53
N LEU K 164 65.70 -26.91 26.39
CA LEU K 164 66.60 -26.43 27.41
C LEU K 164 66.66 -24.90 27.43
N THR K 165 66.82 -24.26 26.26
CA THR K 165 66.92 -22.78 26.24
C THR K 165 65.61 -22.13 26.64
N LYS K 166 64.50 -22.81 26.34
CA LYS K 166 63.19 -22.25 26.64
C LYS K 166 63.00 -22.22 28.14
N ALA K 167 63.34 -23.33 28.78
CA ALA K 167 63.25 -23.46 30.23
C ALA K 167 64.17 -22.43 30.90
N LEU K 168 65.38 -22.26 30.34
CA LEU K 168 66.30 -21.22 30.77
C LEU K 168 65.68 -19.83 30.68
N GLU K 169 65.19 -19.46 29.49
CA GLU K 169 64.59 -18.14 29.29
C GLU K 169 63.40 -17.93 30.25
N ARG K 170 62.53 -18.94 30.34
CA ARG K 170 61.39 -18.94 31.27
C ARG K 170 61.83 -18.57 32.69
N GLU K 171 62.87 -19.24 33.16
CA GLU K 171 63.35 -19.05 34.51
C GLU K 171 64.06 -17.72 34.70
N LYS K 172 64.84 -17.29 33.71
CA LYS K 172 65.47 -15.96 33.75
C LYS K 172 64.42 -14.86 33.81
N ASN K 173 63.43 -14.92 32.92
CA ASN K 173 62.32 -13.96 32.86
C ASN K 173 61.50 -13.88 34.17
N TYR K 174 61.31 -15.01 34.83
CA TYR K 174 60.59 -15.08 36.11
C TYR K 174 61.42 -14.46 37.23
N VAL K 175 62.74 -14.66 37.16
CA VAL K 175 63.68 -14.06 38.11
C VAL K 175 63.65 -12.53 37.97
N SER K 176 63.84 -12.04 36.74
CA SER K 176 63.79 -10.61 36.48
C SER K 176 62.52 -9.97 37.02
N TRP K 177 61.37 -10.60 36.73
CA TRP K 177 60.07 -10.10 37.21
C TRP K 177 60.00 -10.01 38.73
N LEU K 178 60.23 -11.14 39.41
CA LEU K 178 60.23 -11.18 40.88
C LEU K 178 61.11 -10.09 41.52
N GLU K 179 62.26 -9.80 40.89
CA GLU K 179 63.18 -8.75 41.37
C GLU K 179 62.56 -7.36 41.26
N SER K 180 61.90 -7.10 40.12
CA SER K 180 61.20 -5.85 39.87
C SER K 180 60.08 -5.58 40.86
N ILE K 181 59.39 -6.63 41.28
CA ILE K 181 58.22 -6.50 42.16
C ILE K 181 58.63 -6.30 43.62
N LEU K 182 59.67 -7.01 44.07
CA LEU K 182 60.19 -6.83 45.43
C LEU K 182 60.50 -5.36 45.78
N ALA K 183 61.11 -4.66 44.83
CA ALA K 183 61.43 -3.24 45.01
C ALA K 183 60.23 -2.34 44.73
N ARG L 8 43.24 -29.46 45.94
CA ARG L 8 42.10 -28.52 45.72
C ARG L 8 42.57 -27.07 45.77
N VAL L 9 42.98 -26.55 44.61
CA VAL L 9 43.47 -25.19 44.48
C VAL L 9 42.31 -24.25 44.17
N LEU L 10 41.30 -24.79 43.50
CA LEU L 10 40.06 -24.05 43.25
C LEU L 10 39.49 -23.50 44.56
N LYS L 11 39.50 -24.33 45.61
CA LYS L 11 39.02 -23.91 46.92
C LYS L 11 39.55 -22.52 47.29
N TYR L 12 40.86 -22.37 47.23
CA TYR L 12 41.52 -21.12 47.62
C TYR L 12 41.39 -20.00 46.60
N ALA L 13 41.17 -20.37 45.33
CA ALA L 13 40.90 -19.38 44.29
C ALA L 13 39.59 -18.64 44.60
N ILE L 14 38.54 -19.40 44.88
CA ILE L 14 37.24 -18.85 45.25
C ILE L 14 37.36 -18.00 46.53
N LEU L 15 37.95 -18.56 47.57
CA LEU L 15 38.16 -17.85 48.83
C LEU L 15 38.84 -16.49 48.64
N GLY L 16 39.84 -16.46 47.76
CA GLY L 16 40.56 -15.22 47.48
C GLY L 16 39.72 -14.21 46.73
N LEU L 17 38.92 -14.69 45.79
CA LEU L 17 38.07 -13.82 44.98
C LEU L 17 36.98 -13.12 45.80
N LEU L 18 36.71 -13.64 46.99
CA LEU L 18 35.70 -13.07 47.89
C LEU L 18 36.31 -12.16 48.96
N ARG L 19 37.62 -11.91 48.87
CA ARG L 19 38.33 -11.12 49.88
C ARG L 19 37.83 -9.68 50.05
N LYS L 20 37.16 -9.15 49.03
CA LYS L 20 36.67 -7.77 49.06
C LYS L 20 35.14 -7.63 49.08
N GLY L 21 34.45 -8.75 49.29
CA GLY L 21 33.00 -8.71 49.48
C GLY L 21 32.21 -9.75 48.72
N GLU L 22 30.89 -9.65 48.85
CA GLU L 22 29.95 -10.59 48.23
C GLU L 22 30.17 -10.71 46.73
N LEU L 23 30.07 -11.94 46.23
CA LEU L 23 30.08 -12.22 44.81
C LEU L 23 29.25 -13.48 44.53
N SER L 24 28.53 -13.49 43.42
CA SER L 24 27.77 -14.66 42.98
C SER L 24 28.69 -15.70 42.37
N GLY L 25 28.16 -16.91 42.18
CA GLY L 25 28.87 -17.97 41.48
C GLY L 25 29.17 -17.59 40.03
N TYR L 26 28.21 -16.95 39.38
CA TYR L 26 28.40 -16.41 38.03
C TYR L 26 29.48 -15.33 38.01
N ASP L 27 29.49 -14.48 39.04
CA ASP L 27 30.48 -13.42 39.16
C ASP L 27 31.85 -14.05 39.30
N ILE L 28 31.92 -15.13 40.07
CA ILE L 28 33.15 -15.89 40.23
C ILE L 28 33.66 -16.47 38.91
N THR L 29 32.75 -16.86 38.03
CA THR L 29 33.09 -17.35 36.69
C THR L 29 33.65 -16.24 35.81
N SER L 30 33.01 -15.07 35.84
CA SER L 30 33.43 -13.95 35.00
C SER L 30 34.86 -13.50 35.31
N TYR L 31 35.23 -13.60 36.57
CA TYR L 31 36.59 -13.23 37.00
C TYR L 31 37.66 -14.14 36.40
N PHE L 32 37.29 -15.36 36.06
CA PHE L 32 38.21 -16.32 35.45
C PHE L 32 38.32 -16.13 33.94
N LYS L 33 37.37 -15.40 33.35
CA LYS L 33 37.45 -15.11 31.93
C LYS L 33 38.24 -13.83 31.70
N GLU L 34 38.49 -13.09 32.78
CA GLU L 34 39.23 -11.84 32.71
C GLU L 34 40.74 -12.07 32.85
N GLU L 35 41.45 -11.13 33.48
CA GLU L 35 42.92 -11.15 33.58
C GLU L 35 43.49 -12.30 34.42
N LEU L 36 42.71 -12.79 35.37
CA LEU L 36 43.12 -13.92 36.20
C LEU L 36 43.20 -15.23 35.39
N GLY L 37 42.49 -15.27 34.25
CA GLY L 37 42.41 -16.45 33.40
C GLY L 37 43.70 -16.81 32.70
N GLN L 38 44.66 -15.90 32.72
CA GLN L 38 46.00 -16.17 32.17
C GLN L 38 46.77 -17.17 33.03
N PHE L 39 46.39 -17.28 34.29
CA PHE L 39 47.18 -18.02 35.27
C PHE L 39 46.38 -19.04 36.07
N TRP L 40 45.07 -18.88 36.07
CA TRP L 40 44.17 -19.92 36.59
C TRP L 40 42.80 -19.74 35.98
N SER L 41 42.17 -20.85 35.62
CA SER L 41 40.80 -20.80 35.15
C SER L 41 40.01 -21.99 35.62
N ALA L 42 38.69 -21.86 35.57
CA ALA L 42 37.77 -22.90 35.97
C ALA L 42 36.38 -22.59 35.41
N LYS L 43 35.70 -23.61 34.91
CA LYS L 43 34.36 -23.44 34.38
C LYS L 43 33.32 -23.38 35.50
N HIS L 44 32.12 -22.93 35.15
CA HIS L 44 30.99 -22.90 36.09
C HIS L 44 30.60 -24.30 36.58
N SER L 45 30.78 -25.31 35.72
CA SER L 45 30.45 -26.70 36.06
C SER L 45 31.29 -27.23 37.22
N GLN L 46 32.37 -26.54 37.53
CA GLN L 46 33.25 -26.91 38.63
C GLN L 46 33.07 -25.96 39.82
N ILE L 47 32.71 -24.72 39.54
CA ILE L 47 32.59 -23.70 40.59
C ILE L 47 31.41 -23.97 41.53
N TYR L 48 30.23 -24.23 40.94
CA TYR L 48 29.01 -24.44 41.71
C TYR L 48 29.06 -25.61 42.70
N PRO L 49 29.54 -26.80 42.24
CA PRO L 49 29.74 -27.89 43.21
C PRO L 49 30.69 -27.52 44.35
N GLU L 50 31.83 -26.90 44.02
CA GLU L 50 32.81 -26.47 45.00
C GLU L 50 32.24 -25.47 46.01
N LEU L 51 31.41 -24.55 45.52
CA LEU L 51 30.74 -23.55 46.38
C LEU L 51 29.87 -24.19 47.46
N LYS L 52 29.20 -25.28 47.12
CA LYS L 52 28.38 -26.04 48.08
C LYS L 52 29.27 -26.74 49.10
N LYS L 53 30.36 -27.36 48.64
CA LYS L 53 31.34 -27.97 49.53
C LYS L 53 31.93 -26.93 50.47
N LEU L 54 32.21 -25.74 49.94
CA LEU L 54 32.75 -24.65 50.74
C LEU L 54 31.76 -24.17 51.80
N THR L 55 30.48 -24.19 51.44
CA THR L 55 29.38 -23.81 52.35
C THR L 55 29.19 -24.84 53.48
N ASP L 56 29.42 -26.11 53.16
CA ASP L 56 29.30 -27.21 54.11
C ASP L 56 30.56 -27.37 54.97
N GLU L 57 31.71 -27.03 54.41
CA GLU L 57 32.97 -26.97 55.17
C GLU L 57 32.96 -25.74 56.08
N GLY L 58 32.03 -24.82 55.82
CA GLY L 58 31.80 -23.65 56.67
C GLY L 58 32.79 -22.51 56.47
N PHE L 59 33.50 -22.53 55.34
CA PHE L 59 34.46 -21.48 55.02
C PHE L 59 33.76 -20.26 54.40
N ILE L 60 32.58 -20.50 53.81
CA ILE L 60 31.78 -19.42 53.23
C ILE L 60 30.30 -19.59 53.57
N THR L 61 29.54 -18.51 53.37
CA THR L 61 28.11 -18.51 53.63
C THR L 61 27.42 -17.63 52.58
N PHE L 62 26.11 -17.86 52.37
CA PHE L 62 25.38 -17.13 51.33
C PHE L 62 23.99 -16.64 51.73
N ARG L 63 23.66 -15.45 51.27
CA ARG L 63 22.30 -14.91 51.32
C ARG L 63 21.74 -15.01 49.92
N THR L 64 20.41 -15.08 49.80
CA THR L 64 19.78 -15.20 48.49
C THR L 64 19.12 -13.89 48.07
N THR L 65 19.33 -13.53 46.81
CA THR L 65 18.78 -12.30 46.23
C THR L 65 17.96 -12.61 44.97
N ILE L 66 16.95 -11.81 44.72
CA ILE L 66 16.12 -12.00 43.53
C ILE L 66 16.45 -10.94 42.48
N GLN L 67 16.79 -11.43 41.28
CA GLN L 67 17.13 -10.62 40.13
C GLN L 67 15.89 -10.26 39.34
N GLY L 68 15.61 -8.96 39.25
CA GLY L 68 14.47 -8.48 38.51
C GLY L 68 13.22 -8.88 39.26
N THR L 69 12.49 -9.85 38.71
CA THR L 69 11.23 -10.27 39.30
C THR L 69 11.22 -11.72 39.81
N LYS L 70 11.82 -12.64 39.06
CA LYS L 70 11.72 -14.07 39.40
C LYS L 70 13.04 -14.78 39.65
N LEU L 71 14.04 -14.49 38.83
CA LEU L 71 15.32 -15.20 38.83
C LEU L 71 16.07 -15.10 40.14
N GLU L 72 16.54 -16.26 40.62
CA GLU L 72 17.22 -16.36 41.91
C GLU L 72 18.75 -16.36 41.76
N LYS L 73 19.41 -15.76 42.74
CA LYS L 73 20.87 -15.60 42.74
C LYS L 73 21.38 -15.79 44.18
N LYS L 74 22.64 -16.23 44.31
CA LYS L 74 23.27 -16.41 45.62
C LYS L 74 24.55 -15.58 45.76
N MET L 75 24.56 -14.68 46.75
CA MET L 75 25.73 -13.85 47.03
C MET L 75 26.54 -14.44 48.18
N TYR L 76 27.75 -14.90 47.85
CA TYR L 76 28.62 -15.57 48.81
C TYR L 76 29.55 -14.58 49.51
N THR L 77 29.70 -14.78 50.82
CA THR L 77 30.56 -13.95 51.68
C THR L 77 31.44 -14.86 52.54
N LEU L 78 32.69 -14.46 52.76
CA LEU L 78 33.60 -15.23 53.61
C LEU L 78 33.14 -15.30 55.07
N THR L 79 33.80 -16.16 55.84
CA THR L 79 33.60 -16.28 57.28
C THR L 79 34.90 -15.98 58.00
N ASP L 80 34.85 -15.89 59.33
CA ASP L 80 36.08 -15.84 60.12
C ASP L 80 36.94 -17.06 59.77
N SER L 81 36.28 -18.21 59.68
CA SER L 81 36.91 -19.47 59.30
C SER L 81 37.52 -19.38 57.90
N GLY L 82 36.74 -18.85 56.95
CA GLY L 82 37.20 -18.65 55.57
C GLY L 82 38.35 -17.67 55.43
N LYS L 83 38.28 -16.56 56.18
CA LYS L 83 39.29 -15.51 56.14
C LYS L 83 40.69 -16.01 56.49
N GLN L 84 40.79 -16.78 57.58
CA GLN L 84 42.09 -17.28 58.06
C GLN L 84 42.63 -18.42 57.21
N GLU L 85 41.72 -19.24 56.67
CA GLU L 85 42.09 -20.36 55.81
C GLU L 85 42.79 -19.85 54.55
N LEU L 86 42.33 -18.70 54.06
CA LEU L 86 42.95 -18.02 52.90
C LEU L 86 44.31 -17.42 53.25
N HIS L 87 44.44 -16.94 54.49
CA HIS L 87 45.69 -16.35 54.96
C HIS L 87 46.77 -17.41 55.13
N ASP L 88 46.42 -18.52 55.78
CA ASP L 88 47.39 -19.62 56.00
C ASP L 88 47.90 -20.13 54.66
N TRP L 89 47.00 -20.17 53.67
CA TRP L 89 47.36 -20.61 52.33
C TRP L 89 48.34 -19.64 51.67
N LEU L 90 48.05 -18.35 51.75
CA LEU L 90 48.86 -17.31 51.10
C LEU L 90 50.31 -17.29 51.59
N ILE L 91 50.49 -17.50 52.89
CA ILE L 91 51.80 -17.41 53.54
C ILE L 91 52.61 -18.71 53.48
N ARG L 92 51.93 -19.82 53.23
CA ARG L 92 52.60 -21.13 53.13
C ARG L 92 53.51 -21.15 51.92
N HIS L 93 54.74 -21.62 52.11
CA HIS L 93 55.70 -21.69 51.00
C HIS L 93 55.50 -22.98 50.20
N GLN L 94 54.85 -22.85 49.04
CA GLN L 94 54.64 -23.97 48.14
C GLN L 94 55.90 -24.21 47.31
N PRO L 95 56.33 -25.49 47.19
CA PRO L 95 57.44 -25.81 46.28
C PRO L 95 57.08 -25.47 44.83
N ILE L 96 58.08 -25.10 44.04
CA ILE L 96 57.82 -24.71 42.65
C ILE L 96 57.77 -25.94 41.73
N PRO L 97 56.69 -26.06 40.94
CA PRO L 97 56.46 -27.28 40.14
C PRO L 97 57.57 -27.55 39.12
N GLU L 98 57.92 -28.83 38.96
CA GLU L 98 58.88 -29.26 37.93
C GLU L 98 58.38 -28.92 36.53
N THR L 99 57.16 -29.37 36.22
CA THR L 99 56.56 -29.19 34.89
C THR L 99 55.56 -28.03 34.86
N VAL L 100 55.61 -27.25 33.77
CA VAL L 100 54.50 -26.36 33.41
C VAL L 100 54.21 -26.70 31.96
N LYS L 101 53.12 -27.43 31.75
CA LYS L 101 52.84 -28.08 30.45
C LYS L 101 52.73 -27.09 29.29
N ASP L 102 53.30 -27.49 28.15
CA ASP L 102 53.27 -26.70 26.93
C ASP L 102 53.43 -27.59 25.70
N GLU L 103 52.31 -27.86 25.05
CA GLU L 103 52.24 -28.78 23.91
C GLU L 103 53.13 -28.36 22.75
N PHE L 104 53.33 -27.05 22.59
CA PHE L 104 54.21 -26.57 21.52
C PHE L 104 55.67 -26.96 21.74
N MET L 105 56.13 -26.88 22.98
CA MET L 105 57.51 -27.22 23.31
C MET L 105 57.81 -28.69 23.13
N LEU L 106 56.78 -29.51 23.35
CA LEU L 106 56.85 -30.92 23.11
C LEU L 106 57.14 -31.16 21.64
N LYS L 107 56.43 -30.45 20.77
CA LYS L 107 56.70 -30.48 19.32
C LYS L 107 58.12 -30.04 18.99
N ALA L 108 58.55 -28.95 19.61
CA ALA L 108 59.92 -28.46 19.44
C ALA L 108 60.95 -29.53 19.80
N TYR L 109 60.65 -30.34 20.83
CA TYR L 109 61.57 -31.40 21.22
C TYR L 109 61.73 -32.46 20.12
N PHE L 110 60.66 -32.66 19.34
CA PHE L 110 60.65 -33.65 18.26
C PHE L 110 60.97 -33.03 16.87
N ILE L 111 61.70 -31.92 16.85
CA ILE L 111 62.00 -31.21 15.60
C ILE L 111 62.72 -32.01 14.50
N SER L 112 63.40 -33.10 14.88
CA SER L 112 64.09 -33.95 13.92
C SER L 112 63.13 -34.60 12.91
N SER L 113 61.87 -34.72 13.31
CA SER L 113 60.87 -35.33 12.43
C SER L 113 60.43 -34.37 11.32
N LEU L 114 60.88 -33.13 11.37
CA LEU L 114 60.42 -32.10 10.45
C LEU L 114 61.53 -31.58 9.54
N SER L 115 61.18 -31.32 8.29
CA SER L 115 62.11 -30.69 7.36
C SER L 115 62.23 -29.22 7.67
N ARG L 116 63.30 -28.60 7.15
CA ARG L 116 63.58 -27.18 7.34
C ARG L 116 62.34 -26.35 7.05
N GLN L 117 61.73 -26.58 5.89
CA GLN L 117 60.52 -25.87 5.49
C GLN L 117 59.37 -26.01 6.48
N GLU L 118 59.08 -27.24 6.90
CA GLU L 118 57.96 -27.54 7.81
C GLU L 118 58.13 -26.94 9.20
N ALA L 119 59.36 -26.92 9.70
CA ALA L 119 59.67 -26.30 10.98
C ALA L 119 59.46 -24.77 10.96
N SER L 120 59.91 -24.13 9.88
CA SER L 120 59.73 -22.70 9.70
C SER L 120 58.26 -22.34 9.60
N ASP L 121 57.46 -23.20 8.99
CA ASP L 121 56.01 -22.93 8.88
C ASP L 121 55.37 -23.03 10.25
N LEU L 122 55.61 -24.15 10.94
CA LEU L 122 55.08 -24.39 12.29
C LEU L 122 55.43 -23.28 13.27
N PHE L 123 56.71 -22.90 13.29
CA PHE L 123 57.21 -21.85 14.17
C PHE L 123 56.78 -20.44 13.76
N THR L 124 56.68 -20.17 12.47
CA THR L 124 56.22 -18.86 12.02
C THR L 124 54.77 -18.65 12.44
N ASP L 125 53.95 -19.69 12.28
CA ASP L 125 52.56 -19.65 12.73
C ASP L 125 52.50 -19.34 14.22
N GLN L 126 53.38 -19.99 14.99
CA GLN L 126 53.48 -19.73 16.42
C GLN L 126 53.92 -18.29 16.70
N LEU L 127 54.84 -17.77 15.88
CA LEU L 127 55.23 -16.37 16.03
C LEU L 127 54.03 -15.44 15.80
N LEU L 128 53.31 -15.64 14.70
CA LEU L 128 52.17 -14.78 14.35
C LEU L 128 51.03 -14.80 15.37
N LYS L 129 50.78 -15.96 15.97
CA LYS L 129 49.76 -16.06 17.01
C LYS L 129 50.18 -15.38 18.31
N ARG L 130 51.41 -15.63 18.75
CA ARG L 130 51.93 -15.07 20.00
C ARG L 130 52.00 -13.55 19.97
N LYS L 131 52.39 -12.98 18.83
CA LYS L 131 52.45 -11.53 18.69
C LYS L 131 51.07 -10.91 18.81
N ALA L 132 50.06 -11.56 18.24
CA ALA L 132 48.67 -11.10 18.35
C ALA L 132 48.16 -11.05 19.79
N LYS L 133 48.48 -12.08 20.57
CA LYS L 133 48.12 -12.14 21.99
C LYS L 133 48.88 -11.08 22.80
N LEU L 134 50.11 -10.79 22.38
CA LEU L 134 50.94 -9.79 23.01
C LEU L 134 50.33 -8.40 22.86
N SER L 135 49.87 -8.08 21.66
CA SER L 135 49.20 -6.80 21.41
C SER L 135 47.92 -6.64 22.24
N ASP L 136 47.21 -7.75 22.46
CA ASP L 136 45.97 -7.74 23.25
C ASP L 136 46.23 -7.43 24.74
N LEU L 137 47.33 -7.98 25.26
CA LEU L 137 47.74 -7.74 26.65
C LEU L 137 48.32 -6.36 26.82
N GLN L 138 49.07 -5.91 25.81
CA GLN L 138 49.67 -4.59 25.83
C GLN L 138 48.59 -3.51 25.80
N GLY L 139 47.54 -3.77 25.03
CA GLY L 139 46.37 -2.90 24.94
C GLY L 139 45.58 -2.93 26.24
N SER L 140 45.61 -4.08 26.90
CA SER L 140 44.96 -4.26 28.19
C SER L 140 45.78 -3.56 29.28
N TYR L 141 47.06 -3.32 28.98
CA TYR L 141 47.98 -2.67 29.90
C TYR L 141 47.81 -1.15 29.93
N GLU L 142 47.68 -0.52 28.77
CA GLU L 142 47.45 0.92 28.71
C GLU L 142 46.11 1.31 29.33
N LYS L 143 45.12 0.43 29.18
CA LYS L 143 43.78 0.66 29.75
C LYS L 143 43.83 0.73 31.28
N LEU L 144 44.66 -0.14 31.90
CA LEU L 144 44.84 -0.13 33.36
C LEU L 144 45.56 1.13 33.86
N MET L 145 46.63 1.52 33.18
CA MET L 145 47.41 2.70 33.59
C MET L 145 46.87 4.00 32.98
N SER L 152 52.07 1.67 42.57
CA SER L 152 52.64 1.42 43.89
C SER L 152 52.07 0.16 44.54
N PHE L 153 52.75 -0.35 45.56
CA PHE L 153 52.27 -1.49 46.35
C PHE L 153 50.90 -1.20 46.98
N SER L 154 50.74 0.01 47.50
CA SER L 154 49.56 0.42 48.26
C SER L 154 48.28 0.53 47.42
N SER L 155 48.44 0.65 46.11
CA SER L 155 47.31 0.70 45.18
C SER L 155 46.39 -0.52 45.32
N PRO L 156 45.06 -0.29 45.27
CA PRO L 156 44.09 -1.40 45.34
C PRO L 156 44.06 -2.25 44.08
N ASP L 157 44.68 -1.74 43.01
CA ASP L 157 44.74 -2.45 41.73
C ASP L 157 46.08 -3.17 41.54
N PHE L 158 46.88 -3.27 42.60
CA PHE L 158 48.21 -3.89 42.55
C PHE L 158 48.18 -5.34 42.07
N GLY L 159 47.21 -6.12 42.58
CA GLY L 159 47.03 -7.52 42.17
C GLY L 159 46.79 -7.69 40.68
N HIS L 160 45.96 -6.81 40.11
CA HIS L 160 45.70 -6.75 38.67
C HIS L 160 47.01 -6.47 37.92
N TYR L 161 47.76 -5.49 38.42
CA TYR L 161 49.04 -5.08 37.84
C TYR L 161 50.07 -6.22 37.76
N LEU L 162 50.06 -7.10 38.76
CA LEU L 162 50.99 -8.23 38.77
C LEU L 162 50.68 -9.24 37.66
N VAL L 163 49.43 -9.73 37.62
CA VAL L 163 49.05 -10.74 36.63
C VAL L 163 49.18 -10.24 35.19
N LEU L 164 48.89 -8.97 34.97
CA LEU L 164 49.06 -8.35 33.65
C LEU L 164 50.52 -8.30 33.22
N THR L 165 51.38 -7.77 34.09
CA THR L 165 52.80 -7.60 33.76
C THR L 165 53.53 -8.92 33.53
N LYS L 166 53.25 -9.94 34.35
CA LYS L 166 53.95 -11.22 34.14
C LYS L 166 53.47 -11.85 32.85
N ALA L 167 52.16 -11.79 32.61
CA ALA L 167 51.57 -12.30 31.36
C ALA L 167 52.19 -11.62 30.14
N LEU L 168 52.48 -10.34 30.28
CA LEU L 168 53.11 -9.56 29.22
C LEU L 168 54.56 -10.00 29.01
N GLU L 169 55.25 -10.28 30.11
CA GLU L 169 56.62 -10.79 30.07
C GLU L 169 56.68 -12.18 29.48
N ARG L 170 55.75 -13.04 29.89
CA ARG L 170 55.67 -14.41 29.40
C ARG L 170 55.61 -14.43 27.87
N GLU L 171 54.69 -13.62 27.32
CA GLU L 171 54.50 -13.52 25.88
C GLU L 171 55.63 -12.80 25.17
N LYS L 172 56.21 -11.78 25.81
CA LYS L 172 57.33 -11.05 25.23
C LYS L 172 58.54 -11.97 25.07
N ASN L 173 58.76 -12.84 26.06
CA ASN L 173 59.87 -13.77 26.04
C ASN L 173 59.65 -14.85 25.00
N TYR L 174 58.42 -15.35 24.92
CA TYR L 174 58.03 -16.36 23.94
C TYR L 174 58.24 -15.81 22.53
N VAL L 175 57.84 -14.56 22.32
CA VAL L 175 58.10 -13.87 21.05
C VAL L 175 59.61 -13.73 20.78
N SER L 176 60.36 -13.27 21.77
CA SER L 176 61.80 -13.10 21.62
C SER L 176 62.50 -14.42 21.29
N TRP L 177 62.06 -15.51 21.94
CA TRP L 177 62.66 -16.82 21.73
C TRP L 177 62.31 -17.41 20.37
N LEU L 178 61.05 -17.28 19.98
CA LEU L 178 60.56 -17.77 18.69
C LEU L 178 61.25 -17.08 17.53
N GLU L 179 61.44 -15.75 17.65
CA GLU L 179 62.19 -14.99 16.64
C GLU L 179 63.63 -15.49 16.59
N SER L 180 64.22 -15.64 17.77
CA SER L 180 65.58 -16.13 17.92
C SER L 180 65.79 -17.51 17.28
N ILE L 181 64.82 -18.41 17.45
CA ILE L 181 64.91 -19.76 16.90
C ILE L 181 64.65 -19.80 15.39
N LEU L 182 63.74 -18.95 14.92
CA LEU L 182 63.45 -18.83 13.49
C LEU L 182 64.65 -18.38 12.69
N ALA L 183 65.52 -17.61 13.33
CA ALA L 183 66.75 -17.12 12.70
C ALA L 183 67.71 -18.28 12.43
N MET L 184 67.58 -19.32 13.24
CA MET L 184 68.44 -20.49 13.13
C MET L 184 67.91 -21.52 12.12
N ILE L 185 66.60 -21.51 11.87
CA ILE L 185 65.97 -22.47 10.96
C ILE L 185 66.18 -22.09 9.49
N ASP L 186 66.04 -20.80 9.19
CA ASP L 186 66.11 -20.29 7.82
C ASP L 186 67.53 -20.24 7.23
#